data_5X6D
#
_entry.id   5X6D
#
_cell.length_a   64.820
_cell.length_b   96.443
_cell.length_c   371.911
_cell.angle_alpha   90.00
_cell.angle_beta   90.00
_cell.angle_gamma   90.00
#
_symmetry.space_group_name_H-M   'P 21 21 21'
#
loop_
_entity.id
_entity.type
_entity.pdbx_description
1 polymer 'Listeriolysin positive regulatory factor A'
2 polymer 'DNA (29-MER)'
3 polymer 'DNA (28-MER)'
#
loop_
_entity_poly.entity_id
_entity_poly.type
_entity_poly.pdbx_seq_one_letter_code
_entity_poly.pdbx_strand_id
1 'polypeptide(L)'
;MNAQAEEFKKYLETNGIKPKQFHKKELIFNQWDPQEYCIFLYDGITKLTSISENGTIMNLQYYKGAFVIMSGFIDTETSV
GYYNLEVISEQATAYVIKINELKELLSKNLTHFFYVFQTLQKQVSYSLAKFNDFSINGKLGSICGQLLILTYVYGKETPD
GIKITLDNLTMQELGYSSGIAHSSAVSRIISKLKQEKVIVYKNSCFYVQNLDYLKRYAPKLDEWFYLACPATWGKLN
;
A,B,G,H,M,N
2 'polydeoxyribonucleotide'
;(DG)(DG)(DT)(DA)(DG)(DG)(DC)(DA)(DT)(DT)(DA)(DA)(DC)(DA)(DT)(DT)(DT)(DG)(DT)(DT)
(DA)(DA)(DC)(DG)(DA)(DC)(DG)(DA)(DT)
;
C,K,P
3 'polydeoxyribonucleotide'
;(DC)(DA)(DT)(DC)(DG)(DT)(DC)(DG)(DT)(DT)(DA)(DA)(DC)(DA)(DA)(DA)(DT)(DG)(DT)(DT)
(DA)(DA)(DT)(DG)(DC)(DC)(DT)(DA)(DC)
;
D,L,O
#
# COMPACT_ATOMS: atom_id res chain seq x y z
N ASN A 2 -56.79 -2.92 24.68
CA ASN A 2 -56.33 -4.03 23.85
C ASN A 2 -57.04 -5.34 24.23
N ALA A 3 -57.91 -5.80 23.32
CA ALA A 3 -58.75 -6.97 23.55
C ALA A 3 -57.99 -8.23 23.98
N GLN A 4 -56.71 -8.29 23.65
CA GLN A 4 -55.90 -9.46 23.95
C GLN A 4 -55.50 -9.46 25.42
N ALA A 5 -55.33 -8.26 25.96
CA ALA A 5 -54.94 -8.10 27.36
C ALA A 5 -56.14 -8.28 28.30
N GLU A 6 -57.31 -7.85 27.84
CA GLU A 6 -58.53 -7.99 28.62
C GLU A 6 -58.80 -9.47 28.95
N GLU A 7 -58.53 -10.35 28.00
CA GLU A 7 -58.67 -11.78 28.23
C GLU A 7 -57.62 -12.27 29.22
N PHE A 8 -56.45 -11.62 29.21
CA PHE A 8 -55.38 -12.01 30.11
C PHE A 8 -55.70 -11.60 31.54
N LYS A 9 -56.36 -10.46 31.71
CA LYS A 9 -56.76 -10.03 33.04
C LYS A 9 -57.76 -11.03 33.61
N LYS A 10 -58.79 -11.35 32.84
CA LYS A 10 -59.80 -12.31 33.27
C LYS A 10 -59.15 -13.66 33.53
N TYR A 11 -58.16 -14.00 32.72
CA TYR A 11 -57.44 -15.26 32.88
C TYR A 11 -56.73 -15.29 34.23
N LEU A 12 -56.10 -14.19 34.60
CA LEU A 12 -55.45 -14.04 35.90
C LEU A 12 -56.46 -14.21 37.03
N GLU A 13 -57.63 -13.60 36.87
CA GLU A 13 -58.63 -13.59 37.93
C GLU A 13 -59.24 -14.97 38.16
N THR A 14 -59.25 -15.82 37.13
CA THR A 14 -59.77 -17.18 37.26
C THR A 14 -58.77 -18.04 38.01
N ASN A 15 -57.60 -17.47 38.30
CA ASN A 15 -56.53 -18.19 38.97
C ASN A 15 -56.24 -17.61 40.35
N GLY A 16 -57.13 -16.74 40.83
CA GLY A 16 -56.98 -16.14 42.14
C GLY A 16 -55.94 -15.03 42.23
N ILE A 17 -55.48 -14.55 41.08
CA ILE A 17 -54.53 -13.44 41.05
C ILE A 17 -55.29 -12.11 41.20
N LYS A 18 -55.22 -11.52 42.39
CA LYS A 18 -55.94 -10.28 42.66
C LYS A 18 -55.13 -9.07 42.24
N PRO A 19 -55.81 -8.01 41.77
CA PRO A 19 -55.10 -6.77 41.40
C PRO A 19 -54.72 -5.98 42.63
N LYS A 20 -53.56 -5.34 42.59
CA LYS A 20 -53.13 -4.44 43.66
C LYS A 20 -53.10 -3.01 43.12
N GLN A 21 -53.43 -2.04 43.97
CA GLN A 21 -53.39 -0.66 43.55
C GLN A 21 -52.19 0.09 44.15
N PHE A 22 -51.40 0.67 43.25
CA PHE A 22 -50.22 1.45 43.62
C PHE A 22 -50.53 2.88 43.24
N HIS A 23 -49.85 3.85 43.83
CA HIS A 23 -50.24 5.19 43.46
C HIS A 23 -49.07 6.17 43.53
N LYS A 24 -49.22 7.33 42.89
CA LYS A 24 -48.11 8.16 42.39
C LYS A 24 -46.77 8.04 43.16
N LYS A 25 -45.68 8.04 42.40
CA LYS A 25 -44.30 7.76 42.86
C LYS A 25 -44.08 6.49 43.72
N GLU A 26 -45.08 5.62 43.84
CA GLU A 26 -44.82 4.30 44.44
C GLU A 26 -43.93 3.50 43.50
N LEU A 27 -43.21 2.52 44.06
CA LEU A 27 -42.32 1.67 43.28
C LEU A 27 -42.79 0.22 43.31
N ILE A 28 -43.45 -0.22 42.25
CA ILE A 28 -44.01 -1.56 42.17
C ILE A 28 -42.94 -2.64 42.34
N PHE A 29 -41.88 -2.54 41.55
CA PHE A 29 -40.65 -3.22 41.91
C PHE A 29 -39.54 -2.17 41.90
N ASN A 30 -38.36 -2.56 42.37
CA ASN A 30 -37.42 -1.61 42.94
C ASN A 30 -35.98 -1.91 42.50
N GLN A 31 -35.10 -0.92 42.60
CA GLN A 31 -33.71 -1.08 42.15
C GLN A 31 -32.90 -1.96 43.10
N TRP A 32 -33.34 -2.00 44.35
CA TRP A 32 -32.62 -2.74 45.37
C TRP A 32 -33.35 -4.06 45.64
N ASP A 33 -33.37 -4.87 44.58
CA ASP A 33 -34.06 -6.17 44.43
C ASP A 33 -35.31 -6.36 45.31
N PRO A 34 -36.50 -6.24 44.67
CA PRO A 34 -37.80 -6.70 45.14
C PRO A 34 -37.80 -8.21 45.43
N GLN A 35 -37.63 -9.19 44.53
CA GLN A 35 -38.05 -9.37 43.12
C GLN A 35 -37.90 -10.89 43.08
N GLU A 36 -38.24 -11.61 42.01
CA GLU A 36 -38.59 -11.08 40.71
C GLU A 36 -40.01 -11.45 40.32
N TYR A 37 -40.75 -10.46 39.82
CA TYR A 37 -42.12 -10.70 39.42
C TYR A 37 -42.31 -10.56 37.93
N CYS A 38 -43.46 -11.05 37.47
CA CYS A 38 -44.04 -10.63 36.22
C CYS A 38 -45.10 -9.59 36.59
N ILE A 39 -44.98 -8.39 36.03
CA ILE A 39 -45.90 -7.31 36.37
C ILE A 39 -46.87 -7.06 35.23
N PHE A 40 -48.13 -7.48 35.40
CA PHE A 40 -49.15 -7.16 34.41
C PHE A 40 -49.78 -5.81 34.75
N LEU A 41 -49.31 -4.77 34.08
CA LEU A 41 -49.86 -3.42 34.25
C LEU A 41 -51.14 -3.27 33.47
N TYR A 42 -52.28 -3.26 34.17
CA TYR A 42 -53.58 -3.23 33.50
C TYR A 42 -54.01 -1.82 33.13
N ASP A 43 -54.02 -0.92 34.12
CA ASP A 43 -54.38 0.47 33.89
C ASP A 43 -53.39 1.38 34.59
N GLY A 44 -53.12 2.53 33.98
CA GLY A 44 -52.21 3.49 34.58
C GLY A 44 -51.04 3.84 33.70
N ILE A 45 -50.18 4.73 34.19
CA ILE A 45 -48.98 5.14 33.49
C ILE A 45 -47.79 4.99 34.43
N THR A 46 -46.68 4.46 33.91
CA THR A 46 -45.54 4.18 34.76
C THR A 46 -44.22 4.34 33.99
N LYS A 47 -43.10 4.36 34.70
CA LYS A 47 -41.80 4.56 34.06
C LYS A 47 -40.73 3.65 34.64
N LEU A 48 -39.78 3.27 33.80
CA LEU A 48 -38.70 2.37 34.21
C LEU A 48 -37.42 3.17 34.37
N THR A 49 -36.87 3.18 35.58
CA THR A 49 -35.73 4.04 35.86
C THR A 49 -34.54 3.28 36.42
N SER A 50 -33.39 3.93 36.43
CA SER A 50 -32.18 3.37 37.02
C SER A 50 -31.35 4.47 37.68
N ILE A 51 -30.85 4.18 38.88
CA ILE A 51 -30.03 5.12 39.61
C ILE A 51 -28.60 4.61 39.72
N SER A 52 -27.65 5.39 39.21
CA SER A 52 -26.25 4.98 39.31
C SER A 52 -25.70 5.24 40.70
N GLU A 53 -24.48 4.77 40.94
CA GLU A 53 -23.86 4.80 42.25
C GLU A 53 -23.79 6.21 42.84
N ASN A 54 -23.60 7.21 41.97
CA ASN A 54 -23.48 8.59 42.44
C ASN A 54 -24.85 9.25 42.71
N GLY A 55 -25.67 9.33 41.67
CA GLY A 55 -26.98 9.96 41.80
C GLY A 55 -27.58 10.23 40.44
N THR A 56 -26.81 9.97 39.38
CA THR A 56 -27.31 10.16 38.03
C THR A 56 -28.47 9.22 37.77
N ILE A 57 -29.61 9.77 37.36
CA ILE A 57 -30.77 8.92 37.17
C ILE A 57 -31.03 8.78 35.69
N MET A 58 -31.87 7.81 35.32
CA MET A 58 -32.10 7.48 33.93
C MET A 58 -33.52 6.97 33.68
N ASN A 59 -34.25 7.66 32.81
CA ASN A 59 -35.58 7.19 32.38
C ASN A 59 -35.51 6.37 31.10
N LEU A 60 -35.41 5.05 31.26
CA LEU A 60 -35.28 4.13 30.13
C LEU A 60 -36.56 4.06 29.27
N GLN A 61 -37.70 3.73 29.88
CA GLN A 61 -38.89 3.59 29.04
C GLN A 61 -40.11 4.06 29.84
N TYR A 62 -41.14 4.54 29.15
CA TYR A 62 -42.46 4.70 29.76
C TYR A 62 -43.33 3.50 29.39
N TYR A 63 -43.95 2.87 30.38
CA TYR A 63 -44.96 1.84 30.13
C TYR A 63 -46.34 2.39 30.45
N LYS A 64 -47.34 1.99 29.66
CA LYS A 64 -48.67 2.57 29.78
C LYS A 64 -49.75 1.57 29.44
N GLY A 65 -50.96 1.80 29.95
CA GLY A 65 -52.13 1.00 29.63
C GLY A 65 -51.87 -0.47 29.91
N ALA A 66 -52.45 -1.32 29.08
CA ALA A 66 -52.22 -2.76 29.19
C ALA A 66 -50.86 -3.16 28.61
N PHE A 67 -49.90 -3.41 29.48
CA PHE A 67 -48.62 -3.99 29.07
C PHE A 67 -48.12 -4.90 30.18
N VAL A 68 -47.01 -5.59 29.95
CA VAL A 68 -46.50 -6.53 30.95
C VAL A 68 -44.99 -6.46 31.07
N ILE A 69 -44.53 -6.14 32.28
CA ILE A 69 -43.11 -6.02 32.56
C ILE A 69 -42.63 -7.28 33.23
N MET A 70 -41.34 -7.55 33.17
CA MET A 70 -40.78 -8.71 33.86
C MET A 70 -39.42 -8.36 34.45
N SER A 71 -39.21 -8.75 35.69
CA SER A 71 -37.94 -8.53 36.37
C SER A 71 -37.17 -9.83 36.51
N GLY A 72 -37.80 -10.93 36.11
CA GLY A 72 -37.19 -12.23 36.21
C GLY A 72 -37.26 -13.06 34.94
N PHE A 73 -36.22 -13.87 34.72
CA PHE A 73 -36.23 -14.81 33.63
C PHE A 73 -37.24 -15.92 33.92
N ILE A 74 -37.93 -16.38 32.87
CA ILE A 74 -38.94 -17.45 32.99
C ILE A 74 -38.48 -18.69 33.75
N ASP A 75 -37.36 -19.27 33.31
CA ASP A 75 -37.00 -20.62 33.71
C ASP A 75 -36.17 -20.64 34.99
N THR A 76 -35.25 -19.70 35.08
CA THR A 76 -34.30 -19.67 36.19
C THR A 76 -34.81 -18.82 37.32
N GLU A 77 -35.78 -17.95 37.02
CA GLU A 77 -36.39 -17.06 38.01
C GLU A 77 -35.36 -16.15 38.71
N THR A 78 -34.25 -15.87 38.03
CA THR A 78 -33.26 -14.94 38.55
C THR A 78 -33.59 -13.54 38.05
N SER A 79 -32.84 -12.54 38.49
CA SER A 79 -33.06 -11.17 38.04
C SER A 79 -32.63 -10.95 36.58
N VAL A 80 -33.36 -10.11 35.86
CA VAL A 80 -32.98 -9.71 34.50
C VAL A 80 -32.24 -8.38 34.54
N GLY A 81 -32.01 -7.87 35.75
CA GLY A 81 -31.40 -6.57 35.94
C GLY A 81 -32.13 -5.79 37.00
N TYR A 82 -31.45 -4.81 37.58
CA TYR A 82 -32.00 -4.04 38.70
C TYR A 82 -32.50 -2.66 38.26
N TYR A 83 -33.82 -2.51 38.12
CA TYR A 83 -34.40 -1.23 37.73
C TYR A 83 -35.59 -0.85 38.63
N ASN A 84 -36.22 0.30 38.34
CA ASN A 84 -37.38 0.73 39.10
C ASN A 84 -38.62 0.95 38.24
N LEU A 85 -39.72 0.33 38.64
CA LEU A 85 -41.00 0.64 38.03
C LEU A 85 -41.74 1.62 38.95
N GLU A 86 -41.82 2.86 38.51
CA GLU A 86 -42.36 3.93 39.34
C GLU A 86 -43.67 4.46 38.77
N VAL A 87 -44.69 4.54 39.61
CA VAL A 87 -45.97 5.06 39.17
C VAL A 87 -45.87 6.56 38.90
N ILE A 88 -46.20 6.94 37.68
CA ILE A 88 -46.13 8.33 37.29
C ILE A 88 -47.53 8.95 37.35
N SER A 89 -48.56 8.14 37.10
CA SER A 89 -49.91 8.67 36.93
C SER A 89 -50.78 8.79 38.21
N GLU A 90 -52.10 8.75 37.99
CA GLU A 90 -53.09 8.88 39.05
C GLU A 90 -52.82 7.90 40.18
N GLN A 91 -52.78 6.63 39.81
CA GLN A 91 -52.64 5.48 40.67
C GLN A 91 -52.97 4.24 39.86
N ALA A 92 -51.94 3.55 39.41
CA ALA A 92 -52.12 2.46 38.49
C ALA A 92 -52.73 1.22 39.14
N THR A 93 -53.37 0.42 38.29
CA THR A 93 -53.85 -0.91 38.67
C THR A 93 -52.96 -1.96 38.02
N ALA A 94 -52.38 -2.84 38.83
CA ALA A 94 -51.41 -3.81 38.33
C ALA A 94 -51.51 -5.18 38.99
N TYR A 95 -51.52 -6.23 38.17
CA TYR A 95 -51.47 -7.60 38.67
C TYR A 95 -50.02 -8.01 38.82
N VAL A 96 -49.61 -8.32 40.04
CA VAL A 96 -48.23 -8.70 40.29
C VAL A 96 -48.14 -10.21 40.53
N ILE A 97 -47.58 -10.91 39.56
CA ILE A 97 -47.52 -12.36 39.61
C ILE A 97 -46.15 -12.83 40.06
N LYS A 98 -46.13 -13.70 41.06
CA LYS A 98 -44.90 -14.36 41.45
C LYS A 98 -44.41 -15.15 40.24
N ILE A 99 -43.13 -15.05 39.94
CA ILE A 99 -42.62 -15.56 38.67
C ILE A 99 -42.69 -17.08 38.55
N ASN A 100 -42.53 -17.78 39.67
CA ASN A 100 -42.65 -19.25 39.69
C ASN A 100 -44.05 -19.66 39.25
N GLU A 101 -45.00 -18.79 39.54
CA GLU A 101 -46.41 -19.02 39.27
C GLU A 101 -46.73 -18.75 37.81
N LEU A 102 -45.86 -17.99 37.14
CA LEU A 102 -46.11 -17.60 35.75
C LEU A 102 -45.94 -18.72 34.74
N LYS A 103 -44.82 -19.43 34.83
CA LYS A 103 -44.51 -20.49 33.87
C LYS A 103 -45.65 -21.52 33.82
N GLU A 104 -46.14 -21.90 34.98
CA GLU A 104 -47.28 -22.81 35.08
C GLU A 104 -48.53 -22.21 34.44
N LEU A 105 -48.75 -20.93 34.72
CA LEU A 105 -49.95 -20.22 34.26
C LEU A 105 -50.00 -20.11 32.75
N LEU A 106 -48.83 -19.89 32.18
CA LEU A 106 -48.70 -19.76 30.74
C LEU A 106 -48.66 -21.11 30.06
N SER A 107 -48.13 -22.12 30.74
CA SER A 107 -47.99 -23.46 30.16
C SER A 107 -49.33 -24.08 29.81
N LYS A 108 -50.41 -23.60 30.42
CA LYS A 108 -51.69 -24.28 30.27
C LYS A 108 -52.72 -23.48 29.49
N ASN A 109 -52.32 -22.32 28.96
CA ASN A 109 -53.20 -21.57 28.07
C ASN A 109 -52.39 -20.85 27.00
N LEU A 110 -52.05 -21.58 25.95
CA LEU A 110 -51.14 -21.11 24.91
C LEU A 110 -51.52 -19.74 24.35
N THR A 111 -52.82 -19.44 24.33
CA THR A 111 -53.31 -18.15 23.83
C THR A 111 -52.66 -16.98 24.55
N HIS A 112 -52.70 -16.99 25.89
CA HIS A 112 -52.15 -15.89 26.68
C HIS A 112 -50.64 -15.92 26.69
N PHE A 113 -50.12 -17.09 26.38
CA PHE A 113 -48.71 -17.41 26.52
C PHE A 113 -48.01 -17.02 25.24
N PHE A 114 -48.78 -16.95 24.16
CA PHE A 114 -48.35 -16.28 22.94
C PHE A 114 -48.51 -14.78 23.10
N TYR A 115 -49.53 -14.37 23.86
CA TYR A 115 -49.77 -12.95 24.12
C TYR A 115 -48.58 -12.32 24.85
N VAL A 116 -48.06 -13.00 25.86
CA VAL A 116 -46.91 -12.48 26.60
C VAL A 116 -45.71 -12.37 25.66
N PHE A 117 -45.53 -13.39 24.84
CA PHE A 117 -44.44 -13.42 23.87
C PHE A 117 -44.52 -12.24 22.90
N GLN A 118 -45.74 -11.89 22.49
CA GLN A 118 -45.95 -10.77 21.59
C GLN A 118 -45.54 -9.44 22.22
N THR A 119 -45.95 -9.22 23.47
CA THR A 119 -45.61 -7.98 24.18
C THR A 119 -44.10 -7.87 24.30
N LEU A 120 -43.47 -8.99 24.58
CA LEU A 120 -42.04 -9.01 24.75
C LEU A 120 -41.33 -8.84 23.40
N GLN A 121 -41.99 -9.23 22.32
CA GLN A 121 -41.51 -8.92 20.97
C GLN A 121 -41.66 -7.43 20.65
N LYS A 122 -42.78 -6.83 21.05
CA LYS A 122 -43.00 -5.40 20.80
C LYS A 122 -41.99 -4.48 21.51
N GLN A 123 -41.33 -4.95 22.57
CA GLN A 123 -40.27 -4.17 23.22
C GLN A 123 -38.84 -4.44 22.82
N VAL A 124 -38.51 -5.69 22.50
CA VAL A 124 -37.21 -5.90 21.91
C VAL A 124 -37.12 -5.10 20.60
N SER A 125 -38.22 -5.04 19.86
CA SER A 125 -38.22 -4.26 18.63
C SER A 125 -38.12 -2.77 18.95
N TYR A 126 -38.96 -2.33 19.88
CA TYR A 126 -39.00 -0.94 20.37
C TYR A 126 -37.65 -0.43 20.86
N SER A 127 -37.02 -1.21 21.74
CA SER A 127 -35.76 -0.84 22.35
C SER A 127 -34.74 -0.55 21.26
N LEU A 128 -34.63 -1.48 20.30
CA LEU A 128 -33.68 -1.38 19.19
C LEU A 128 -33.90 -0.12 18.37
N ALA A 129 -35.14 0.08 17.92
CA ALA A 129 -35.49 1.27 17.17
C ALA A 129 -35.08 2.54 17.92
N LYS A 130 -35.34 2.56 19.22
CA LYS A 130 -35.04 3.74 20.05
C LYS A 130 -33.53 3.93 20.19
N PHE A 131 -32.81 2.83 20.36
CA PHE A 131 -31.36 2.85 20.39
C PHE A 131 -30.83 3.48 19.11
N ASN A 132 -31.47 3.17 17.99
CA ASN A 132 -31.04 3.67 16.70
C ASN A 132 -31.20 5.18 16.58
N ASP A 133 -32.45 5.64 16.63
CA ASP A 133 -32.74 7.06 16.41
C ASP A 133 -32.02 7.96 17.41
N PHE A 134 -31.82 7.45 18.61
CA PHE A 134 -31.15 8.22 19.65
C PHE A 134 -29.65 8.34 19.39
N SER A 135 -29.02 7.23 18.97
CA SER A 135 -27.57 7.20 18.74
C SER A 135 -27.12 8.13 17.62
N ILE A 136 -27.88 8.14 16.54
CA ILE A 136 -27.66 9.10 15.45
C ILE A 136 -28.29 10.44 15.83
N ASN A 137 -27.88 11.51 15.17
CA ASN A 137 -28.46 12.83 15.36
C ASN A 137 -28.41 13.37 16.81
N GLY A 138 -27.47 12.85 17.61
CA GLY A 138 -27.16 13.43 18.90
C GLY A 138 -28.30 13.51 19.89
N LYS A 139 -28.17 14.40 20.87
CA LYS A 139 -29.15 14.52 21.95
C LYS A 139 -30.33 15.41 21.58
N LEU A 140 -30.17 16.21 20.53
CA LEU A 140 -31.31 16.92 19.96
C LEU A 140 -32.26 15.87 19.39
N GLY A 141 -31.69 14.90 18.67
CA GLY A 141 -32.45 13.82 18.10
C GLY A 141 -33.08 12.96 19.17
N SER A 142 -32.41 12.87 20.32
CA SER A 142 -32.94 12.12 21.44
C SER A 142 -34.21 12.78 21.99
N ILE A 143 -34.15 14.10 22.19
CA ILE A 143 -35.32 14.82 22.69
C ILE A 143 -36.49 14.68 21.72
N CYS A 144 -36.23 14.90 20.43
CA CYS A 144 -37.26 14.80 19.40
C CYS A 144 -37.83 13.38 19.31
N GLY A 145 -36.95 12.39 19.40
CA GLY A 145 -37.36 11.00 19.41
C GLY A 145 -38.23 10.68 20.61
N GLN A 146 -37.90 11.29 21.75
CA GLN A 146 -38.68 11.10 22.96
C GLN A 146 -39.99 11.89 22.91
N LEU A 147 -39.95 13.07 22.33
CA LEU A 147 -41.16 13.85 22.09
C LEU A 147 -42.09 13.04 21.20
N LEU A 148 -41.51 12.43 20.18
CA LEU A 148 -42.26 11.64 19.19
C LEU A 148 -43.10 10.53 19.83
N ILE A 149 -42.46 9.68 20.62
CA ILE A 149 -43.17 8.57 21.25
C ILE A 149 -44.20 9.07 22.27
N LEU A 150 -43.95 10.23 22.85
CA LEU A 150 -44.89 10.80 23.83
C LEU A 150 -46.13 11.36 23.15
N THR A 151 -45.98 11.81 21.90
CA THR A 151 -47.14 12.28 21.16
C THR A 151 -48.02 11.10 20.75
N TYR A 152 -47.42 10.11 20.08
CA TYR A 152 -48.18 8.97 19.59
C TYR A 152 -48.98 8.28 20.68
N VAL A 153 -48.35 8.05 21.83
CA VAL A 153 -48.98 7.34 22.94
C VAL A 153 -49.92 8.22 23.76
N TYR A 154 -49.44 9.39 24.18
CA TYR A 154 -50.21 10.27 25.06
C TYR A 154 -50.69 11.56 24.38
N GLY A 155 -51.02 11.49 23.09
CA GLY A 155 -51.38 12.69 22.36
C GLY A 155 -52.82 12.76 21.88
N LYS A 156 -53.50 13.82 22.28
CA LYS A 156 -54.82 14.15 21.75
C LYS A 156 -54.57 15.18 20.67
N GLU A 157 -55.43 15.31 19.67
CA GLU A 157 -55.27 16.51 18.88
C GLU A 157 -56.37 17.51 19.20
N THR A 158 -55.91 18.73 19.41
CA THR A 158 -56.68 19.85 19.91
C THR A 158 -56.67 20.93 18.84
N PRO A 159 -57.57 21.93 18.94
CA PRO A 159 -57.45 23.07 18.03
C PRO A 159 -56.19 23.92 18.26
N ASP A 160 -55.21 23.37 18.97
CA ASP A 160 -53.95 24.06 19.22
C ASP A 160 -52.77 23.13 18.90
N GLY A 161 -52.99 22.22 17.96
CA GLY A 161 -52.00 21.22 17.60
C GLY A 161 -52.36 19.85 18.17
N ILE A 162 -51.40 19.19 18.78
CA ILE A 162 -51.69 17.98 19.55
C ILE A 162 -51.13 18.10 20.97
N LYS A 163 -51.93 17.72 21.95
CA LYS A 163 -51.52 17.84 23.34
C LYS A 163 -50.83 16.58 23.83
N ILE A 164 -49.60 16.72 24.31
CA ILE A 164 -48.96 15.64 25.05
C ILE A 164 -49.62 15.57 26.42
N THR A 165 -50.62 14.70 26.54
CA THR A 165 -51.48 14.67 27.70
C THR A 165 -50.91 13.84 28.83
N LEU A 166 -49.96 14.41 29.56
CA LEU A 166 -49.47 13.73 30.74
C LEU A 166 -49.70 14.67 31.93
N ASP A 167 -49.37 14.16 33.10
CA ASP A 167 -49.30 14.84 34.40
C ASP A 167 -48.77 16.27 34.50
N ASN A 168 -47.46 16.31 34.26
CA ASN A 168 -46.54 17.26 34.87
C ASN A 168 -45.12 16.99 34.34
N LEU A 169 -45.02 16.77 33.03
CA LEU A 169 -43.72 16.44 32.47
C LEU A 169 -42.78 17.63 32.64
N THR A 170 -42.10 17.67 33.77
CA THR A 170 -41.05 18.65 33.99
C THR A 170 -39.95 18.39 32.97
N MET A 171 -39.34 19.44 32.45
CA MET A 171 -38.23 19.29 31.51
C MET A 171 -37.05 18.63 32.19
N GLN A 172 -37.10 18.59 33.52
CA GLN A 172 -36.23 17.74 34.30
C GLN A 172 -36.42 16.28 33.86
N GLU A 173 -37.68 15.92 33.62
CA GLU A 173 -38.07 14.54 33.29
C GLU A 173 -37.89 14.17 31.81
N LEU A 174 -38.31 15.05 30.91
CA LEU A 174 -37.96 14.93 29.50
C LEU A 174 -36.49 14.59 29.43
N GLY A 175 -35.76 15.29 30.28
CA GLY A 175 -34.34 15.13 30.42
C GLY A 175 -33.86 13.74 30.74
N TYR A 176 -34.58 13.04 31.61
CA TYR A 176 -34.13 11.76 32.13
C TYR A 176 -34.36 10.68 31.06
N SER A 177 -35.18 10.98 30.05
CA SER A 177 -35.40 10.06 28.93
C SER A 177 -34.19 9.99 28.00
N SER A 178 -33.61 11.15 27.70
CA SER A 178 -32.27 11.20 27.12
C SER A 178 -31.28 11.09 28.27
N GLY A 179 -30.01 11.39 28.02
CA GLY A 179 -29.05 11.31 29.08
C GLY A 179 -28.63 12.65 29.61
N ILE A 180 -29.45 13.68 29.35
CA ILE A 180 -29.04 15.03 29.69
C ILE A 180 -29.40 15.25 31.15
N ALA A 181 -28.38 15.48 31.96
CA ALA A 181 -28.50 15.46 33.42
C ALA A 181 -28.80 16.82 34.05
N HIS A 182 -28.71 17.89 33.25
CA HIS A 182 -29.13 19.20 33.72
C HIS A 182 -30.23 19.85 32.91
N SER A 183 -31.18 20.41 33.65
CA SER A 183 -32.41 20.96 33.11
C SER A 183 -32.23 22.23 32.28
N SER A 184 -31.01 22.76 32.23
CA SER A 184 -30.73 23.94 31.41
C SER A 184 -30.38 23.55 29.97
N ALA A 185 -29.71 22.41 29.81
CA ALA A 185 -29.32 21.91 28.49
C ALA A 185 -30.55 21.53 27.67
N VAL A 186 -31.53 20.92 28.33
CA VAL A 186 -32.77 20.55 27.69
C VAL A 186 -33.60 21.78 27.35
N SER A 187 -33.50 22.79 28.21
CA SER A 187 -34.20 24.04 27.99
C SER A 187 -33.63 24.79 26.79
N ARG A 188 -32.37 24.54 26.45
CA ARG A 188 -31.74 25.16 25.30
C ARG A 188 -32.25 24.53 24.01
N ILE A 189 -32.79 23.33 24.15
CA ILE A 189 -33.32 22.59 23.01
C ILE A 189 -34.76 23.00 22.70
N ILE A 190 -35.69 22.66 23.57
CA ILE A 190 -37.11 23.04 23.41
C ILE A 190 -37.27 24.51 23.02
N SER A 191 -36.41 25.36 23.58
CA SER A 191 -36.24 26.73 23.11
C SER A 191 -36.16 26.83 21.60
N LYS A 192 -35.21 26.08 21.06
CA LYS A 192 -34.84 26.12 19.65
C LYS A 192 -35.91 25.45 18.77
N LEU A 193 -36.90 24.83 19.41
CA LEU A 193 -37.94 24.13 18.67
C LEU A 193 -39.28 24.89 18.60
N LYS A 194 -39.39 26.02 19.29
CA LYS A 194 -40.54 26.90 19.08
C LYS A 194 -40.14 27.96 18.08
N GLN A 195 -38.86 28.32 18.12
CA GLN A 195 -38.27 29.27 17.20
C GLN A 195 -38.29 28.70 15.80
N GLU A 196 -38.36 27.37 15.70
CA GLU A 196 -38.50 26.69 14.42
C GLU A 196 -39.93 26.20 14.18
N LYS A 197 -40.83 26.56 15.09
CA LYS A 197 -42.25 26.25 14.96
C LYS A 197 -42.51 24.74 14.85
N VAL A 198 -42.49 24.05 15.98
CA VAL A 198 -42.80 22.63 15.99
C VAL A 198 -43.48 22.25 17.31
N ILE A 199 -43.18 22.99 18.37
CA ILE A 199 -43.78 22.75 19.67
C ILE A 199 -44.08 24.07 20.37
N VAL A 200 -45.15 24.09 21.16
CA VAL A 200 -45.46 25.27 21.97
C VAL A 200 -45.80 24.83 23.39
N TYR A 201 -45.27 25.56 24.36
CA TYR A 201 -45.42 25.19 25.76
C TYR A 201 -46.50 26.05 26.43
N LYS A 202 -47.63 25.42 26.76
CA LYS A 202 -48.78 26.12 27.32
C LYS A 202 -49.50 25.25 28.36
N ASN A 203 -50.17 25.88 29.32
CA ASN A 203 -50.95 25.16 30.34
C ASN A 203 -50.06 24.18 31.13
N SER A 204 -48.79 24.52 31.25
CA SER A 204 -47.77 23.63 31.83
C SER A 204 -47.76 22.28 31.12
N CYS A 205 -48.05 22.31 29.81
CA CYS A 205 -48.12 21.09 28.99
C CYS A 205 -47.51 21.33 27.61
N PHE A 206 -47.06 20.25 26.98
CA PHE A 206 -46.43 20.34 25.66
C PHE A 206 -47.41 20.12 24.52
N TYR A 207 -47.30 20.95 23.48
CA TYR A 207 -48.09 20.79 22.28
C TYR A 207 -47.15 20.61 21.08
N VAL A 208 -47.55 19.79 20.12
CA VAL A 208 -46.77 19.62 18.90
C VAL A 208 -47.65 19.95 17.71
N GLN A 209 -47.15 20.70 16.74
CA GLN A 209 -48.06 21.03 15.65
C GLN A 209 -47.44 20.76 14.29
N ASN A 210 -46.12 20.56 14.24
CA ASN A 210 -45.46 20.03 13.04
C ASN A 210 -44.77 18.71 13.36
N LEU A 211 -45.57 17.69 13.64
CA LEU A 211 -45.05 16.36 13.99
C LEU A 211 -44.13 15.78 12.91
N ASP A 212 -44.32 16.23 11.67
CA ASP A 212 -43.47 15.80 10.57
C ASP A 212 -41.99 16.09 10.83
N TYR A 213 -41.70 17.20 11.50
CA TYR A 213 -40.31 17.54 11.85
C TYR A 213 -39.71 16.50 12.79
N LEU A 214 -40.52 15.99 13.72
CA LEU A 214 -40.08 14.96 14.65
C LEU A 214 -39.78 13.64 13.94
N LYS A 215 -40.65 13.27 12.99
CA LYS A 215 -40.55 11.99 12.29
C LYS A 215 -39.24 11.84 11.50
N ARG A 216 -38.60 12.95 11.18
CA ARG A 216 -37.35 12.88 10.45
C ARG A 216 -36.16 12.64 11.37
N TYR A 217 -36.23 13.17 12.59
CA TYR A 217 -35.15 12.93 13.54
C TYR A 217 -35.25 11.54 14.16
N ALA A 218 -36.47 11.01 14.25
CA ALA A 218 -36.65 9.64 14.73
C ALA A 218 -37.49 8.81 13.77
N PRO A 219 -36.90 8.40 12.64
CA PRO A 219 -37.62 7.70 11.57
C PRO A 219 -37.93 6.24 11.90
N LYS A 220 -36.99 5.55 12.53
CA LYS A 220 -37.23 4.16 12.86
C LYS A 220 -38.14 3.97 14.07
N LEU A 221 -38.40 5.06 14.77
CA LEU A 221 -39.41 5.07 15.82
C LEU A 221 -40.78 5.22 15.19
N ASP A 222 -40.88 6.16 14.25
CA ASP A 222 -42.11 6.36 13.52
C ASP A 222 -42.45 5.12 12.71
N GLU A 223 -41.42 4.43 12.25
CA GLU A 223 -41.59 3.21 11.47
C GLU A 223 -42.06 2.09 12.38
N TRP A 224 -41.58 2.13 13.62
CA TRP A 224 -41.88 1.10 14.61
C TRP A 224 -43.36 1.11 15.03
N PHE A 225 -43.92 2.30 15.23
CA PHE A 225 -45.32 2.38 15.65
C PHE A 225 -46.21 1.78 14.59
N TYR A 226 -46.17 2.33 13.38
CA TYR A 226 -46.94 1.82 12.26
C TYR A 226 -46.83 0.30 12.10
N LEU A 227 -45.62 -0.21 12.30
CA LEU A 227 -45.37 -1.64 12.19
C LEU A 227 -45.88 -2.41 13.40
N ALA A 228 -45.55 -1.94 14.60
CA ALA A 228 -45.93 -2.64 15.84
C ALA A 228 -47.28 -2.20 16.40
N CYS A 229 -47.51 -0.90 16.50
CA CYS A 229 -48.75 -0.37 17.07
C CYS A 229 -49.49 0.49 16.07
N PRO A 230 -50.14 -0.15 15.09
CA PRO A 230 -50.78 0.56 13.98
C PRO A 230 -51.95 1.45 14.40
N ALA A 231 -52.80 0.97 15.30
CA ALA A 231 -53.97 1.75 15.73
C ALA A 231 -53.54 3.06 16.37
N THR A 232 -52.45 3.01 17.14
CA THR A 232 -51.88 4.19 17.75
C THR A 232 -51.32 5.14 16.69
N TRP A 233 -50.63 4.58 15.72
CA TRP A 233 -50.04 5.35 14.63
C TRP A 233 -51.10 6.00 13.76
N GLY A 234 -52.14 5.23 13.44
CA GLY A 234 -53.19 5.67 12.55
C GLY A 234 -53.96 6.89 13.01
N LYS A 235 -53.97 7.17 14.31
CA LYS A 235 -54.75 8.28 14.84
C LYS A 235 -54.08 9.62 14.57
N LEU A 236 -52.80 9.58 14.24
CA LEU A 236 -52.07 10.79 13.90
C LEU A 236 -51.58 10.77 12.45
N ASN A 237 -52.10 9.84 11.66
CA ASN A 237 -51.76 9.75 10.23
C ASN A 237 -52.95 9.33 9.37
N ASN B 2 -25.58 -23.45 24.61
CA ASN B 2 -25.26 -24.51 25.54
C ASN B 2 -26.23 -25.69 25.36
N ALA B 3 -26.51 -26.39 26.46
CA ALA B 3 -27.35 -27.59 26.42
C ALA B 3 -28.73 -27.31 25.83
N GLN B 4 -29.37 -26.25 26.32
CA GLN B 4 -30.69 -25.88 25.83
C GLN B 4 -30.65 -25.53 24.35
N ALA B 5 -29.56 -24.88 23.94
CA ALA B 5 -29.40 -24.50 22.54
C ALA B 5 -29.30 -25.74 21.67
N GLU B 6 -28.58 -26.75 22.17
CA GLU B 6 -28.37 -27.98 21.43
C GLU B 6 -29.64 -28.78 21.17
N GLU B 7 -30.55 -28.83 22.14
CA GLU B 7 -31.77 -29.60 21.92
C GLU B 7 -32.78 -28.82 21.07
N PHE B 8 -32.72 -27.50 21.09
CA PHE B 8 -33.52 -26.72 20.16
C PHE B 8 -33.10 -27.02 18.74
N LYS B 9 -31.79 -26.89 18.52
CA LYS B 9 -31.06 -27.48 17.39
C LYS B 9 -31.68 -28.79 16.89
N LYS B 10 -31.75 -29.80 17.75
CA LYS B 10 -32.26 -31.14 17.39
C LYS B 10 -33.78 -31.22 17.60
N TYR B 11 -34.40 -30.09 17.89
CA TYR B 11 -35.86 -30.00 17.81
C TYR B 11 -36.23 -29.69 16.37
N LEU B 12 -35.52 -28.72 15.80
CA LEU B 12 -35.78 -28.27 14.44
C LEU B 12 -35.52 -29.33 13.39
N GLU B 13 -34.68 -30.30 13.71
CA GLU B 13 -34.23 -31.24 12.72
C GLU B 13 -35.13 -32.45 12.59
N THR B 14 -35.94 -32.71 13.61
CA THR B 14 -37.02 -33.67 13.45
C THR B 14 -38.13 -33.06 12.58
N ASN B 15 -38.18 -31.73 12.52
CA ASN B 15 -39.32 -31.05 11.93
C ASN B 15 -39.11 -30.50 10.52
N GLY B 16 -38.08 -30.97 9.83
CA GLY B 16 -37.89 -30.64 8.42
C GLY B 16 -37.27 -29.30 8.07
N ILE B 17 -36.73 -28.60 9.06
CA ILE B 17 -35.99 -27.36 8.82
C ILE B 17 -34.58 -27.55 9.42
N LYS B 18 -33.57 -27.28 8.59
CA LYS B 18 -32.25 -27.89 8.76
C LYS B 18 -31.18 -27.02 8.03
N PRO B 19 -29.94 -26.88 8.58
CA PRO B 19 -29.31 -25.54 8.46
C PRO B 19 -28.92 -25.10 7.06
N LYS B 20 -28.43 -23.86 7.01
CA LYS B 20 -27.91 -23.26 5.80
C LYS B 20 -26.60 -22.56 6.13
N GLN B 21 -25.57 -22.83 5.33
CA GLN B 21 -24.30 -22.15 5.51
C GLN B 21 -24.43 -20.73 5.01
N PHE B 22 -23.99 -19.77 5.83
CA PHE B 22 -23.86 -18.39 5.37
C PHE B 22 -22.40 -18.00 5.52
N HIS B 23 -21.90 -17.25 4.57
CA HIS B 23 -20.49 -16.87 4.58
C HIS B 23 -20.35 -15.37 4.80
N LYS B 24 -19.12 -14.93 5.03
CA LYS B 24 -18.86 -13.52 5.36
C LYS B 24 -19.51 -12.55 4.39
N LYS B 25 -20.15 -11.52 4.95
CA LYS B 25 -20.82 -10.43 4.24
C LYS B 25 -22.13 -10.82 3.58
N GLU B 26 -22.57 -12.06 3.76
CA GLU B 26 -23.89 -12.42 3.25
C GLU B 26 -24.94 -11.87 4.20
N LEU B 27 -26.14 -11.61 3.69
CA LEU B 27 -27.21 -11.10 4.52
C LEU B 27 -28.32 -12.15 4.65
N ILE B 28 -28.45 -12.71 5.85
CA ILE B 28 -29.50 -13.67 6.15
C ILE B 28 -30.87 -13.05 5.90
N PHE B 29 -30.97 -11.75 6.15
CA PHE B 29 -32.09 -10.94 5.69
C PHE B 29 -31.65 -9.49 5.63
N ASN B 30 -32.36 -8.67 4.86
CA ASN B 30 -31.94 -7.28 4.67
C ASN B 30 -33.11 -6.30 4.78
N GLN B 31 -32.78 -5.01 4.72
CA GLN B 31 -33.76 -3.96 4.99
C GLN B 31 -34.48 -3.42 3.75
N TRP B 32 -34.19 -4.01 2.59
CA TRP B 32 -34.82 -3.55 1.35
C TRP B 32 -35.75 -4.62 0.82
N ASP B 33 -35.39 -5.87 1.09
CA ASP B 33 -36.21 -7.02 0.71
C ASP B 33 -36.62 -7.75 1.97
N PRO B 34 -37.72 -7.27 2.61
CA PRO B 34 -38.13 -7.78 3.92
C PRO B 34 -38.84 -9.12 3.84
N GLN B 35 -38.17 -10.17 4.29
CA GLN B 35 -38.81 -11.45 4.52
C GLN B 35 -38.82 -11.66 6.02
N GLU B 36 -39.91 -12.21 6.55
CA GLU B 36 -40.10 -12.27 7.99
C GLU B 36 -39.72 -13.63 8.55
N TYR B 37 -38.54 -13.72 9.15
CA TYR B 37 -38.10 -15.00 9.69
C TYR B 37 -37.93 -14.99 11.21
N CYS B 38 -37.80 -16.19 11.75
CA CYS B 38 -37.19 -16.42 13.04
C CYS B 38 -35.84 -17.11 12.80
N ILE B 39 -34.76 -16.37 13.00
CA ILE B 39 -33.43 -16.92 12.74
C ILE B 39 -32.81 -17.52 14.00
N PHE B 40 -32.64 -18.83 13.99
CA PHE B 40 -31.85 -19.48 15.02
C PHE B 40 -30.43 -19.64 14.52
N LEU B 41 -29.59 -18.68 14.89
CA LEU B 41 -28.18 -18.71 14.49
C LEU B 41 -27.41 -19.65 15.41
N TYR B 42 -27.09 -20.85 14.89
CA TYR B 42 -26.49 -21.92 15.68
C TYR B 42 -25.02 -21.69 16.01
N ASP B 43 -24.26 -21.24 15.02
CA ASP B 43 -22.84 -20.98 15.24
C ASP B 43 -22.34 -19.91 14.29
N GLY B 44 -21.42 -19.09 14.78
CA GLY B 44 -20.86 -18.01 13.98
C GLY B 44 -21.02 -16.65 14.62
N ILE B 45 -20.74 -15.61 13.84
CA ILE B 45 -20.82 -14.23 14.31
C ILE B 45 -21.47 -13.35 13.27
N THR B 46 -22.48 -12.59 13.69
CA THR B 46 -23.13 -11.63 12.80
C THR B 46 -23.28 -10.26 13.47
N LYS B 47 -23.83 -9.31 12.72
CA LYS B 47 -24.12 -7.98 13.27
C LYS B 47 -25.42 -7.45 12.70
N LEU B 48 -26.18 -6.77 13.55
CA LEU B 48 -27.45 -6.20 13.13
C LEU B 48 -27.22 -4.75 12.73
N THR B 49 -27.46 -4.42 11.46
CA THR B 49 -27.17 -3.07 10.98
C THR B 49 -28.39 -2.38 10.41
N SER B 50 -28.23 -1.11 10.08
CA SER B 50 -29.28 -0.34 9.42
C SER B 50 -28.80 0.87 8.64
N ILE B 51 -29.23 0.94 7.39
CA ILE B 51 -28.95 2.08 6.56
C ILE B 51 -30.16 3.01 6.53
N SER B 52 -29.90 4.31 6.59
CA SER B 52 -30.96 5.29 6.48
C SER B 52 -31.08 5.86 5.07
N GLU B 53 -32.14 6.63 4.84
CA GLU B 53 -32.36 7.36 3.58
C GLU B 53 -31.31 8.47 3.46
N ASN B 54 -30.04 8.10 3.65
CA ASN B 54 -28.99 9.08 3.90
C ASN B 54 -27.63 8.39 3.90
N GLY B 55 -27.66 7.07 4.00
CA GLY B 55 -26.46 6.27 3.92
C GLY B 55 -25.79 6.10 5.26
N THR B 56 -26.32 6.79 6.28
CA THR B 56 -25.78 6.68 7.63
C THR B 56 -26.00 5.27 8.16
N ILE B 57 -24.90 4.59 8.42
CA ILE B 57 -24.90 3.21 8.88
C ILE B 57 -25.03 3.18 10.42
N MET B 58 -25.55 2.09 10.96
CA MET B 58 -25.60 1.92 12.42
C MET B 58 -25.51 0.43 12.80
N ASN B 59 -24.44 0.08 13.52
CA ASN B 59 -24.34 -1.26 14.08
C ASN B 59 -25.09 -1.35 15.39
N LEU B 60 -26.35 -1.75 15.33
CA LEU B 60 -27.15 -1.90 16.54
C LEU B 60 -26.51 -2.84 17.59
N GLN B 61 -26.09 -4.02 17.15
CA GLN B 61 -25.76 -5.19 17.99
C GLN B 61 -25.11 -6.36 17.27
N TYR B 62 -24.24 -7.04 18.02
CA TYR B 62 -23.57 -8.23 17.57
C TYR B 62 -24.24 -9.48 18.13
N TYR B 63 -24.64 -10.37 17.24
CA TYR B 63 -25.14 -11.67 17.67
C TYR B 63 -24.09 -12.73 17.43
N LYS B 64 -23.90 -13.61 18.42
CA LYS B 64 -22.81 -14.59 18.40
C LYS B 64 -23.29 -15.94 18.96
N GLY B 65 -22.59 -17.01 18.60
CA GLY B 65 -22.84 -18.32 19.18
C GLY B 65 -24.27 -18.76 18.91
N ALA B 66 -24.88 -19.44 19.86
CA ALA B 66 -26.29 -19.79 19.73
C ALA B 66 -27.19 -18.65 20.22
N PHE B 67 -27.98 -18.10 19.30
CA PHE B 67 -28.92 -17.04 19.68
C PHE B 67 -30.08 -16.96 18.68
N VAL B 68 -31.12 -16.21 19.04
CA VAL B 68 -32.31 -16.09 18.20
C VAL B 68 -32.60 -14.66 17.77
N ILE B 69 -32.78 -14.44 16.47
CA ILE B 69 -33.11 -13.12 15.95
C ILE B 69 -34.43 -13.16 15.17
N MET B 70 -35.38 -12.34 15.60
CA MET B 70 -36.69 -12.30 14.96
C MET B 70 -36.78 -11.15 13.98
N SER B 71 -37.39 -11.40 12.82
CA SER B 71 -37.69 -10.35 11.88
C SER B 71 -39.20 -10.22 11.71
N GLY B 72 -39.93 -11.17 12.28
CA GLY B 72 -41.37 -11.12 12.27
C GLY B 72 -42.01 -11.38 13.62
N PHE B 73 -43.16 -10.76 13.88
CA PHE B 73 -43.99 -11.11 15.02
C PHE B 73 -44.71 -12.42 14.71
N ILE B 74 -44.88 -13.27 15.71
CA ILE B 74 -45.55 -14.54 15.50
C ILE B 74 -47.05 -14.38 15.20
N ASP B 75 -47.75 -13.63 16.04
CA ASP B 75 -49.21 -13.64 16.00
C ASP B 75 -49.77 -12.76 14.89
N THR B 76 -48.96 -11.84 14.36
CA THR B 76 -49.42 -11.02 13.24
C THR B 76 -48.67 -11.37 11.95
N GLU B 77 -47.51 -12.03 12.08
CA GLU B 77 -46.71 -12.45 10.94
C GLU B 77 -46.32 -11.31 10.02
N THR B 78 -46.14 -10.13 10.60
CA THR B 78 -45.66 -8.97 9.85
C THR B 78 -44.26 -8.60 10.34
N SER B 79 -43.60 -7.68 9.62
CA SER B 79 -42.25 -7.26 9.95
C SER B 79 -42.18 -6.54 11.31
N VAL B 80 -41.02 -6.60 11.96
CA VAL B 80 -40.80 -5.92 13.23
C VAL B 80 -39.95 -4.67 13.04
N GLY B 81 -39.51 -4.46 11.80
CA GLY B 81 -38.58 -3.39 11.51
C GLY B 81 -37.61 -3.86 10.45
N TYR B 82 -37.14 -2.93 9.64
CA TYR B 82 -36.27 -3.29 8.52
C TYR B 82 -34.80 -3.19 8.91
N TYR B 83 -34.18 -4.35 9.10
CA TYR B 83 -32.76 -4.42 9.44
C TYR B 83 -31.97 -5.42 8.59
N ASN B 84 -30.68 -5.51 8.87
CA ASN B 84 -29.76 -6.36 8.14
C ASN B 84 -29.06 -7.31 9.11
N LEU B 85 -29.11 -8.61 8.87
CA LEU B 85 -28.27 -9.51 9.65
C LEU B 85 -27.06 -9.90 8.81
N GLU B 86 -25.99 -9.11 8.91
CA GLU B 86 -24.78 -9.34 8.15
C GLU B 86 -23.81 -10.28 8.86
N VAL B 87 -23.35 -11.29 8.12
CA VAL B 87 -22.37 -12.23 8.63
C VAL B 87 -21.01 -11.55 8.76
N ILE B 88 -20.32 -11.81 9.87
CA ILE B 88 -19.00 -11.24 10.12
C ILE B 88 -17.91 -12.31 10.10
N SER B 89 -18.21 -13.45 10.71
CA SER B 89 -17.28 -14.57 10.76
C SER B 89 -17.06 -15.14 9.36
N GLU B 90 -16.07 -16.01 9.20
CA GLU B 90 -15.79 -16.60 7.89
C GLU B 90 -16.99 -17.40 7.41
N GLN B 91 -17.62 -18.11 8.34
CA GLN B 91 -18.79 -18.92 8.05
C GLN B 91 -19.78 -18.86 9.21
N ALA B 92 -21.01 -19.27 8.96
CA ALA B 92 -22.03 -19.30 9.99
C ALA B 92 -23.19 -20.18 9.59
N THR B 93 -23.61 -21.05 10.51
CA THR B 93 -24.77 -21.90 10.29
C THR B 93 -25.99 -21.27 10.98
N ALA B 94 -27.10 -21.21 10.25
CA ALA B 94 -28.33 -20.62 10.77
C ALA B 94 -29.56 -21.37 10.33
N TYR B 95 -30.51 -21.50 11.24
CA TYR B 95 -31.75 -22.19 10.95
C TYR B 95 -32.87 -21.22 10.61
N VAL B 96 -33.07 -21.03 9.31
CA VAL B 96 -34.04 -20.03 8.87
C VAL B 96 -35.46 -20.58 8.91
N ILE B 97 -36.09 -20.44 10.08
CA ILE B 97 -37.50 -20.72 10.23
C ILE B 97 -38.32 -19.56 9.70
N LYS B 98 -39.34 -19.85 8.92
CA LYS B 98 -40.15 -18.81 8.35
C LYS B 98 -41.36 -18.59 9.28
N ILE B 99 -41.84 -17.35 9.38
CA ILE B 99 -42.63 -16.91 10.54
C ILE B 99 -44.01 -17.60 10.73
N ASN B 100 -44.74 -17.91 9.66
CA ASN B 100 -46.04 -18.54 9.88
C ASN B 100 -45.91 -20.05 10.08
N GLU B 101 -44.69 -20.48 10.35
CA GLU B 101 -44.39 -21.86 10.71
C GLU B 101 -44.17 -21.95 12.22
N LEU B 102 -43.70 -20.84 12.79
CA LEU B 102 -43.12 -20.81 14.12
C LEU B 102 -44.11 -21.07 15.24
N LYS B 103 -45.35 -20.61 15.08
CA LYS B 103 -46.36 -20.82 16.10
C LYS B 103 -46.63 -22.30 16.32
N GLU B 104 -46.89 -23.04 15.24
CA GLU B 104 -47.18 -24.47 15.34
C GLU B 104 -46.00 -25.25 15.92
N LEU B 105 -44.78 -24.77 15.65
CA LEU B 105 -43.58 -25.44 16.14
C LEU B 105 -43.43 -25.30 17.65
N LEU B 106 -43.62 -24.07 18.13
CA LEU B 106 -43.47 -23.75 19.55
C LEU B 106 -44.66 -24.26 20.38
N SER B 107 -45.78 -24.52 19.72
CA SER B 107 -46.98 -24.98 20.38
C SER B 107 -46.87 -26.43 20.86
N LYS B 108 -46.19 -27.26 20.08
CA LYS B 108 -46.16 -28.70 20.37
C LYS B 108 -45.01 -29.11 21.29
N ASN B 109 -44.13 -28.16 21.62
CA ASN B 109 -43.12 -28.39 22.65
C ASN B 109 -42.87 -27.13 23.47
N LEU B 110 -43.08 -27.22 24.78
CA LEU B 110 -43.01 -26.04 25.63
C LEU B 110 -41.60 -25.74 26.11
N THR B 111 -40.79 -26.79 26.25
CA THR B 111 -39.41 -26.63 26.69
C THR B 111 -38.64 -25.67 25.78
N HIS B 112 -39.02 -25.64 24.51
CA HIS B 112 -38.25 -24.91 23.51
C HIS B 112 -38.82 -23.54 23.20
N PHE B 113 -40.07 -23.32 23.54
CA PHE B 113 -40.60 -21.97 23.50
C PHE B 113 -39.90 -21.21 24.63
N PHE B 114 -39.87 -21.82 25.81
CA PHE B 114 -39.26 -21.22 26.99
C PHE B 114 -37.81 -20.86 26.69
N TYR B 115 -37.16 -21.64 25.83
CA TYR B 115 -35.82 -21.30 25.38
C TYR B 115 -35.81 -19.98 24.62
N VAL B 116 -36.65 -19.88 23.61
CA VAL B 116 -36.66 -18.67 22.79
C VAL B 116 -37.16 -17.50 23.62
N PHE B 117 -38.12 -17.79 24.49
CA PHE B 117 -38.62 -16.79 25.43
C PHE B 117 -37.47 -16.30 26.31
N GLN B 118 -36.66 -17.23 26.80
CA GLN B 118 -35.50 -16.89 27.62
C GLN B 118 -34.55 -15.95 26.87
N THR B 119 -34.27 -16.27 25.61
CA THR B 119 -33.31 -15.48 24.86
C THR B 119 -33.85 -14.08 24.57
N LEU B 120 -35.13 -14.00 24.21
CA LEU B 120 -35.74 -12.70 23.95
C LEU B 120 -35.84 -11.88 25.25
N GLN B 121 -35.89 -12.58 26.38
CA GLN B 121 -35.77 -11.91 27.67
C GLN B 121 -34.35 -11.35 27.83
N LYS B 122 -33.34 -12.19 27.59
CA LYS B 122 -31.94 -11.76 27.67
C LYS B 122 -31.65 -10.54 26.79
N GLN B 123 -32.48 -10.37 25.76
CA GLN B 123 -32.33 -9.42 24.67
C GLN B 123 -32.95 -8.10 25.11
N VAL B 124 -34.18 -8.17 25.61
CA VAL B 124 -34.84 -7.02 26.21
C VAL B 124 -33.99 -6.35 27.31
N SER B 125 -33.40 -7.17 28.17
CA SER B 125 -32.54 -6.67 29.24
C SER B 125 -31.20 -6.18 28.71
N TYR B 126 -30.77 -6.71 27.58
CA TYR B 126 -29.51 -6.29 26.97
C TYR B 126 -29.64 -4.91 26.37
N SER B 127 -30.72 -4.69 25.62
CA SER B 127 -30.93 -3.43 24.97
C SER B 127 -31.06 -2.31 26.00
N LEU B 128 -31.91 -2.54 27.01
CA LEU B 128 -32.14 -1.56 28.06
C LEU B 128 -30.84 -1.18 28.75
N ALA B 129 -30.02 -2.19 29.03
CA ALA B 129 -28.73 -1.95 29.66
C ALA B 129 -27.86 -1.10 28.75
N LYS B 130 -27.73 -1.55 27.50
CA LYS B 130 -26.92 -0.85 26.50
C LYS B 130 -27.39 0.60 26.36
N PHE B 131 -28.71 0.77 26.26
CA PHE B 131 -29.29 2.11 26.15
C PHE B 131 -28.93 2.99 27.34
N ASN B 132 -28.99 2.41 28.53
CA ASN B 132 -28.69 3.15 29.76
C ASN B 132 -27.26 3.69 29.77
N ASP B 133 -26.28 2.81 29.63
CA ASP B 133 -24.88 3.22 29.74
C ASP B 133 -24.41 4.11 28.60
N PHE B 134 -24.99 3.93 27.42
CA PHE B 134 -24.62 4.74 26.27
C PHE B 134 -25.11 6.18 26.41
N SER B 135 -26.32 6.33 26.96
CA SER B 135 -27.01 7.62 26.96
C SER B 135 -26.52 8.63 28.01
N ILE B 136 -25.91 8.15 29.08
CA ILE B 136 -25.53 9.04 30.19
C ILE B 136 -24.35 9.96 29.85
N ASN B 137 -23.17 9.38 29.63
CA ASN B 137 -22.00 10.21 29.37
C ASN B 137 -21.41 10.00 27.97
N GLY B 138 -22.01 10.70 27.01
CA GLY B 138 -21.41 10.92 25.70
C GLY B 138 -21.03 9.72 24.84
N LYS B 139 -20.32 10.02 23.76
CA LYS B 139 -19.84 8.99 22.85
C LYS B 139 -18.71 8.19 23.50
N LEU B 140 -17.94 8.84 24.37
CA LEU B 140 -16.87 8.18 25.10
C LEU B 140 -17.41 7.01 25.88
N GLY B 141 -18.58 7.20 26.49
CA GLY B 141 -19.27 6.15 27.19
C GLY B 141 -19.73 5.07 26.23
N SER B 142 -20.28 5.49 25.09
CA SER B 142 -20.77 4.57 24.07
C SER B 142 -19.64 3.71 23.53
N ILE B 143 -18.45 4.29 23.44
CA ILE B 143 -17.25 3.55 23.06
C ILE B 143 -16.86 2.55 24.16
N CYS B 144 -16.62 3.07 25.37
CA CYS B 144 -16.23 2.22 26.50
C CYS B 144 -17.24 1.08 26.73
N GLY B 145 -18.52 1.40 26.61
CA GLY B 145 -19.56 0.39 26.68
C GLY B 145 -19.34 -0.67 25.61
N GLN B 146 -19.19 -0.24 24.37
CA GLN B 146 -19.03 -1.17 23.25
C GLN B 146 -17.78 -2.02 23.40
N LEU B 147 -16.67 -1.38 23.75
CA LEU B 147 -15.42 -2.10 23.99
C LEU B 147 -15.64 -3.19 25.04
N LEU B 148 -16.26 -2.83 26.16
CA LEU B 148 -16.49 -3.75 27.25
C LEU B 148 -17.34 -4.96 26.81
N ILE B 149 -18.33 -4.72 25.95
CA ILE B 149 -19.12 -5.82 25.38
C ILE B 149 -18.24 -6.80 24.62
N LEU B 150 -17.58 -6.29 23.58
CA LEU B 150 -16.69 -7.11 22.77
C LEU B 150 -15.60 -7.76 23.62
N THR B 151 -15.11 -7.03 24.61
CA THR B 151 -14.06 -7.53 25.50
C THR B 151 -14.54 -8.73 26.32
N TYR B 152 -15.82 -8.77 26.63
CA TYR B 152 -16.37 -9.90 27.38
C TYR B 152 -16.66 -11.07 26.43
N VAL B 153 -17.32 -10.75 25.32
CA VAL B 153 -17.77 -11.76 24.36
C VAL B 153 -16.62 -12.39 23.58
N TYR B 154 -15.73 -11.55 23.04
CA TYR B 154 -14.65 -12.04 22.17
C TYR B 154 -13.25 -11.83 22.73
N GLY B 155 -13.16 -11.51 24.02
CA GLY B 155 -11.88 -11.24 24.65
C GLY B 155 -11.12 -12.50 25.01
N LYS B 156 -9.81 -12.48 24.79
CA LYS B 156 -8.95 -13.61 25.14
C LYS B 156 -7.78 -13.15 25.99
N GLU B 157 -7.31 -14.03 26.88
CA GLU B 157 -6.19 -13.73 27.75
C GLU B 157 -4.87 -13.65 26.99
N THR B 158 -3.99 -12.75 27.39
CA THR B 158 -2.63 -12.67 26.85
C THR B 158 -1.80 -11.68 27.66
N PRO B 159 -0.47 -11.89 27.72
CA PRO B 159 0.44 -11.00 28.45
C PRO B 159 0.68 -9.63 27.82
N ASP B 160 -0.35 -9.03 27.25
CA ASP B 160 -0.31 -7.61 26.94
C ASP B 160 -1.71 -7.03 27.04
N GLY B 161 -2.60 -7.79 27.66
CA GLY B 161 -3.96 -7.36 27.91
C GLY B 161 -4.99 -8.34 27.39
N ILE B 162 -6.25 -7.98 27.52
CA ILE B 162 -7.32 -8.81 26.99
C ILE B 162 -7.52 -8.52 25.50
N LYS B 163 -7.42 -9.57 24.67
CA LYS B 163 -7.57 -9.39 23.22
C LYS B 163 -8.99 -9.49 22.73
N ILE B 164 -9.48 -8.42 22.12
CA ILE B 164 -10.72 -8.52 21.37
C ILE B 164 -10.42 -9.24 20.04
N THR B 165 -10.56 -10.56 20.05
CA THR B 165 -10.28 -11.40 18.88
C THR B 165 -11.42 -11.40 17.89
N LEU B 166 -11.46 -10.37 17.06
CA LEU B 166 -12.53 -10.20 16.10
C LEU B 166 -11.99 -9.67 14.78
N ASP B 167 -12.50 -10.26 13.69
CA ASP B 167 -12.00 -10.12 12.31
C ASP B 167 -11.05 -8.94 12.08
N ASN B 168 -11.58 -7.80 11.64
CA ASN B 168 -10.79 -6.58 11.64
C ASN B 168 -11.65 -5.38 12.02
N LEU B 169 -11.94 -5.28 13.31
CA LEU B 169 -12.74 -4.19 13.85
C LEU B 169 -12.16 -2.84 13.47
N THR B 170 -12.55 -2.36 12.30
CA THR B 170 -12.17 -1.03 11.85
C THR B 170 -12.68 -0.01 12.86
N MET B 171 -11.93 1.05 13.07
CA MET B 171 -12.36 2.08 14.00
C MET B 171 -13.63 2.77 13.53
N GLN B 172 -13.85 2.76 12.22
CA GLN B 172 -15.09 3.27 11.66
C GLN B 172 -16.25 2.36 12.09
N GLU B 173 -15.98 1.07 12.18
CA GLU B 173 -16.98 0.09 12.61
C GLU B 173 -17.29 0.21 14.09
N LEU B 174 -16.25 0.47 14.88
CA LEU B 174 -16.39 0.64 16.31
C LEU B 174 -17.24 1.87 16.61
N GLY B 175 -17.09 2.91 15.80
CA GLY B 175 -17.90 4.11 15.98
C GLY B 175 -19.31 3.90 15.50
N TYR B 176 -19.48 2.93 14.60
CA TYR B 176 -20.78 2.63 14.03
C TYR B 176 -21.74 2.07 15.07
N SER B 177 -21.18 1.40 16.07
CA SER B 177 -21.97 0.87 17.17
C SER B 177 -22.31 1.98 18.17
N SER B 178 -21.55 3.07 18.10
CA SER B 178 -21.75 4.21 18.98
C SER B 178 -22.48 5.33 18.26
N GLY B 179 -23.03 5.03 17.09
CA GLY B 179 -23.71 6.02 16.29
C GLY B 179 -22.79 7.15 15.83
N ILE B 180 -21.61 6.78 15.35
CA ILE B 180 -20.61 7.74 14.90
C ILE B 180 -20.31 7.54 13.42
N ALA B 181 -20.25 8.65 12.67
CA ALA B 181 -20.11 8.58 11.23
C ALA B 181 -18.66 8.53 10.77
N HIS B 182 -17.76 9.12 11.57
CA HIS B 182 -16.40 9.36 11.09
C HIS B 182 -15.30 8.78 11.99
N SER B 183 -14.31 8.16 11.34
CA SER B 183 -13.20 7.49 12.02
C SER B 183 -12.39 8.41 12.92
N SER B 184 -12.19 9.65 12.47
CA SER B 184 -11.40 10.63 13.22
C SER B 184 -12.00 10.88 14.61
N ALA B 185 -13.32 10.88 14.70
CA ALA B 185 -13.99 11.07 15.99
C ALA B 185 -13.64 9.93 16.94
N VAL B 186 -13.49 8.74 16.38
CA VAL B 186 -13.15 7.55 17.15
C VAL B 186 -11.66 7.53 17.52
N SER B 187 -10.82 7.83 16.54
CA SER B 187 -9.37 7.84 16.75
C SER B 187 -9.03 8.79 17.89
N ARG B 188 -9.71 9.92 17.93
CA ARG B 188 -9.50 10.93 18.97
C ARG B 188 -9.78 10.32 20.34
N ILE B 189 -10.95 9.71 20.46
CA ILE B 189 -11.36 9.07 21.70
C ILE B 189 -10.49 7.87 22.03
N ILE B 190 -10.40 6.92 21.09
CA ILE B 190 -9.74 5.64 21.33
C ILE B 190 -8.41 5.70 22.09
N SER B 191 -7.64 6.79 21.92
CA SER B 191 -6.36 6.93 22.62
C SER B 191 -6.27 8.16 23.56
N LYS B 192 -7.43 8.67 23.96
CA LYS B 192 -7.52 9.21 25.31
C LYS B 192 -7.32 7.95 26.14
N LEU B 193 -7.80 6.85 25.58
CA LEU B 193 -7.72 5.53 26.20
C LEU B 193 -6.36 4.78 26.01
N LYS B 194 -5.44 5.29 25.18
CA LYS B 194 -4.05 4.79 25.19
C LYS B 194 -3.27 5.55 26.26
N GLN B 195 -3.42 6.87 26.26
CA GLN B 195 -2.67 7.71 27.19
C GLN B 195 -3.13 7.42 28.61
N GLU B 196 -4.44 7.30 28.80
CA GLU B 196 -4.99 6.90 30.09
C GLU B 196 -4.69 5.43 30.38
N LYS B 197 -3.99 4.79 29.46
CA LYS B 197 -3.49 3.42 29.64
C LYS B 197 -4.61 2.47 30.04
N VAL B 198 -5.53 2.25 29.11
CA VAL B 198 -6.59 1.26 29.27
C VAL B 198 -6.74 0.51 27.95
N ILE B 199 -6.29 1.13 26.87
CA ILE B 199 -6.37 0.54 25.55
C ILE B 199 -5.06 0.69 24.78
N VAL B 200 -4.61 -0.39 24.15
CA VAL B 200 -3.53 -0.29 23.17
C VAL B 200 -4.04 -0.81 21.83
N TYR B 201 -3.51 -0.28 20.75
CA TYR B 201 -3.86 -0.78 19.42
C TYR B 201 -2.60 -1.24 18.71
N LYS B 202 -2.14 -2.44 19.03
CA LYS B 202 -1.04 -3.06 18.32
C LYS B 202 -1.55 -4.23 17.48
N ASN B 203 -0.76 -4.64 16.49
CA ASN B 203 -1.12 -5.76 15.63
C ASN B 203 -2.44 -5.56 14.89
N SER B 204 -2.86 -4.30 14.79
CA SER B 204 -4.18 -3.94 14.26
C SER B 204 -5.31 -4.67 15.00
N CYS B 205 -5.15 -4.81 16.31
CA CYS B 205 -6.16 -5.42 17.17
C CYS B 205 -6.15 -4.76 18.55
N PHE B 206 -7.33 -4.60 19.15
CA PHE B 206 -7.47 -3.91 20.43
C PHE B 206 -7.12 -4.77 21.64
N TYR B 207 -6.23 -4.28 22.50
CA TYR B 207 -5.94 -4.95 23.77
C TYR B 207 -6.37 -4.07 24.96
N VAL B 208 -7.26 -4.58 25.81
CA VAL B 208 -7.72 -3.83 26.98
C VAL B 208 -6.78 -4.00 28.18
N GLN B 209 -6.45 -2.89 28.84
CA GLN B 209 -5.52 -2.91 29.97
C GLN B 209 -6.22 -2.65 31.31
N ASN B 210 -7.22 -1.78 31.30
CA ASN B 210 -7.95 -1.45 32.52
C ASN B 210 -9.42 -1.81 32.34
N LEU B 211 -9.76 -3.06 32.61
CA LEU B 211 -11.15 -3.50 32.54
C LEU B 211 -12.01 -2.75 33.54
N ASP B 212 -11.42 -2.40 34.69
CA ASP B 212 -12.13 -1.65 35.72
C ASP B 212 -12.50 -0.24 35.24
N TYR B 213 -11.68 0.32 34.35
CA TYR B 213 -11.98 1.60 33.72
C TYR B 213 -13.25 1.49 32.88
N LEU B 214 -13.27 0.50 32.00
CA LEU B 214 -14.43 0.26 31.13
C LEU B 214 -15.69 -0.01 31.96
N LYS B 215 -15.54 -0.75 33.05
CA LYS B 215 -16.69 -1.07 33.90
C LYS B 215 -17.34 0.18 34.48
N ARG B 216 -16.51 1.15 34.88
CA ARG B 216 -17.03 2.40 35.46
C ARG B 216 -17.86 3.19 34.44
N TYR B 217 -17.42 3.19 33.18
CA TYR B 217 -18.14 3.92 32.14
C TYR B 217 -19.35 3.14 31.62
N ALA B 218 -19.43 1.85 31.96
CA ALA B 218 -20.57 1.04 31.56
C ALA B 218 -20.93 0.00 32.62
N PRO B 219 -21.50 0.45 33.75
CA PRO B 219 -21.79 -0.43 34.88
C PRO B 219 -23.05 -1.27 34.69
N LYS B 220 -24.04 -0.71 34.00
CA LYS B 220 -25.29 -1.42 33.73
C LYS B 220 -25.06 -2.63 32.84
N LEU B 221 -24.08 -2.52 31.94
CA LEU B 221 -23.74 -3.64 31.05
C LEU B 221 -22.97 -4.72 31.78
N ASP B 222 -21.97 -4.33 32.56
CA ASP B 222 -21.20 -5.29 33.35
C ASP B 222 -22.16 -6.07 34.24
N GLU B 223 -23.16 -5.36 34.75
CA GLU B 223 -24.22 -5.94 35.55
C GLU B 223 -24.97 -6.99 34.73
N TRP B 224 -25.41 -6.60 33.53
CA TRP B 224 -26.13 -7.50 32.64
C TRP B 224 -25.35 -8.78 32.41
N PHE B 225 -24.03 -8.69 32.30
CA PHE B 225 -23.23 -9.87 32.08
C PHE B 225 -23.21 -10.71 33.34
N TYR B 226 -23.05 -10.04 34.48
CA TYR B 226 -23.05 -10.74 35.77
C TYR B 226 -24.35 -11.50 36.00
N LEU B 227 -25.45 -11.00 35.44
CA LEU B 227 -26.76 -11.60 35.69
C LEU B 227 -27.22 -12.54 34.57
N ALA B 228 -27.01 -12.14 33.32
CA ALA B 228 -27.54 -12.89 32.17
C ALA B 228 -26.52 -13.80 31.49
N CYS B 229 -25.23 -13.51 31.65
CA CYS B 229 -24.18 -14.37 31.09
C CYS B 229 -23.08 -14.63 32.12
N PRO B 230 -23.44 -15.20 33.28
CA PRO B 230 -22.51 -15.32 34.41
C PRO B 230 -21.22 -16.07 34.06
N ALA B 231 -21.34 -17.15 33.30
CA ALA B 231 -20.19 -17.96 32.90
C ALA B 231 -19.15 -17.11 32.18
N THR B 232 -19.63 -16.28 31.26
CA THR B 232 -18.77 -15.37 30.52
C THR B 232 -18.13 -14.34 31.45
N TRP B 233 -18.99 -13.65 32.20
CA TRP B 233 -18.56 -12.59 33.12
C TRP B 233 -17.46 -13.07 34.05
N GLY B 234 -17.56 -14.33 34.47
CA GLY B 234 -16.64 -14.90 35.43
C GLY B 234 -15.27 -15.25 34.86
N LYS B 235 -15.16 -15.33 33.54
CA LYS B 235 -13.87 -15.63 32.91
C LYS B 235 -12.89 -14.49 33.14
N LEU B 236 -13.40 -13.26 33.09
CA LEU B 236 -12.58 -12.08 33.32
C LEU B 236 -12.85 -11.54 34.73
N ASN B 237 -13.80 -12.17 35.43
CA ASN B 237 -14.24 -11.75 36.77
C ASN B 237 -14.63 -10.28 36.83
N ALA E 3 28.43 -26.54 -19.31
CA ALA E 3 29.05 -26.39 -17.99
C ALA E 3 28.77 -27.61 -17.13
N GLN E 4 27.49 -27.93 -16.94
CA GLN E 4 27.15 -29.22 -16.33
C GLN E 4 26.55 -30.12 -17.40
N ALA E 5 27.10 -30.01 -18.61
CA ALA E 5 26.70 -30.86 -19.73
C ALA E 5 27.88 -31.67 -20.26
N GLU E 6 29.11 -31.23 -19.98
CA GLU E 6 30.29 -31.90 -20.52
C GLU E 6 30.66 -33.16 -19.75
N GLU E 7 29.72 -33.62 -18.92
CA GLU E 7 29.86 -34.86 -18.15
C GLU E 7 28.76 -35.78 -18.63
N PHE E 8 27.62 -35.16 -18.94
CA PHE E 8 26.49 -35.86 -19.51
C PHE E 8 26.88 -36.37 -20.90
N LYS E 9 27.70 -35.58 -21.59
CA LYS E 9 28.32 -35.95 -22.86
C LYS E 9 28.94 -37.34 -22.84
N LYS E 10 29.99 -37.49 -22.05
CA LYS E 10 30.77 -38.71 -22.06
C LYS E 10 30.12 -39.78 -21.21
N TYR E 11 28.99 -39.46 -20.60
CA TYR E 11 28.12 -40.47 -20.02
C TYR E 11 27.48 -41.23 -21.18
N LEU E 12 26.99 -40.47 -22.16
CA LEU E 12 26.42 -41.04 -23.37
C LEU E 12 27.48 -41.85 -24.13
N GLU E 13 28.63 -41.22 -24.39
CA GLU E 13 29.72 -41.87 -25.11
C GLU E 13 30.22 -43.13 -24.40
N THR E 14 30.01 -43.20 -23.08
CA THR E 14 30.44 -44.37 -22.31
C THR E 14 29.53 -45.56 -22.56
N ASN E 15 28.23 -45.29 -22.60
CA ASN E 15 27.24 -46.33 -22.80
C ASN E 15 26.81 -46.33 -24.29
N GLY E 16 27.76 -45.97 -25.14
CA GLY E 16 27.71 -46.26 -26.56
C GLY E 16 26.78 -45.50 -27.48
N ILE E 17 26.93 -44.19 -27.54
CA ILE E 17 26.16 -43.38 -28.49
C ILE E 17 26.99 -42.16 -28.88
N LYS E 18 27.55 -42.22 -30.09
CA LYS E 18 28.55 -41.26 -30.51
C LYS E 18 27.90 -40.06 -31.21
N PRO E 19 28.60 -38.91 -31.26
CA PRO E 19 27.97 -37.71 -31.82
C PRO E 19 27.68 -37.82 -33.32
N LYS E 20 26.58 -37.19 -33.74
CA LYS E 20 26.27 -37.11 -35.16
C LYS E 20 26.26 -35.64 -35.57
N GLN E 21 27.07 -35.30 -36.56
CA GLN E 21 27.24 -33.91 -36.97
C GLN E 21 26.35 -33.53 -38.13
N PHE E 22 25.65 -32.41 -37.95
CA PHE E 22 24.75 -31.88 -38.96
C PHE E 22 25.36 -30.61 -39.49
N HIS E 23 25.12 -30.32 -40.76
CA HIS E 23 25.54 -29.03 -41.29
C HIS E 23 24.36 -28.11 -41.18
N LYS E 24 24.43 -26.95 -41.84
CA LYS E 24 23.32 -26.01 -41.94
C LYS E 24 22.14 -26.70 -42.67
N LYS E 25 21.22 -25.92 -43.23
CA LYS E 25 20.18 -26.44 -44.13
C LYS E 25 19.25 -27.53 -43.50
N GLU E 26 19.85 -28.55 -42.89
CA GLU E 26 19.19 -29.86 -42.71
C GLU E 26 18.50 -30.08 -41.37
N LEU E 27 17.60 -31.05 -41.32
CA LEU E 27 16.77 -31.30 -40.15
C LEU E 27 17.28 -32.47 -39.31
N ILE E 28 17.16 -32.34 -37.99
CA ILE E 28 17.58 -33.41 -37.08
C ILE E 28 16.44 -34.42 -36.90
N PHE E 29 15.22 -33.89 -36.79
CA PHE E 29 14.02 -34.70 -36.97
C PHE E 29 12.99 -33.85 -37.69
N ASN E 30 11.96 -34.47 -38.24
CA ASN E 30 10.97 -33.70 -38.99
C ASN E 30 9.54 -34.06 -38.59
N GLN E 31 8.60 -33.18 -38.95
CA GLN E 31 7.20 -33.35 -38.56
C GLN E 31 6.48 -34.44 -39.35
N TRP E 32 7.22 -35.45 -39.80
CA TRP E 32 6.63 -36.63 -40.46
C TRP E 32 7.36 -37.87 -39.99
N ASP E 33 8.49 -37.66 -39.32
CA ASP E 33 9.26 -38.74 -38.71
C ASP E 33 8.39 -39.46 -37.68
N PRO E 34 8.11 -40.74 -37.93
CA PRO E 34 7.21 -41.53 -37.07
C PRO E 34 7.87 -42.02 -35.79
N GLN E 35 9.12 -41.59 -35.55
CA GLN E 35 9.81 -42.00 -34.33
C GLN E 35 10.22 -40.82 -33.47
N GLU E 36 10.40 -41.11 -32.18
CA GLU E 36 10.56 -40.08 -31.18
C GLU E 36 11.99 -40.05 -30.67
N TYR E 37 12.56 -38.86 -30.56
CA TYR E 37 13.96 -38.74 -30.19
C TYR E 37 14.18 -37.88 -28.94
N CYS E 38 15.35 -38.06 -28.34
CA CYS E 38 15.83 -37.14 -27.31
C CYS E 38 17.15 -36.54 -27.80
N ILE E 39 17.10 -35.27 -28.22
CA ILE E 39 18.26 -34.66 -28.87
C ILE E 39 19.11 -33.86 -27.90
N PHE E 40 20.24 -34.43 -27.48
CA PHE E 40 21.20 -33.66 -26.71
C PHE E 40 22.04 -32.80 -27.65
N LEU E 41 21.46 -31.70 -28.10
CA LEU E 41 22.17 -30.72 -28.92
C LEU E 41 23.31 -30.12 -28.09
N TYR E 42 24.54 -30.44 -28.47
CA TYR E 42 25.70 -30.04 -27.66
C TYR E 42 26.32 -28.72 -28.11
N ASP E 43 26.45 -28.53 -29.41
CA ASP E 43 27.05 -27.33 -29.96
C ASP E 43 26.34 -26.94 -31.24
N GLY E 44 26.03 -25.65 -31.38
CA GLY E 44 25.42 -25.16 -32.60
C GLY E 44 24.06 -24.52 -32.40
N ILE E 45 23.69 -23.67 -33.35
CA ILE E 45 22.41 -22.98 -33.34
C ILE E 45 21.37 -23.78 -34.12
N THR E 46 20.09 -23.62 -33.76
CA THR E 46 19.05 -24.51 -34.25
C THR E 46 17.67 -23.92 -34.01
N LYS E 47 16.76 -24.08 -34.96
CA LYS E 47 15.39 -23.59 -34.77
C LYS E 47 14.38 -24.74 -34.82
N LEU E 48 13.35 -24.64 -33.96
CA LEU E 48 12.27 -25.63 -33.93
C LEU E 48 11.05 -25.01 -34.60
N THR E 49 10.61 -25.62 -35.71
CA THR E 49 9.54 -25.02 -36.52
C THR E 49 8.37 -25.95 -36.75
N SER E 50 7.27 -25.37 -37.23
CA SER E 50 6.08 -26.13 -37.56
C SER E 50 5.51 -25.63 -38.87
N ILE E 51 5.19 -26.54 -39.76
CA ILE E 51 4.58 -26.16 -41.02
C ILE E 51 3.10 -26.51 -40.98
N SER E 52 2.26 -25.56 -41.38
CA SER E 52 0.82 -25.81 -41.46
C SER E 52 0.52 -26.79 -42.58
N GLU E 53 -0.72 -27.26 -42.65
CA GLU E 53 -1.13 -28.11 -43.75
C GLU E 53 -1.57 -27.22 -44.91
N ASN E 54 -1.86 -25.95 -44.61
CA ASN E 54 -2.19 -24.99 -45.64
C ASN E 54 -0.92 -24.37 -46.22
N GLY E 55 0.20 -24.53 -45.52
CA GLY E 55 1.49 -24.14 -46.07
C GLY E 55 2.36 -23.21 -45.24
N THR E 56 1.77 -22.50 -44.29
CA THR E 56 2.47 -21.46 -43.52
C THR E 56 3.53 -22.02 -42.57
N ILE E 57 4.60 -21.25 -42.39
CA ILE E 57 5.68 -21.63 -41.48
C ILE E 57 5.53 -20.90 -40.15
N MET E 58 5.59 -21.65 -39.05
CA MET E 58 5.65 -21.05 -37.72
C MET E 58 6.99 -21.35 -37.08
N ASN E 59 7.71 -20.30 -36.68
CA ASN E 59 8.93 -20.47 -35.91
C ASN E 59 8.64 -20.40 -34.41
N LEU E 60 8.60 -21.55 -33.75
CA LEU E 60 8.38 -21.60 -32.32
C LEU E 60 9.56 -21.04 -31.56
N GLN E 61 10.53 -21.90 -31.28
CA GLN E 61 11.69 -21.52 -30.47
C GLN E 61 13.03 -21.73 -31.21
N TYR E 62 14.05 -20.99 -30.79
CA TYR E 62 15.43 -21.27 -31.21
C TYR E 62 16.12 -22.13 -30.14
N TYR E 63 17.26 -22.73 -30.49
CA TYR E 63 17.96 -23.60 -29.53
C TYR E 63 19.46 -23.57 -29.69
N LYS E 64 20.18 -23.53 -28.59
CA LYS E 64 21.62 -23.36 -28.67
C LYS E 64 22.42 -24.20 -27.71
N GLY E 65 23.73 -24.15 -27.99
CA GLY E 65 24.78 -24.69 -27.14
C GLY E 65 24.32 -25.97 -26.51
N ALA E 66 24.53 -26.08 -25.21
CA ALA E 66 24.12 -27.27 -24.49
C ALA E 66 22.65 -27.21 -24.08
N PHE E 67 21.82 -27.99 -24.76
CA PHE E 67 20.40 -28.08 -24.42
C PHE E 67 19.86 -29.44 -24.86
N VAL E 68 18.64 -29.75 -24.46
CA VAL E 68 18.01 -31.01 -24.87
C VAL E 68 16.57 -30.82 -25.32
N ILE E 69 16.26 -31.40 -26.48
CA ILE E 69 14.96 -31.25 -27.12
C ILE E 69 14.32 -32.62 -27.32
N MET E 70 13.07 -32.77 -26.91
CA MET E 70 12.41 -34.07 -27.00
C MET E 70 11.17 -34.03 -27.90
N SER E 71 11.01 -35.09 -28.68
CA SER E 71 9.90 -35.19 -29.62
C SER E 71 8.96 -36.32 -29.25
N GLY E 72 9.24 -36.97 -28.11
CA GLY E 72 8.38 -38.04 -27.62
C GLY E 72 8.40 -38.14 -26.10
N PHE E 73 7.28 -38.63 -25.54
CA PHE E 73 7.17 -38.81 -24.10
C PHE E 73 7.95 -40.05 -23.64
N ILE E 74 8.62 -39.93 -22.49
CA ILE E 74 9.29 -41.08 -21.87
C ILE E 74 8.29 -42.21 -21.60
N ASP E 75 7.21 -41.85 -20.91
CA ASP E 75 6.16 -42.77 -20.49
C ASP E 75 5.57 -43.57 -21.65
N THR E 76 4.71 -42.91 -22.42
CA THR E 76 3.86 -43.59 -23.39
C THR E 76 4.61 -43.86 -24.69
N GLU E 77 5.81 -43.30 -24.83
CA GLU E 77 6.66 -43.47 -26.00
C GLU E 77 5.90 -43.20 -27.30
N THR E 78 5.04 -42.20 -27.28
CA THR E 78 4.40 -41.69 -28.48
C THR E 78 4.94 -40.29 -28.74
N SER E 79 4.41 -39.61 -29.75
CA SER E 79 4.90 -38.30 -30.13
C SER E 79 4.53 -37.23 -29.10
N VAL E 80 5.35 -36.18 -29.05
CA VAL E 80 5.09 -34.99 -28.25
C VAL E 80 4.32 -33.96 -29.07
N GLY E 81 4.67 -33.90 -30.36
CA GLY E 81 4.03 -33.00 -31.31
C GLY E 81 4.84 -32.94 -32.58
N TYR E 82 4.16 -32.98 -33.73
CA TYR E 82 4.83 -33.06 -35.03
C TYR E 82 5.58 -31.77 -35.35
N TYR E 83 6.89 -31.81 -35.16
CA TYR E 83 7.73 -30.61 -35.30
C TYR E 83 9.01 -30.88 -36.09
N ASN E 84 9.64 -29.81 -36.56
CA ASN E 84 10.91 -29.92 -37.26
C ASN E 84 12.01 -29.21 -36.49
N LEU E 85 13.22 -29.76 -36.53
CA LEU E 85 14.36 -29.17 -35.83
C LEU E 85 15.48 -28.80 -36.80
N GLU E 86 15.28 -27.72 -37.54
CA GLU E 86 16.25 -27.23 -38.51
C GLU E 86 17.43 -26.59 -37.81
N VAL E 87 18.63 -26.75 -38.35
CA VAL E 87 19.78 -26.08 -37.78
C VAL E 87 20.08 -24.82 -38.61
N ILE E 88 20.58 -23.79 -37.94
CA ILE E 88 20.79 -22.48 -38.56
C ILE E 88 22.28 -22.14 -38.64
N SER E 89 23.02 -22.48 -37.59
CA SER E 89 24.47 -22.45 -37.67
C SER E 89 24.90 -23.31 -38.86
N GLU E 90 26.09 -23.05 -39.41
CA GLU E 90 26.50 -23.83 -40.58
C GLU E 90 26.91 -25.26 -40.22
N GLN E 91 27.30 -25.50 -38.96
CA GLN E 91 27.44 -26.87 -38.46
C GLN E 91 26.96 -27.02 -37.01
N ALA E 92 26.58 -28.25 -36.67
CA ALA E 92 26.00 -28.56 -35.37
C ALA E 92 26.26 -29.99 -34.95
N THR E 93 26.89 -30.16 -33.78
CA THR E 93 27.12 -31.47 -33.21
C THR E 93 26.03 -31.79 -32.17
N ALA E 94 25.46 -32.98 -32.27
CA ALA E 94 24.36 -33.38 -31.39
C ALA E 94 24.27 -34.91 -31.25
N TYR E 95 23.93 -35.34 -30.04
CA TYR E 95 23.74 -36.77 -29.76
C TYR E 95 22.27 -37.10 -29.83
N VAL E 96 21.92 -38.05 -30.69
CA VAL E 96 20.53 -38.42 -30.89
C VAL E 96 20.21 -39.73 -30.19
N ILE E 97 19.54 -39.62 -29.04
CA ILE E 97 19.02 -40.77 -28.32
C ILE E 97 17.64 -41.12 -28.87
N LYS E 98 17.31 -42.41 -28.85
CA LYS E 98 16.06 -42.89 -29.44
C LYS E 98 14.94 -42.51 -28.47
N ILE E 99 14.57 -43.34 -27.50
CA ILE E 99 13.53 -42.97 -26.55
C ILE E 99 13.38 -44.12 -25.57
N ASN E 100 13.41 -45.35 -26.08
CA ASN E 100 13.36 -46.53 -25.23
C ASN E 100 14.66 -46.62 -24.47
N GLU E 101 15.71 -46.06 -25.07
CA GLU E 101 17.08 -45.99 -24.54
C GLU E 101 17.28 -44.99 -23.41
N LEU E 102 16.28 -44.14 -23.23
CA LEU E 102 16.41 -43.04 -22.31
C LEU E 102 16.08 -43.51 -20.91
N LYS E 103 14.89 -44.06 -20.74
CA LYS E 103 14.36 -44.38 -19.41
C LYS E 103 15.32 -45.08 -18.46
N GLU E 104 16.06 -46.08 -18.94
CA GLU E 104 16.96 -46.79 -18.02
C GLU E 104 18.42 -46.31 -18.10
N LEU E 105 18.78 -45.61 -19.17
CA LEU E 105 20.00 -44.82 -19.14
C LEU E 105 19.72 -43.74 -18.11
N LEU E 106 18.47 -43.33 -18.12
CA LEU E 106 17.96 -42.30 -17.25
C LEU E 106 17.30 -42.96 -16.01
N SER E 107 17.92 -44.02 -15.51
CA SER E 107 17.50 -44.68 -14.26
C SER E 107 18.72 -45.21 -13.51
N LYS E 108 19.89 -45.08 -14.13
CA LYS E 108 21.10 -45.72 -13.64
C LYS E 108 22.03 -44.73 -12.94
N ASN E 109 21.87 -43.44 -13.24
CA ASN E 109 22.86 -42.43 -12.89
C ASN E 109 22.15 -41.08 -12.76
N LEU E 110 21.33 -40.93 -11.72
CA LEU E 110 20.40 -39.81 -11.71
C LEU E 110 21.01 -38.45 -11.31
N THR E 111 22.34 -38.36 -11.28
CA THR E 111 22.99 -37.06 -11.21
C THR E 111 22.76 -36.34 -12.54
N HIS E 112 22.46 -37.12 -13.56
CA HIS E 112 22.22 -36.60 -14.90
C HIS E 112 20.76 -36.51 -15.13
N PHE E 113 20.00 -37.08 -14.20
CA PHE E 113 18.60 -37.16 -14.46
C PHE E 113 17.91 -35.89 -14.00
N PHE E 114 18.57 -35.15 -13.13
CA PHE E 114 18.00 -33.87 -12.73
C PHE E 114 18.45 -32.80 -13.70
N TYR E 115 19.50 -33.09 -14.46
CA TYR E 115 19.96 -32.18 -15.50
C TYR E 115 18.96 -32.08 -16.63
N VAL E 116 18.57 -33.25 -17.15
CA VAL E 116 17.53 -33.33 -18.17
C VAL E 116 16.25 -32.68 -17.65
N PHE E 117 15.99 -32.88 -16.35
CA PHE E 117 14.84 -32.31 -15.68
C PHE E 117 14.98 -30.79 -15.51
N GLN E 118 16.17 -30.33 -15.12
CA GLN E 118 16.44 -28.91 -15.01
C GLN E 118 16.16 -28.16 -16.31
N THR E 119 16.75 -28.67 -17.39
CA THR E 119 16.55 -28.10 -18.73
C THR E 119 15.08 -28.09 -19.10
N LEU E 120 14.38 -29.17 -18.77
CA LEU E 120 12.98 -29.32 -19.12
C LEU E 120 12.13 -28.27 -18.40
N GLN E 121 12.58 -27.84 -17.24
CA GLN E 121 11.87 -26.83 -16.47
C GLN E 121 12.37 -25.43 -16.85
N LYS E 122 13.63 -25.37 -17.29
CA LYS E 122 14.17 -24.15 -17.84
C LYS E 122 13.29 -23.72 -19.00
N GLN E 123 12.73 -24.71 -19.69
CA GLN E 123 11.93 -24.44 -20.89
C GLN E 123 10.49 -24.11 -20.57
N VAL E 124 9.92 -24.80 -19.58
CA VAL E 124 8.54 -24.55 -19.17
C VAL E 124 8.34 -23.07 -18.86
N SER E 125 9.20 -22.53 -18.01
CA SER E 125 9.11 -21.12 -17.64
C SER E 125 9.39 -20.19 -18.81
N TYR E 126 10.26 -20.63 -19.73
CA TYR E 126 10.58 -19.86 -20.93
C TYR E 126 9.36 -19.71 -21.83
N SER E 127 8.74 -20.83 -22.15
CA SER E 127 7.57 -20.86 -23.02
C SER E 127 6.46 -19.95 -22.50
N LEU E 128 6.33 -19.88 -21.18
CA LEU E 128 5.32 -19.04 -20.54
C LEU E 128 5.74 -17.57 -20.52
N ALA E 129 7.01 -17.31 -20.19
CA ALA E 129 7.55 -15.95 -20.23
C ALA E 129 7.42 -15.36 -21.63
N LYS E 130 7.62 -16.21 -22.63
CA LYS E 130 7.44 -15.82 -24.02
C LYS E 130 5.96 -15.56 -24.28
N PHE E 131 5.13 -16.51 -23.86
CA PHE E 131 3.69 -16.41 -24.07
C PHE E 131 3.07 -15.16 -23.45
N ASN E 132 3.50 -14.81 -22.23
CA ASN E 132 3.01 -13.61 -21.56
C ASN E 132 3.22 -12.35 -22.40
N ASP E 133 4.46 -12.17 -22.86
CA ASP E 133 4.85 -10.92 -23.49
C ASP E 133 4.32 -10.77 -24.90
N PHE E 134 4.21 -11.88 -25.63
CA PHE E 134 3.74 -11.84 -27.01
C PHE E 134 2.24 -11.56 -27.04
N SER E 135 1.51 -12.14 -26.08
CA SER E 135 0.07 -12.00 -26.02
C SER E 135 -0.37 -10.58 -25.70
N ILE E 136 0.37 -9.90 -24.84
CA ILE E 136 0.08 -8.49 -24.59
C ILE E 136 0.78 -7.66 -25.66
N ASN E 137 0.24 -6.49 -25.98
CA ASN E 137 0.84 -5.59 -26.97
C ASN E 137 1.00 -6.15 -28.40
N GLY E 138 0.29 -7.24 -28.69
CA GLY E 138 0.20 -7.74 -30.07
C GLY E 138 1.50 -8.00 -30.80
N LYS E 139 1.56 -7.55 -32.06
CA LYS E 139 2.68 -7.88 -32.94
C LYS E 139 3.96 -7.08 -32.66
N LEU E 140 3.83 -5.80 -32.30
CA LEU E 140 5.01 -5.00 -31.97
C LEU E 140 5.79 -5.66 -30.84
N GLY E 141 5.10 -5.87 -29.71
CA GLY E 141 5.70 -6.53 -28.56
C GLY E 141 6.26 -7.89 -28.89
N SER E 142 5.55 -8.64 -29.73
CA SER E 142 6.01 -9.95 -30.17
C SER E 142 7.36 -9.83 -30.85
N ILE E 143 7.49 -8.79 -31.67
CA ILE E 143 8.73 -8.51 -32.35
C ILE E 143 9.83 -8.13 -31.38
N CYS E 144 9.59 -7.05 -30.61
CA CYS E 144 10.57 -6.53 -29.67
C CYS E 144 11.03 -7.63 -28.72
N GLY E 145 10.08 -8.44 -28.29
CA GLY E 145 10.37 -9.55 -27.40
C GLY E 145 11.38 -10.47 -28.02
N GLN E 146 11.06 -11.00 -29.20
CA GLN E 146 11.94 -11.90 -29.94
C GLN E 146 13.31 -11.29 -30.21
N LEU E 147 13.31 -9.99 -30.53
CA LEU E 147 14.56 -9.26 -30.66
C LEU E 147 15.33 -9.30 -29.35
N LEU E 148 14.64 -8.97 -28.26
CA LEU E 148 15.24 -8.95 -26.92
C LEU E 148 15.85 -10.30 -26.58
N ILE E 149 15.17 -11.37 -26.97
CA ILE E 149 15.71 -12.72 -26.77
C ILE E 149 17.05 -12.83 -27.46
N LEU E 150 17.04 -12.71 -28.79
CA LEU E 150 18.24 -12.81 -29.63
C LEU E 150 19.42 -12.00 -29.08
N THR E 151 19.16 -10.76 -28.70
CA THR E 151 20.17 -9.84 -28.16
C THR E 151 20.80 -10.36 -26.89
N TYR E 152 19.96 -10.87 -26.00
CA TYR E 152 20.47 -11.40 -24.75
C TYR E 152 21.40 -12.53 -25.00
N VAL E 153 21.06 -13.30 -26.01
CA VAL E 153 21.51 -14.67 -25.99
C VAL E 153 22.56 -14.87 -27.07
N TYR E 154 22.28 -14.42 -28.27
CA TYR E 154 23.23 -14.49 -29.38
C TYR E 154 24.12 -13.26 -29.44
N GLY E 155 23.74 -12.25 -28.67
CA GLY E 155 24.34 -10.94 -28.83
C GLY E 155 25.62 -10.62 -28.06
N LYS E 156 26.76 -10.78 -28.74
CA LYS E 156 28.10 -10.38 -28.19
C LYS E 156 28.66 -9.15 -28.91
N GLU E 157 28.87 -8.05 -28.18
CA GLU E 157 28.46 -6.77 -28.78
C GLU E 157 29.33 -5.50 -28.94
N THR E 158 29.23 -4.96 -30.16
CA THR E 158 30.16 -3.99 -30.74
C THR E 158 30.38 -2.71 -29.94
N PRO E 159 31.48 -2.01 -30.24
CA PRO E 159 31.64 -0.63 -29.77
C PRO E 159 30.54 0.26 -30.36
N ASP E 160 29.85 -0.24 -31.37
CA ASP E 160 28.74 0.46 -31.99
C ASP E 160 27.43 0.16 -31.26
N GLY E 161 27.37 -1.01 -30.60
CA GLY E 161 26.25 -1.36 -29.75
C GLY E 161 25.93 -2.84 -29.65
N ILE E 162 24.68 -3.15 -29.28
CA ILE E 162 24.09 -4.51 -29.18
C ILE E 162 23.71 -4.93 -30.56
N LYS E 163 24.03 -6.18 -30.90
CA LYS E 163 24.16 -6.53 -32.31
C LYS E 163 24.00 -8.09 -32.54
N ILE E 164 22.76 -8.61 -32.62
CA ILE E 164 22.43 -10.06 -32.87
C ILE E 164 23.26 -10.74 -33.95
N THR E 165 24.22 -11.56 -33.53
CA THR E 165 25.17 -12.16 -34.45
C THR E 165 24.65 -13.46 -35.04
N LEU E 166 23.55 -13.40 -35.79
CA LEU E 166 23.06 -14.59 -36.49
C LEU E 166 23.33 -14.51 -38.00
N ASP E 167 24.06 -15.51 -38.48
CA ASP E 167 24.35 -15.77 -39.90
C ASP E 167 23.46 -15.12 -40.98
N ASN E 168 22.18 -15.44 -40.94
CA ASN E 168 21.28 -15.02 -42.00
C ASN E 168 20.23 -14.08 -41.41
N LEU E 169 19.27 -14.67 -40.71
CA LEU E 169 18.20 -13.95 -40.04
C LEU E 169 17.55 -13.05 -41.05
N THR E 170 16.62 -13.62 -41.81
CA THR E 170 15.87 -12.87 -42.81
C THR E 170 15.00 -11.84 -42.07
N MET E 171 13.83 -11.50 -42.60
CA MET E 171 13.01 -10.55 -41.87
C MET E 171 11.63 -11.09 -41.59
N GLN E 172 11.13 -11.96 -42.44
CA GLN E 172 9.91 -12.64 -42.04
C GLN E 172 10.35 -14.02 -41.54
N GLU E 173 11.65 -14.17 -41.34
CA GLU E 173 12.18 -15.24 -40.51
C GLU E 173 11.94 -14.86 -39.05
N LEU E 174 11.88 -13.56 -38.78
CA LEU E 174 11.41 -13.05 -37.48
C LEU E 174 9.89 -12.99 -37.45
N GLY E 175 9.30 -12.65 -38.61
CA GLY E 175 7.86 -12.72 -38.76
C GLY E 175 7.40 -14.13 -38.49
N TYR E 176 8.24 -15.09 -38.85
CA TYR E 176 8.02 -16.49 -38.51
C TYR E 176 8.04 -16.69 -36.99
N SER E 177 8.95 -16.00 -36.31
CA SER E 177 9.11 -16.19 -34.87
C SER E 177 7.88 -15.70 -34.12
N SER E 178 7.36 -14.54 -34.52
CA SER E 178 6.03 -14.11 -34.08
C SER E 178 5.00 -14.64 -35.06
N GLY E 179 3.87 -13.95 -35.19
CA GLY E 179 2.79 -14.47 -35.99
C GLY E 179 2.67 -13.95 -37.40
N ILE E 180 3.53 -13.00 -37.77
CA ILE E 180 3.43 -12.31 -39.06
C ILE E 180 3.81 -13.19 -40.25
N ALA E 181 2.98 -13.16 -41.29
CA ALA E 181 3.20 -13.99 -42.47
C ALA E 181 3.79 -13.21 -43.66
N HIS E 182 3.90 -11.89 -43.51
CA HIS E 182 4.33 -11.04 -44.60
C HIS E 182 5.53 -10.16 -44.24
N SER E 183 6.59 -10.24 -45.05
CA SER E 183 7.81 -9.49 -44.76
C SER E 183 7.60 -7.99 -44.93
N SER E 184 6.58 -7.58 -45.67
CA SER E 184 6.25 -6.16 -45.75
C SER E 184 5.77 -5.67 -44.39
N ALA E 185 5.02 -6.53 -43.71
CA ALA E 185 4.39 -6.22 -42.45
C ALA E 185 5.38 -6.14 -41.29
N VAL E 186 6.32 -7.08 -41.24
CA VAL E 186 7.24 -7.19 -40.11
C VAL E 186 8.04 -5.90 -39.97
N SER E 187 8.14 -5.16 -41.06
CA SER E 187 9.12 -4.11 -41.10
C SER E 187 8.59 -2.74 -41.44
N ARG E 188 7.28 -2.57 -41.59
CA ARG E 188 6.74 -1.28 -41.25
C ARG E 188 6.71 -1.31 -39.72
N ILE E 189 6.66 -2.53 -39.19
CA ILE E 189 6.77 -2.79 -37.74
C ILE E 189 8.21 -2.67 -37.30
N ILE E 190 9.12 -3.34 -38.00
CA ILE E 190 10.50 -2.96 -37.82
C ILE E 190 10.49 -1.50 -38.44
N SER E 191 10.65 -1.21 -39.74
CA SER E 191 11.08 0.16 -40.20
C SER E 191 10.66 1.37 -39.35
N LYS E 192 9.58 1.24 -38.57
CA LYS E 192 9.21 2.26 -37.59
C LYS E 192 10.01 2.12 -36.30
N LEU E 193 10.84 1.09 -36.25
CA LEU E 193 11.96 1.04 -35.30
C LEU E 193 12.82 2.28 -35.00
N LYS E 194 13.72 2.62 -35.95
CA LYS E 194 14.72 3.71 -35.90
C LYS E 194 14.14 5.07 -35.70
N GLN E 195 12.85 5.26 -35.96
CA GLN E 195 12.28 6.59 -35.77
C GLN E 195 12.43 7.00 -34.33
N GLU E 196 12.07 6.06 -33.46
CA GLU E 196 12.30 6.19 -32.05
C GLU E 196 13.70 5.73 -31.66
N LYS E 197 14.39 5.07 -32.59
CA LYS E 197 15.71 4.51 -32.35
C LYS E 197 15.71 3.52 -31.18
N VAL E 198 15.61 2.22 -31.45
CA VAL E 198 15.74 1.21 -30.42
C VAL E 198 16.46 0.02 -31.11
N ILE E 199 17.40 0.42 -31.99
CA ILE E 199 17.79 -0.31 -33.22
C ILE E 199 19.12 -0.05 -34.03
N VAL E 200 19.13 -0.57 -35.26
CA VAL E 200 19.84 -0.17 -36.52
C VAL E 200 20.33 -1.34 -37.42
N TYR E 201 20.06 -1.17 -38.73
CA TYR E 201 20.37 -2.16 -39.77
C TYR E 201 21.53 -1.73 -40.68
N LYS E 202 22.65 -2.42 -40.60
CA LYS E 202 23.83 -2.06 -41.36
C LYS E 202 24.68 -3.34 -41.28
N ASN E 203 25.53 -3.62 -42.28
CA ASN E 203 26.18 -4.93 -42.45
C ASN E 203 25.21 -6.10 -42.39
N SER E 204 24.02 -5.93 -42.97
CA SER E 204 23.05 -7.02 -43.18
C SER E 204 22.57 -7.67 -41.87
N CYS E 205 23.14 -7.25 -40.75
CA CYS E 205 22.79 -7.81 -39.45
C CYS E 205 21.67 -7.01 -38.82
N PHE E 206 21.26 -7.45 -37.63
CA PHE E 206 20.33 -6.69 -36.82
C PHE E 206 20.95 -6.05 -35.65
N TYR E 207 20.95 -4.73 -35.60
CA TYR E 207 21.55 -4.20 -34.39
C TYR E 207 20.93 -3.04 -33.64
N VAL E 208 20.62 -3.21 -32.36
CA VAL E 208 19.95 -2.10 -31.70
C VAL E 208 20.68 -1.12 -30.72
N GLN E 209 19.83 -0.33 -30.05
CA GLN E 209 20.02 0.90 -29.27
C GLN E 209 20.45 0.79 -27.86
N ASN E 210 19.50 0.21 -27.14
CA ASN E 210 19.04 0.62 -25.83
C ASN E 210 18.02 -0.45 -25.56
N LEU E 211 18.47 -1.44 -24.82
CA LEU E 211 17.69 -2.61 -24.50
C LEU E 211 16.44 -2.28 -23.70
N ASP E 212 16.47 -1.14 -22.99
CA ASP E 212 15.38 -0.75 -22.10
C ASP E 212 14.03 -0.67 -22.82
N TYR E 213 14.00 -0.06 -24.01
CA TYR E 213 12.76 0.01 -24.78
C TYR E 213 12.22 -1.38 -25.06
N LEU E 214 13.13 -2.31 -25.38
CA LEU E 214 12.75 -3.71 -25.55
C LEU E 214 12.29 -4.32 -24.24
N LYS E 215 13.01 -4.02 -23.16
CA LYS E 215 12.66 -4.48 -21.82
C LYS E 215 11.23 -4.09 -21.46
N ARG E 216 10.81 -2.91 -21.89
CA ARG E 216 9.47 -2.42 -21.61
C ARG E 216 8.40 -3.25 -22.33
N TYR E 217 8.80 -3.94 -23.39
CA TYR E 217 7.85 -4.72 -24.17
C TYR E 217 7.95 -6.21 -23.89
N ALA E 218 9.12 -6.65 -23.42
CA ALA E 218 9.30 -8.05 -23.03
C ALA E 218 9.69 -8.14 -21.56
N PRO E 219 8.76 -7.80 -20.66
CA PRO E 219 9.07 -7.72 -19.23
C PRO E 219 9.39 -9.09 -18.62
N LYS E 220 8.46 -10.03 -18.76
CA LYS E 220 8.63 -11.36 -18.18
C LYS E 220 9.80 -12.10 -18.81
N LEU E 221 10.04 -11.86 -20.09
CA LEU E 221 11.16 -12.48 -20.78
C LEU E 221 12.49 -11.99 -20.21
N ASP E 222 12.62 -10.67 -20.05
CA ASP E 222 13.83 -10.11 -19.45
C ASP E 222 13.99 -10.60 -18.02
N GLU E 223 12.88 -10.66 -17.31
CA GLU E 223 12.82 -11.22 -15.98
C GLU E 223 13.37 -12.64 -15.99
N TRP E 224 12.73 -13.49 -16.79
CA TRP E 224 13.10 -14.90 -16.96
C TRP E 224 14.60 -15.11 -17.23
N PHE E 225 15.21 -14.16 -17.93
CA PHE E 225 16.63 -14.26 -18.19
C PHE E 225 17.44 -14.14 -16.90
N TYR E 226 17.05 -13.21 -16.03
CA TYR E 226 17.76 -13.04 -14.76
C TYR E 226 17.62 -14.27 -13.86
N LEU E 227 16.48 -14.94 -13.94
CA LEU E 227 16.24 -16.12 -13.10
C LEU E 227 16.88 -17.39 -13.65
N ALA E 228 16.43 -17.83 -14.83
CA ALA E 228 16.85 -19.12 -15.38
C ALA E 228 18.29 -19.12 -15.89
N CYS E 229 18.68 -18.08 -16.61
CA CYS E 229 20.02 -18.00 -17.17
C CYS E 229 20.75 -16.75 -16.68
N PRO E 230 21.16 -16.75 -15.40
CA PRO E 230 21.74 -15.55 -14.77
C PRO E 230 22.99 -15.05 -15.47
N ALA E 231 23.77 -15.98 -16.03
CA ALA E 231 25.07 -15.66 -16.61
C ALA E 231 24.96 -14.80 -17.87
N THR E 232 24.09 -15.19 -18.80
CA THR E 232 24.00 -14.47 -20.07
C THR E 232 23.28 -13.14 -19.88
N TRP E 233 22.36 -13.10 -18.92
CA TRP E 233 21.75 -11.83 -18.52
C TRP E 233 22.85 -11.00 -17.87
N GLY E 234 23.84 -11.71 -17.31
CA GLY E 234 25.04 -11.18 -16.71
C GLY E 234 25.23 -9.70 -16.85
N LYS E 235 26.00 -9.26 -17.82
CA LYS E 235 25.89 -7.84 -18.03
C LYS E 235 25.95 -7.49 -19.49
N LEU E 236 24.77 -7.69 -20.06
CA LEU E 236 24.16 -6.70 -20.89
C LEU E 236 23.51 -5.69 -19.93
N ASN E 237 23.54 -5.88 -18.60
CA ASN E 237 23.07 -4.77 -17.74
C ASN E 237 24.00 -4.50 -16.51
N ASN F 2 -4.27 -41.20 -15.39
CA ASN F 2 -4.84 -40.77 -14.11
C ASN F 2 -4.24 -41.56 -12.94
N ALA F 3 -4.31 -42.88 -13.02
CA ALA F 3 -3.82 -43.78 -11.97
C ALA F 3 -2.42 -43.41 -11.48
N GLN F 4 -1.61 -42.87 -12.39
CA GLN F 4 -0.27 -42.42 -12.03
C GLN F 4 -0.31 -41.39 -10.92
N ALA F 5 -1.24 -40.45 -11.02
CA ALA F 5 -1.38 -39.37 -10.05
C ALA F 5 -1.82 -39.88 -8.68
N GLU F 6 -2.76 -40.82 -8.70
CA GLU F 6 -3.29 -41.39 -7.47
C GLU F 6 -2.19 -42.05 -6.64
N GLU F 7 -1.25 -42.70 -7.32
CA GLU F 7 -0.13 -43.33 -6.64
C GLU F 7 0.79 -42.25 -6.08
N PHE F 8 0.93 -41.15 -6.82
CA PHE F 8 1.71 -40.03 -6.34
C PHE F 8 1.02 -39.39 -5.15
N LYS F 9 -0.31 -39.47 -5.15
CA LYS F 9 -1.09 -38.88 -4.07
C LYS F 9 -0.60 -39.45 -2.76
N LYS F 10 -0.34 -40.76 -2.70
CA LYS F 10 -0.06 -41.26 -1.39
C LYS F 10 1.30 -41.86 -1.20
N TYR F 11 2.12 -41.71 -2.21
CA TYR F 11 3.51 -41.75 -1.99
C TYR F 11 3.83 -40.56 -1.10
N LEU F 12 3.12 -39.46 -1.36
CA LEU F 12 3.32 -38.22 -0.59
C LEU F 12 2.94 -38.33 0.88
N GLU F 13 1.82 -39.00 1.13
CA GLU F 13 1.30 -39.04 2.46
C GLU F 13 1.97 -40.26 3.21
N THR F 14 2.63 -41.16 2.46
CA THR F 14 3.46 -42.23 3.08
C THR F 14 4.77 -41.63 3.59
N ASN F 15 5.04 -40.42 3.15
CA ASN F 15 6.18 -39.64 3.59
C ASN F 15 5.74 -38.57 4.56
N GLY F 16 4.48 -38.64 4.97
CA GLY F 16 3.93 -37.73 5.95
C GLY F 16 3.92 -36.27 5.51
N ILE F 17 3.27 -35.98 4.39
CA ILE F 17 2.93 -34.60 4.07
C ILE F 17 1.43 -34.53 3.81
N LYS F 18 0.78 -33.55 4.45
CA LYS F 18 -0.68 -33.52 4.52
C LYS F 18 -1.27 -32.55 3.51
N PRO F 19 -2.42 -32.91 2.92
CA PRO F 19 -3.07 -32.02 1.95
C PRO F 19 -3.66 -30.79 2.63
N LYS F 20 -3.64 -29.67 1.93
CA LYS F 20 -4.28 -28.46 2.42
C LYS F 20 -5.38 -28.05 1.47
N GLN F 21 -6.59 -27.89 2.00
CA GLN F 21 -7.71 -27.52 1.16
C GLN F 21 -7.67 -26.03 0.85
N PHE F 22 -8.11 -25.67 -0.35
CA PHE F 22 -8.12 -24.28 -0.78
C PHE F 22 -9.51 -23.87 -1.25
N HIS F 23 -9.95 -22.70 -0.81
CA HIS F 23 -11.27 -22.18 -1.17
C HIS F 23 -11.15 -21.19 -2.32
N LYS F 24 -12.29 -20.88 -2.93
CA LYS F 24 -12.41 -19.85 -3.97
C LYS F 24 -11.50 -18.63 -3.76
N LYS F 25 -10.97 -18.11 -4.87
CA LYS F 25 -10.25 -16.83 -4.90
C LYS F 25 -8.93 -16.82 -4.11
N GLU F 26 -8.63 -17.91 -3.40
CA GLU F 26 -7.37 -18.01 -2.69
C GLU F 26 -6.19 -18.19 -3.65
N LEU F 27 -4.99 -17.86 -3.16
CA LEU F 27 -3.79 -17.96 -3.95
C LEU F 27 -2.83 -18.98 -3.34
N ILE F 28 -2.76 -20.17 -3.93
CA ILE F 28 -1.90 -21.25 -3.45
C ILE F 28 -0.44 -20.79 -3.29
N PHE F 29 0.08 -20.09 -4.29
CA PHE F 29 1.34 -19.36 -4.13
C PHE F 29 1.24 -18.05 -4.90
N ASN F 30 2.03 -17.04 -4.53
CA ASN F 30 1.83 -15.71 -5.09
C ASN F 30 3.07 -15.09 -5.73
N GLN F 31 2.85 -14.02 -6.47
CA GLN F 31 3.87 -13.37 -7.28
C GLN F 31 4.88 -12.55 -6.48
N TRP F 32 4.43 -11.92 -5.41
CA TRP F 32 5.22 -10.88 -4.76
C TRP F 32 6.10 -11.39 -3.63
N ASP F 33 5.66 -12.45 -2.96
CA ASP F 33 6.48 -13.10 -1.95
C ASP F 33 6.75 -14.53 -2.40
N PRO F 34 7.71 -14.72 -3.30
CA PRO F 34 7.95 -16.08 -3.79
C PRO F 34 8.80 -16.92 -2.83
N GLN F 35 8.21 -18.00 -2.36
CA GLN F 35 8.94 -19.13 -1.82
C GLN F 35 8.74 -20.21 -2.87
N GLU F 36 9.63 -21.17 -2.93
CA GLU F 36 9.61 -22.11 -4.04
C GLU F 36 8.93 -23.43 -3.68
N TYR F 37 7.87 -23.76 -4.42
CA TYR F 37 7.12 -24.96 -4.13
C TYR F 37 6.99 -25.92 -5.31
N CYS F 38 6.51 -27.11 -5.00
CA CYS F 38 6.01 -28.05 -5.98
C CYS F 38 4.53 -28.30 -5.66
N ILE F 39 3.64 -27.66 -6.41
CA ILE F 39 2.23 -27.74 -6.11
C ILE F 39 1.55 -28.88 -6.84
N PHE F 40 1.51 -30.04 -6.20
CA PHE F 40 0.75 -31.16 -6.72
C PHE F 40 -0.72 -30.91 -6.45
N LEU F 41 -1.36 -30.15 -7.32
CA LEU F 41 -2.81 -29.96 -7.26
C LEU F 41 -3.49 -31.30 -7.46
N TYR F 42 -4.19 -31.78 -6.44
CA TYR F 42 -4.84 -33.09 -6.54
C TYR F 42 -6.19 -32.97 -7.20
N ASP F 43 -7.00 -32.05 -6.70
CA ASP F 43 -8.33 -31.84 -7.25
C ASP F 43 -8.70 -30.36 -7.21
N GLY F 44 -9.50 -29.92 -8.17
CA GLY F 44 -9.93 -28.54 -8.24
C GLY F 44 -9.45 -27.83 -9.49
N ILE F 45 -10.12 -26.72 -9.82
CA ILE F 45 -9.78 -25.92 -10.98
C ILE F 45 -9.04 -24.66 -10.56
N THR F 46 -7.88 -24.43 -11.15
CA THR F 46 -7.10 -23.25 -10.83
C THR F 46 -6.41 -22.68 -12.06
N LYS F 47 -6.18 -21.37 -12.05
CA LYS F 47 -5.51 -20.71 -13.16
C LYS F 47 -4.17 -20.14 -12.72
N LEU F 48 -3.19 -20.17 -13.63
CA LEU F 48 -1.93 -19.49 -13.40
C LEU F 48 -2.01 -18.11 -14.03
N THR F 49 -1.82 -17.07 -13.22
CA THR F 49 -1.99 -15.71 -13.70
C THR F 49 -0.78 -14.83 -13.35
N SER F 50 -0.63 -13.73 -14.09
CA SER F 50 0.50 -12.82 -13.91
C SER F 50 0.08 -11.37 -14.12
N ILE F 51 0.60 -10.46 -13.32
CA ILE F 51 0.23 -9.05 -13.42
C ILE F 51 1.45 -8.14 -13.58
N SER F 52 1.40 -7.29 -14.60
CA SER F 52 2.42 -6.27 -14.76
C SER F 52 2.00 -5.04 -13.96
N GLU F 53 2.89 -4.06 -13.84
CA GLU F 53 2.65 -2.93 -12.96
C GLU F 53 1.63 -1.92 -13.52
N ASN F 54 1.35 -1.97 -14.81
CA ASN F 54 0.38 -1.05 -15.41
C ASN F 54 -1.06 -1.46 -15.08
N GLY F 55 -1.20 -2.61 -14.43
CA GLY F 55 -2.50 -3.09 -14.01
C GLY F 55 -3.20 -3.96 -15.04
N THR F 56 -2.45 -4.91 -15.61
CA THR F 56 -3.00 -5.79 -16.63
C THR F 56 -2.72 -7.25 -16.30
N ILE F 57 -3.79 -8.01 -16.09
CA ILE F 57 -3.67 -9.41 -15.73
C ILE F 57 -3.62 -10.27 -16.97
N MET F 58 -2.89 -11.37 -16.87
CA MET F 58 -2.76 -12.31 -17.98
C MET F 58 -2.99 -13.73 -17.50
N ASN F 59 -4.04 -14.36 -18.00
CA ASN F 59 -4.30 -15.75 -17.69
C ASN F 59 -3.50 -16.65 -18.63
N LEU F 60 -2.31 -17.05 -18.18
CA LEU F 60 -1.43 -17.90 -18.98
C LEU F 60 -2.07 -19.25 -19.25
N GLN F 61 -2.39 -19.97 -18.17
CA GLN F 61 -2.90 -21.32 -18.30
C GLN F 61 -3.87 -21.67 -17.17
N TYR F 62 -4.84 -22.52 -17.47
CA TYR F 62 -5.71 -23.11 -16.46
C TYR F 62 -5.19 -24.48 -16.03
N TYR F 63 -5.44 -24.85 -14.78
CA TYR F 63 -5.00 -26.14 -14.26
C TYR F 63 -6.17 -26.90 -13.65
N LYS F 64 -6.36 -28.14 -14.10
CA LYS F 64 -7.48 -28.97 -13.67
C LYS F 64 -7.00 -30.16 -12.82
N GLY F 65 -7.85 -30.59 -11.89
CA GLY F 65 -7.67 -31.82 -11.13
C GLY F 65 -6.24 -32.18 -10.76
N ALA F 66 -5.79 -33.34 -11.23
CA ALA F 66 -4.45 -33.82 -10.91
C ALA F 66 -3.40 -33.29 -11.89
N PHE F 67 -2.44 -32.53 -11.35
CA PHE F 67 -1.27 -32.06 -12.10
C PHE F 67 -0.30 -31.39 -11.12
N VAL F 68 0.98 -31.37 -11.48
CA VAL F 68 2.01 -30.73 -10.67
C VAL F 68 2.44 -29.37 -11.22
N ILE F 69 2.24 -28.31 -10.44
CA ILE F 69 2.73 -26.98 -10.83
C ILE F 69 3.92 -26.54 -9.94
N MET F 70 5.01 -26.14 -10.58
CA MET F 70 6.23 -25.80 -9.83
C MET F 70 6.64 -24.34 -10.01
N SER F 71 7.04 -23.70 -8.92
CA SER F 71 7.49 -22.31 -8.97
C SER F 71 8.98 -22.21 -8.65
N GLY F 72 9.62 -23.36 -8.45
CA GLY F 72 11.05 -23.38 -8.17
C GLY F 72 11.81 -24.49 -8.91
N PHE F 73 13.09 -24.25 -9.17
CA PHE F 73 13.95 -25.24 -9.81
C PHE F 73 14.34 -26.34 -8.80
N ILE F 74 14.78 -27.49 -9.31
CA ILE F 74 14.98 -28.64 -8.43
C ILE F 74 16.37 -28.79 -7.82
N ASP F 75 17.24 -27.80 -8.00
CA ASP F 75 18.51 -27.79 -7.25
C ASP F 75 19.27 -26.46 -7.27
N THR F 76 18.78 -25.48 -8.01
CA THR F 76 19.24 -24.10 -7.79
C THR F 76 18.37 -23.56 -6.67
N GLU F 77 17.16 -24.15 -6.57
CA GLU F 77 16.20 -23.84 -5.52
C GLU F 77 15.84 -22.36 -5.51
N THR F 78 15.90 -21.75 -6.69
CA THR F 78 15.50 -20.37 -6.88
C THR F 78 14.17 -20.32 -7.62
N SER F 79 13.68 -19.12 -7.89
CA SER F 79 12.40 -18.98 -8.56
C SER F 79 12.52 -19.26 -10.06
N VAL F 80 11.44 -19.74 -10.66
CA VAL F 80 11.40 -19.97 -12.09
C VAL F 80 10.64 -18.83 -12.76
N GLY F 81 10.20 -17.88 -11.96
CA GLY F 81 9.38 -16.77 -12.43
C GLY F 81 8.35 -16.45 -11.37
N TYR F 82 7.89 -15.21 -11.33
CA TYR F 82 6.89 -14.79 -10.34
C TYR F 82 5.48 -14.85 -10.94
N TYR F 83 4.64 -15.76 -10.45
CA TYR F 83 3.30 -15.98 -11.03
C TYR F 83 2.26 -16.18 -9.92
N ASN F 84 0.95 -16.08 -10.18
CA ASN F 84 0.09 -16.58 -9.11
C ASN F 84 -0.78 -17.71 -9.63
N LEU F 85 -1.18 -18.53 -8.67
CA LEU F 85 -2.04 -19.67 -8.86
C LEU F 85 -3.33 -19.50 -8.06
N GLU F 86 -4.35 -18.90 -8.67
CA GLU F 86 -5.62 -18.66 -8.00
C GLU F 86 -6.61 -19.82 -8.18
N VAL F 87 -7.29 -20.22 -7.10
CA VAL F 87 -8.32 -21.24 -7.19
C VAL F 87 -9.56 -20.70 -7.93
N ILE F 88 -10.10 -21.51 -8.82
CA ILE F 88 -11.27 -21.09 -9.61
C ILE F 88 -12.51 -21.85 -9.14
N SER F 89 -12.33 -23.13 -8.83
CA SER F 89 -13.44 -23.92 -8.28
C SER F 89 -13.77 -23.45 -6.86
N GLU F 90 -14.87 -23.95 -6.31
CA GLU F 90 -15.26 -23.58 -4.96
C GLU F 90 -14.21 -24.04 -3.97
N GLN F 91 -13.94 -25.35 -3.97
CA GLN F 91 -12.91 -25.91 -3.11
C GLN F 91 -11.90 -26.69 -3.97
N ALA F 92 -10.64 -26.70 -3.55
CA ALA F 92 -9.59 -27.38 -4.30
C ALA F 92 -8.50 -27.91 -3.35
N THR F 93 -8.26 -29.22 -3.40
CA THR F 93 -7.27 -29.85 -2.55
C THR F 93 -5.91 -29.91 -3.25
N ALA F 94 -4.84 -29.61 -2.51
CA ALA F 94 -3.51 -29.62 -3.09
C ALA F 94 -2.44 -29.92 -2.03
N TYR F 95 -1.42 -30.67 -2.42
CA TYR F 95 -0.29 -30.94 -1.55
C TYR F 95 0.86 -30.00 -1.88
N VAL F 96 1.21 -29.13 -0.95
CA VAL F 96 2.31 -28.21 -1.18
C VAL F 96 3.62 -28.85 -0.72
N ILE F 97 4.68 -28.67 -1.50
CA ILE F 97 5.99 -29.21 -1.13
C ILE F 97 7.09 -28.19 -1.37
N LYS F 98 7.75 -27.78 -0.28
CA LYS F 98 8.99 -27.01 -0.39
C LYS F 98 9.93 -27.85 -1.25
N ILE F 99 10.65 -27.24 -2.18
CA ILE F 99 11.46 -28.06 -3.09
C ILE F 99 12.79 -28.51 -2.44
N ASN F 100 13.19 -27.84 -1.36
CA ASN F 100 14.42 -28.20 -0.66
C ASN F 100 14.37 -29.64 -0.10
N GLU F 101 13.21 -30.27 -0.25
CA GLU F 101 13.03 -31.68 0.13
C GLU F 101 12.57 -32.53 -1.05
N LEU F 102 12.15 -31.89 -2.14
CA LEU F 102 11.59 -32.58 -3.31
C LEU F 102 12.54 -33.58 -3.96
N LYS F 103 13.77 -33.13 -4.20
CA LYS F 103 14.84 -33.91 -4.83
C LYS F 103 14.89 -35.35 -4.35
N GLU F 104 14.96 -35.50 -3.02
CA GLU F 104 15.25 -36.77 -2.37
C GLU F 104 14.02 -37.67 -2.33
N LEU F 105 12.85 -37.07 -2.54
CA LEU F 105 11.60 -37.79 -2.47
C LEU F 105 11.26 -38.42 -3.81
N LEU F 106 11.86 -37.87 -4.85
CA LEU F 106 11.68 -38.40 -6.18
C LEU F 106 12.77 -39.41 -6.51
N SER F 107 13.93 -39.23 -5.89
CA SER F 107 15.04 -40.17 -6.02
C SER F 107 14.72 -41.50 -5.34
N LYS F 108 13.95 -41.43 -4.26
CA LYS F 108 13.59 -42.62 -3.49
C LYS F 108 12.76 -43.59 -4.32
N ASN F 109 11.82 -43.03 -5.08
CA ASN F 109 10.96 -43.82 -5.95
C ASN F 109 10.96 -43.27 -7.37
N LEU F 110 11.65 -43.95 -8.27
CA LEU F 110 11.80 -43.47 -9.65
C LEU F 110 10.48 -43.50 -10.41
N THR F 111 9.61 -44.44 -10.06
CA THR F 111 8.30 -44.58 -10.69
C THR F 111 7.48 -43.30 -10.58
N HIS F 112 7.61 -42.63 -9.44
CA HIS F 112 6.91 -41.36 -9.24
C HIS F 112 7.68 -40.25 -9.85
N PHE F 113 8.98 -40.47 -9.98
CA PHE F 113 9.78 -39.40 -10.50
C PHE F 113 9.39 -39.14 -11.96
N PHE F 114 9.09 -40.20 -12.72
CA PHE F 114 8.85 -40.01 -14.14
C PHE F 114 7.41 -39.52 -14.36
N TYR F 115 6.58 -39.63 -13.32
CA TYR F 115 5.27 -39.02 -13.34
C TYR F 115 5.40 -37.51 -13.39
N VAL F 116 6.32 -36.98 -12.59
CA VAL F 116 6.59 -35.55 -12.58
C VAL F 116 7.26 -35.12 -13.88
N PHE F 117 8.12 -35.99 -14.40
CA PHE F 117 8.77 -35.73 -15.69
C PHE F 117 7.72 -35.73 -16.80
N GLN F 118 6.94 -36.80 -16.87
CA GLN F 118 5.87 -36.95 -17.86
C GLN F 118 4.97 -35.74 -17.87
N THR F 119 4.68 -35.20 -16.69
CA THR F 119 3.73 -34.12 -16.59
C THR F 119 4.39 -32.80 -16.97
N LEU F 120 5.72 -32.73 -16.87
CA LEU F 120 6.44 -31.54 -17.33
C LEU F 120 6.51 -31.51 -18.86
N GLN F 121 6.77 -32.68 -19.44
CA GLN F 121 6.84 -32.81 -20.89
C GLN F 121 5.50 -32.56 -21.54
N LYS F 122 4.45 -32.71 -20.75
CA LYS F 122 3.11 -32.46 -21.23
C LYS F 122 2.80 -30.98 -21.15
N GLN F 123 3.52 -30.28 -20.28
CA GLN F 123 3.40 -28.83 -20.18
C GLN F 123 4.14 -28.14 -21.30
N VAL F 124 5.39 -28.54 -21.52
CA VAL F 124 6.20 -28.01 -22.61
C VAL F 124 5.52 -28.16 -23.96
N SER F 125 4.98 -29.36 -24.21
CA SER F 125 4.22 -29.64 -25.42
C SER F 125 2.96 -28.78 -25.50
N TYR F 126 2.34 -28.54 -24.36
CA TYR F 126 1.12 -27.75 -24.30
C TYR F 126 1.36 -26.28 -24.64
N SER F 127 2.40 -25.70 -24.06
CA SER F 127 2.71 -24.29 -24.27
C SER F 127 3.06 -24.03 -25.72
N LEU F 128 3.83 -24.93 -26.31
CA LEU F 128 4.20 -24.82 -27.71
C LEU F 128 2.97 -24.93 -28.61
N ALA F 129 2.16 -25.96 -28.38
CA ALA F 129 0.94 -26.16 -29.16
C ALA F 129 -0.02 -24.98 -29.03
N LYS F 130 0.07 -24.26 -27.92
CA LYS F 130 -0.80 -23.12 -27.65
C LYS F 130 -0.22 -21.88 -28.31
N PHE F 131 1.07 -21.66 -28.07
CA PHE F 131 1.80 -20.54 -28.65
C PHE F 131 1.60 -20.49 -30.16
N ASN F 132 1.52 -21.68 -30.76
CA ASN F 132 1.33 -21.83 -32.20
C ASN F 132 0.00 -21.26 -32.67
N ASP F 133 -1.08 -21.90 -32.26
CA ASP F 133 -2.44 -21.53 -32.69
C ASP F 133 -2.79 -20.09 -32.35
N PHE F 134 -2.30 -19.61 -31.22
CA PHE F 134 -2.63 -18.28 -30.78
C PHE F 134 -1.97 -17.20 -31.63
N SER F 135 -0.72 -17.45 -32.03
CA SER F 135 0.08 -16.43 -32.71
C SER F 135 -0.26 -16.25 -34.20
N ILE F 136 -0.80 -17.28 -34.84
CA ILE F 136 -0.93 -17.22 -36.30
C ILE F 136 -2.22 -16.56 -36.80
N ASN F 137 -3.34 -16.79 -36.11
CA ASN F 137 -4.61 -16.19 -36.52
C ASN F 137 -5.07 -15.01 -35.68
N GLY F 138 -4.12 -14.34 -35.03
CA GLY F 138 -4.43 -13.16 -34.24
C GLY F 138 -5.34 -13.41 -33.05
N LYS F 139 -6.01 -12.36 -32.58
CA LYS F 139 -6.84 -12.44 -31.38
C LYS F 139 -8.11 -13.29 -31.58
N LEU F 140 -8.58 -13.38 -32.82
CA LEU F 140 -9.77 -14.18 -33.11
C LEU F 140 -9.45 -15.66 -32.98
N GLY F 141 -8.29 -16.06 -33.49
CA GLY F 141 -7.86 -17.45 -33.40
C GLY F 141 -7.53 -17.84 -31.98
N SER F 142 -6.96 -16.89 -31.24
CA SER F 142 -6.60 -17.11 -29.84
C SER F 142 -7.83 -17.42 -28.99
N ILE F 143 -8.90 -16.64 -29.16
CA ILE F 143 -10.15 -16.91 -28.45
C ILE F 143 -10.67 -18.29 -28.83
N CYS F 144 -10.68 -18.57 -30.14
CA CYS F 144 -11.07 -19.88 -30.64
C CYS F 144 -10.20 -20.97 -30.02
N GLY F 145 -8.93 -20.63 -29.83
CA GLY F 145 -7.99 -21.53 -29.18
C GLY F 145 -8.42 -21.86 -27.77
N GLN F 146 -8.71 -20.83 -26.99
CA GLN F 146 -9.13 -21.02 -25.60
C GLN F 146 -10.45 -21.77 -25.49
N LEU F 147 -11.41 -21.39 -26.33
CA LEU F 147 -12.71 -22.05 -26.32
C LEU F 147 -12.57 -23.53 -26.66
N LEU F 148 -11.70 -23.83 -27.63
CA LEU F 148 -11.41 -25.21 -28.00
C LEU F 148 -10.82 -25.95 -26.82
N ILE F 149 -9.84 -25.33 -26.16
CA ILE F 149 -9.24 -25.91 -24.98
C ILE F 149 -10.29 -26.21 -23.92
N LEU F 150 -10.98 -25.17 -23.48
CA LEU F 150 -12.00 -25.28 -22.42
C LEU F 150 -13.06 -26.33 -22.71
N THR F 151 -13.50 -26.38 -23.97
CA THR F 151 -14.54 -27.32 -24.37
C THR F 151 -14.07 -28.77 -24.23
N TYR F 152 -12.77 -29.00 -24.40
CA TYR F 152 -12.22 -30.34 -24.30
C TYR F 152 -12.08 -30.80 -22.87
N VAL F 153 -11.86 -29.86 -21.96
CA VAL F 153 -11.51 -30.20 -20.59
C VAL F 153 -12.64 -29.91 -19.60
N TYR F 154 -13.49 -28.93 -19.91
CA TYR F 154 -14.61 -28.61 -19.03
C TYR F 154 -15.97 -28.71 -19.72
N GLY F 155 -16.14 -29.71 -20.58
CA GLY F 155 -17.37 -29.82 -21.35
C GLY F 155 -18.02 -31.19 -21.40
N LYS F 156 -19.34 -31.22 -21.57
CA LYS F 156 -20.04 -32.46 -21.91
C LYS F 156 -21.42 -32.16 -22.51
N GLU F 157 -22.04 -33.18 -23.10
CA GLU F 157 -23.09 -32.97 -24.09
C GLU F 157 -24.47 -32.56 -23.57
N THR F 158 -25.09 -31.68 -24.35
CA THR F 158 -26.49 -31.30 -24.18
C THR F 158 -27.11 -31.28 -25.57
N PRO F 159 -28.46 -31.25 -25.65
CA PRO F 159 -29.07 -30.92 -26.93
C PRO F 159 -28.81 -29.46 -27.28
N ASP F 160 -28.65 -28.64 -26.24
CA ASP F 160 -28.31 -27.23 -26.40
C ASP F 160 -26.90 -27.02 -26.94
N GLY F 161 -26.09 -28.08 -26.92
CA GLY F 161 -24.72 -28.03 -27.37
C GLY F 161 -23.75 -28.73 -26.43
N ILE F 162 -22.62 -28.07 -26.16
CA ILE F 162 -21.57 -28.59 -25.28
C ILE F 162 -21.15 -27.49 -24.29
N LYS F 163 -21.29 -27.75 -22.99
CA LYS F 163 -21.11 -26.68 -22.02
C LYS F 163 -19.72 -26.62 -21.40
N ILE F 164 -19.14 -25.42 -21.36
CA ILE F 164 -17.98 -25.07 -20.54
C ILE F 164 -18.34 -25.16 -19.05
N THR F 165 -18.66 -26.37 -18.55
CA THR F 165 -18.96 -26.53 -17.13
C THR F 165 -17.87 -25.88 -16.29
N LEU F 166 -18.03 -24.56 -16.08
CA LEU F 166 -17.07 -23.71 -15.41
C LEU F 166 -17.82 -22.40 -15.19
N ASP F 167 -18.44 -22.26 -14.01
CA ASP F 167 -19.59 -21.36 -13.85
C ASP F 167 -19.29 -19.85 -13.83
N ASN F 168 -18.04 -19.47 -13.59
CA ASN F 168 -17.70 -18.05 -13.69
C ASN F 168 -17.58 -17.66 -15.15
N LEU F 169 -16.36 -17.72 -15.68
CA LEU F 169 -16.07 -17.51 -17.10
C LEU F 169 -16.76 -16.28 -17.68
N THR F 170 -16.36 -15.11 -17.20
CA THR F 170 -16.77 -13.86 -17.81
C THR F 170 -16.00 -13.69 -19.12
N MET F 171 -16.54 -12.90 -20.05
CA MET F 171 -15.81 -12.57 -21.27
C MET F 171 -14.54 -11.83 -20.86
N GLN F 172 -14.71 -10.98 -19.86
CA GLN F 172 -13.62 -10.38 -19.10
C GLN F 172 -12.45 -11.35 -18.90
N GLU F 173 -12.73 -12.47 -18.24
CA GLU F 173 -11.70 -13.47 -17.96
C GLU F 173 -11.20 -14.17 -19.22
N LEU F 174 -12.12 -14.50 -20.12
CA LEU F 174 -11.77 -15.12 -21.38
C LEU F 174 -10.89 -14.15 -22.20
N GLY F 175 -11.16 -12.86 -22.06
CA GLY F 175 -10.33 -11.85 -22.69
C GLY F 175 -8.90 -11.91 -22.17
N TYR F 176 -8.77 -12.02 -20.86
CA TYR F 176 -7.47 -12.10 -20.22
C TYR F 176 -6.69 -13.33 -20.67
N SER F 177 -7.41 -14.38 -21.02
CA SER F 177 -6.80 -15.65 -21.40
C SER F 177 -5.98 -15.53 -22.69
N SER F 178 -6.18 -14.45 -23.43
CA SER F 178 -5.48 -14.27 -24.70
C SER F 178 -5.13 -12.82 -25.01
N GLY F 179 -4.50 -12.13 -24.04
CA GLY F 179 -3.91 -10.83 -24.29
C GLY F 179 -4.84 -9.64 -24.45
N ILE F 180 -6.13 -9.89 -24.67
CA ILE F 180 -7.10 -8.79 -24.77
C ILE F 180 -7.36 -8.15 -23.41
N ALA F 181 -7.20 -6.83 -23.35
CA ALA F 181 -7.33 -6.11 -22.09
C ALA F 181 -8.70 -5.45 -21.94
N HIS F 182 -9.32 -5.13 -23.08
CA HIS F 182 -10.62 -4.48 -23.07
C HIS F 182 -11.75 -5.48 -23.33
N SER F 183 -12.80 -5.41 -22.52
CA SER F 183 -13.86 -6.40 -22.52
C SER F 183 -14.72 -6.37 -23.79
N SER F 184 -14.87 -5.20 -24.40
CA SER F 184 -15.70 -5.05 -25.60
C SER F 184 -15.14 -5.79 -26.82
N ALA F 185 -13.81 -5.89 -26.91
CA ALA F 185 -13.18 -6.60 -28.02
C ALA F 185 -13.57 -8.08 -28.01
N VAL F 186 -13.63 -8.65 -26.82
CA VAL F 186 -14.05 -10.05 -26.67
C VAL F 186 -15.53 -10.15 -27.04
N SER F 187 -16.31 -9.18 -26.59
CA SER F 187 -17.72 -9.11 -26.93
C SER F 187 -17.91 -9.00 -28.44
N ARG F 188 -16.93 -8.40 -29.12
CA ARG F 188 -17.01 -8.19 -30.56
C ARG F 188 -16.84 -9.49 -31.34
N ILE F 189 -15.81 -10.26 -31.00
CA ILE F 189 -15.50 -11.49 -31.72
C ILE F 189 -16.49 -12.60 -31.36
N ILE F 190 -17.04 -12.51 -30.15
CA ILE F 190 -18.03 -13.48 -29.69
C ILE F 190 -19.35 -13.25 -30.40
N SER F 191 -19.70 -11.99 -30.62
CA SER F 191 -20.89 -11.65 -31.40
C SER F 191 -20.83 -12.32 -32.76
N LYS F 192 -19.73 -12.09 -33.48
CA LYS F 192 -19.47 -12.70 -34.77
C LYS F 192 -19.49 -14.23 -34.72
N LEU F 193 -19.11 -14.79 -33.57
CA LEU F 193 -19.08 -16.23 -33.40
C LEU F 193 -20.49 -16.81 -33.40
N LYS F 194 -21.39 -16.19 -32.65
CA LYS F 194 -22.79 -16.61 -32.66
C LYS F 194 -23.37 -16.38 -34.05
N GLN F 195 -22.94 -15.29 -34.68
CA GLN F 195 -23.28 -15.00 -36.07
C GLN F 195 -22.89 -16.16 -36.98
N GLU F 196 -21.78 -16.81 -36.65
CA GLU F 196 -21.26 -17.91 -37.44
C GLU F 196 -21.76 -19.26 -36.92
N LYS F 197 -22.89 -19.24 -36.22
CA LYS F 197 -23.60 -20.45 -35.79
C LYS F 197 -22.68 -21.48 -35.09
N VAL F 198 -21.61 -21.00 -34.46
CA VAL F 198 -20.70 -21.93 -33.81
C VAL F 198 -20.97 -22.01 -32.29
N ILE F 199 -21.38 -20.90 -31.68
CA ILE F 199 -21.67 -20.90 -30.25
C ILE F 199 -23.04 -20.26 -29.95
N VAL F 200 -23.54 -20.49 -28.74
CA VAL F 200 -24.65 -19.74 -28.16
C VAL F 200 -24.28 -19.35 -26.72
N TYR F 201 -24.77 -18.20 -26.27
CA TYR F 201 -24.49 -17.75 -24.90
C TYR F 201 -25.75 -17.78 -24.04
N LYS F 202 -25.97 -18.89 -23.34
CA LYS F 202 -27.23 -19.10 -22.60
C LYS F 202 -26.97 -19.40 -21.11
N ASN F 203 -27.85 -18.89 -20.25
CA ASN F 203 -27.74 -19.05 -18.79
C ASN F 203 -26.40 -18.54 -18.25
N SER F 204 -25.92 -17.46 -18.84
CA SER F 204 -24.58 -16.90 -18.59
C SER F 204 -23.45 -17.92 -18.77
N CYS F 205 -23.59 -18.79 -19.77
CA CYS F 205 -22.63 -19.89 -19.99
C CYS F 205 -22.58 -20.31 -21.46
N PHE F 206 -21.37 -20.52 -21.97
CA PHE F 206 -21.13 -20.79 -23.39
C PHE F 206 -21.36 -22.27 -23.76
N TYR F 207 -22.35 -22.54 -24.62
CA TYR F 207 -22.59 -23.87 -25.19
C TYR F 207 -22.18 -23.89 -26.66
N VAL F 208 -21.09 -24.60 -27.01
CA VAL F 208 -20.65 -24.62 -28.41
C VAL F 208 -21.49 -25.54 -29.29
N GLN F 209 -21.49 -25.28 -30.60
CA GLN F 209 -22.33 -26.04 -31.54
C GLN F 209 -21.49 -26.70 -32.64
N ASN F 210 -20.47 -25.98 -33.11
CA ASN F 210 -19.67 -26.41 -34.25
C ASN F 210 -18.20 -26.54 -33.86
N LEU F 211 -17.82 -27.70 -33.36
CA LEU F 211 -16.49 -27.91 -32.80
C LEU F 211 -15.37 -27.72 -33.83
N ASP F 212 -15.62 -28.13 -35.07
CA ASP F 212 -14.57 -28.10 -36.09
C ASP F 212 -14.22 -26.69 -36.57
N TYR F 213 -15.13 -25.74 -36.37
CA TYR F 213 -14.82 -24.34 -36.65
C TYR F 213 -13.66 -23.88 -35.75
N LEU F 214 -13.63 -24.42 -34.53
CA LEU F 214 -12.57 -24.11 -33.57
C LEU F 214 -11.30 -24.88 -33.91
N LYS F 215 -11.45 -26.07 -34.46
CA LYS F 215 -10.29 -26.89 -34.80
C LYS F 215 -9.54 -26.29 -35.98
N ARG F 216 -10.27 -25.62 -36.87
CA ARG F 216 -9.66 -24.91 -37.99
C ARG F 216 -8.70 -23.83 -37.49
N TYR F 217 -9.20 -22.97 -36.60
CA TYR F 217 -8.40 -21.85 -36.08
C TYR F 217 -7.36 -22.28 -35.05
N ALA F 218 -7.61 -23.41 -34.38
CA ALA F 218 -6.67 -23.91 -33.40
C ALA F 218 -6.31 -25.38 -33.64
N PRO F 219 -5.61 -25.67 -34.75
CA PRO F 219 -5.30 -27.06 -35.08
C PRO F 219 -4.24 -27.70 -34.18
N LYS F 220 -3.16 -26.97 -33.91
CA LYS F 220 -2.04 -27.52 -33.13
C LYS F 220 -2.48 -27.94 -31.73
N LEU F 221 -3.43 -27.19 -31.18
CA LEU F 221 -4.02 -27.54 -29.89
C LEU F 221 -4.85 -28.82 -30.01
N ASP F 222 -5.71 -28.89 -31.02
CA ASP F 222 -6.62 -30.01 -31.18
C ASP F 222 -5.90 -31.35 -31.27
N GLU F 223 -4.76 -31.39 -31.95
CA GLU F 223 -4.04 -32.65 -32.07
C GLU F 223 -3.19 -32.89 -30.83
N TRP F 224 -2.83 -31.84 -30.11
CA TRP F 224 -2.14 -32.01 -28.82
C TRP F 224 -2.99 -32.86 -27.89
N PHE F 225 -4.31 -32.73 -28.01
CA PHE F 225 -5.23 -33.55 -27.23
C PHE F 225 -5.32 -34.96 -27.78
N TYR F 226 -4.99 -35.13 -29.06
CA TYR F 226 -4.94 -36.45 -29.67
C TYR F 226 -3.71 -37.18 -29.14
N LEU F 227 -2.58 -36.46 -29.08
CA LEU F 227 -1.31 -37.04 -28.67
C LEU F 227 -1.29 -37.35 -27.18
N ALA F 228 -1.34 -36.31 -26.36
CA ALA F 228 -1.55 -36.48 -24.91
C ALA F 228 -3.03 -36.25 -24.59
N CYS F 229 -3.50 -36.78 -23.47
CA CYS F 229 -4.92 -36.80 -23.11
C CYS F 229 -5.83 -37.39 -24.19
N PRO F 230 -5.52 -38.59 -24.70
CA PRO F 230 -6.41 -39.07 -25.76
C PRO F 230 -7.81 -39.40 -25.24
N ALA F 231 -7.91 -39.71 -23.94
CA ALA F 231 -9.20 -40.01 -23.34
C ALA F 231 -10.15 -38.82 -23.45
N THR F 232 -9.68 -37.67 -22.97
CA THR F 232 -10.48 -36.45 -23.01
C THR F 232 -10.80 -36.04 -24.44
N TRP F 233 -9.89 -36.33 -25.36
CA TRP F 233 -10.13 -36.11 -26.78
C TRP F 233 -11.10 -37.15 -27.30
N GLY F 234 -10.98 -38.37 -26.80
CA GLY F 234 -11.77 -39.49 -27.26
C GLY F 234 -13.26 -39.32 -27.02
N LYS F 235 -13.60 -38.60 -25.95
CA LYS F 235 -14.99 -38.34 -25.63
C LYS F 235 -15.67 -37.55 -26.74
N LEU F 236 -15.22 -36.31 -26.92
CA LEU F 236 -15.80 -35.45 -27.95
C LEU F 236 -15.43 -35.93 -29.35
N ASN F 237 -14.32 -36.66 -29.45
CA ASN F 237 -13.81 -37.18 -30.72
C ASN F 237 -13.59 -36.06 -31.75
N ALA I 3 15.00 19.97 -18.18
CA ALA I 3 13.90 19.90 -19.15
C ALA I 3 13.56 21.28 -19.67
N GLN I 4 13.64 22.26 -18.79
CA GLN I 4 13.48 23.65 -19.18
C GLN I 4 14.72 24.05 -19.97
N ALA I 5 15.83 23.39 -19.68
CA ALA I 5 17.13 23.72 -20.25
C ALA I 5 17.16 23.49 -21.75
N GLU I 6 16.26 22.64 -22.23
CA GLU I 6 16.14 22.38 -23.65
C GLU I 6 15.83 23.64 -24.46
N GLU I 7 14.98 24.50 -23.90
CA GLU I 7 14.63 25.74 -24.61
C GLU I 7 15.69 26.81 -24.34
N PHE I 8 16.44 26.65 -23.24
CA PHE I 8 17.57 27.53 -22.98
C PHE I 8 18.61 27.37 -24.09
N LYS I 9 18.74 26.15 -24.59
CA LYS I 9 19.68 25.81 -25.65
C LYS I 9 19.36 26.52 -26.98
N LYS I 10 18.11 26.40 -27.42
CA LYS I 10 17.65 27.04 -28.65
C LYS I 10 17.93 28.53 -28.60
N TYR I 11 17.66 29.13 -27.44
CA TYR I 11 17.93 30.54 -27.19
C TYR I 11 19.39 30.86 -27.50
N LEU I 12 20.28 30.06 -26.91
CA LEU I 12 21.71 30.25 -27.08
C LEU I 12 22.15 30.04 -28.53
N GLU I 13 21.36 29.27 -29.27
CA GLU I 13 21.68 28.94 -30.66
C GLU I 13 21.08 29.91 -31.66
N THR I 14 20.01 30.59 -31.28
CA THR I 14 19.42 31.61 -32.13
C THR I 14 20.25 32.89 -32.05
N ASN I 15 20.93 33.07 -30.92
CA ASN I 15 21.76 34.24 -30.71
C ASN I 15 23.22 33.98 -31.04
N GLY I 16 23.49 32.85 -31.69
CA GLY I 16 24.81 32.59 -32.22
C GLY I 16 25.58 31.45 -31.58
N ILE I 17 26.13 31.69 -30.40
CA ILE I 17 27.07 30.77 -29.73
C ILE I 17 26.64 29.30 -29.76
N LYS I 18 27.57 28.44 -30.16
CA LYS I 18 27.28 27.05 -30.52
C LYS I 18 27.96 26.03 -29.59
N PRO I 19 27.43 24.79 -29.54
CA PRO I 19 27.98 23.81 -28.60
C PRO I 19 29.39 23.35 -28.97
N LYS I 20 30.32 23.50 -28.04
CA LYS I 20 31.66 22.96 -28.18
C LYS I 20 31.72 21.58 -27.54
N GLN I 21 32.46 20.66 -28.16
CA GLN I 21 32.59 19.30 -27.63
C GLN I 21 33.90 19.12 -26.90
N PHE I 22 33.84 18.51 -25.72
CA PHE I 22 35.04 18.25 -24.93
C PHE I 22 35.24 16.76 -24.69
N HIS I 23 36.50 16.33 -24.72
CA HIS I 23 36.83 14.94 -24.46
C HIS I 23 37.21 14.76 -23.00
N LYS I 24 37.18 13.52 -22.53
CA LYS I 24 37.67 13.09 -21.22
C LYS I 24 38.93 13.84 -20.77
N LYS I 25 39.00 14.10 -19.46
CA LYS I 25 40.21 14.49 -18.76
C LYS I 25 40.70 15.92 -19.05
N GLU I 26 40.09 16.61 -19.99
CA GLU I 26 40.55 17.98 -20.29
C GLU I 26 39.68 19.03 -19.60
N LEU I 27 40.27 20.21 -19.41
CA LEU I 27 39.66 21.24 -18.58
C LEU I 27 38.94 22.30 -19.40
N ILE I 28 37.62 22.39 -19.21
CA ILE I 28 36.81 23.38 -19.91
C ILE I 28 37.32 24.80 -19.60
N PHE I 29 37.36 25.15 -18.32
CA PHE I 29 38.20 26.27 -17.89
C PHE I 29 39.16 25.74 -16.84
N ASN I 30 40.16 26.54 -16.50
CA ASN I 30 41.18 26.11 -15.57
C ASN I 30 41.51 27.22 -14.58
N GLN I 31 42.18 26.86 -13.50
CA GLN I 31 42.39 27.82 -12.42
C GLN I 31 43.46 28.86 -12.75
N TRP I 32 44.02 28.82 -13.96
CA TRP I 32 45.00 29.82 -14.35
C TRP I 32 44.56 30.67 -15.54
N ASP I 33 43.32 30.47 -15.98
CA ASP I 33 42.76 31.22 -17.11
C ASP I 33 42.36 32.64 -16.69
N PRO I 34 42.87 33.66 -17.42
CA PRO I 34 42.55 35.07 -17.17
C PRO I 34 41.11 35.43 -17.54
N GLN I 35 40.52 34.66 -18.44
CA GLN I 35 39.13 34.88 -18.83
C GLN I 35 38.18 34.19 -17.85
N GLU I 36 37.06 34.85 -17.59
CA GLU I 36 36.04 34.31 -16.71
C GLU I 36 34.76 34.06 -17.53
N TYR I 37 34.29 32.81 -17.51
CA TYR I 37 33.14 32.45 -18.33
C TYR I 37 31.93 32.01 -17.52
N CYS I 38 30.77 32.09 -18.15
CA CYS I 38 29.62 31.30 -17.76
C CYS I 38 29.63 30.06 -18.62
N ILE I 39 29.10 28.96 -18.12
CA ILE I 39 29.14 27.70 -18.87
C ILE I 39 27.84 26.93 -18.81
N PHE I 40 27.22 26.70 -19.96
CA PHE I 40 26.09 25.79 -20.01
C PHE I 40 26.57 24.40 -20.37
N LEU I 41 26.81 23.58 -19.35
CA LEU I 41 27.11 22.17 -19.56
C LEU I 41 25.83 21.43 -19.92
N TYR I 42 25.70 21.02 -21.17
CA TYR I 42 24.44 20.48 -21.66
C TYR I 42 24.31 18.97 -21.48
N ASP I 43 25.41 18.25 -21.66
CA ASP I 43 25.39 16.79 -21.53
C ASP I 43 26.77 16.24 -21.21
N GLY I 44 26.85 15.46 -20.13
CA GLY I 44 28.11 14.89 -19.71
C GLY I 44 28.42 15.14 -18.26
N ILE I 45 29.30 14.32 -17.71
CA ILE I 45 29.72 14.42 -16.32
C ILE I 45 31.05 15.18 -16.22
N THR I 46 31.10 16.14 -15.30
CA THR I 46 32.35 16.85 -15.01
C THR I 46 32.58 17.00 -13.51
N LYS I 47 33.80 17.36 -13.13
CA LYS I 47 34.11 17.65 -11.75
C LYS I 47 34.80 19.01 -11.62
N LEU I 48 34.65 19.64 -10.46
CA LEU I 48 35.28 20.92 -10.18
C LEU I 48 36.39 20.74 -9.16
N THR I 49 37.63 21.05 -9.55
CA THR I 49 38.77 20.76 -8.68
C THR I 49 39.58 21.99 -8.28
N SER I 50 40.37 21.83 -7.22
CA SER I 50 41.26 22.88 -6.73
C SER I 50 42.61 22.29 -6.37
N ILE I 51 43.65 22.73 -7.06
CA ILE I 51 45.02 22.31 -6.75
C ILE I 51 45.74 23.44 -6.02
N SER I 52 46.36 23.12 -4.88
CA SER I 52 47.03 24.13 -4.08
C SER I 52 48.48 24.34 -4.51
N GLU I 53 49.21 25.12 -3.71
CA GLU I 53 50.62 25.38 -3.95
C GLU I 53 51.46 24.10 -4.00
N ASN I 54 51.30 23.25 -2.99
CA ASN I 54 52.14 22.06 -2.84
C ASN I 54 51.71 20.89 -3.73
N GLY I 55 50.48 20.97 -4.26
CA GLY I 55 50.03 19.97 -5.20
C GLY I 55 48.86 19.11 -4.75
N THR I 56 48.48 19.22 -3.48
CA THR I 56 47.33 18.47 -2.98
C THR I 56 46.06 18.97 -3.64
N ILE I 57 45.25 18.04 -4.16
CA ILE I 57 44.06 18.42 -4.91
C ILE I 57 42.79 18.09 -4.13
N MET I 58 41.69 18.69 -4.56
CA MET I 58 40.44 18.62 -3.85
C MET I 58 39.26 18.61 -4.84
N ASN I 59 38.47 17.56 -4.81
CA ASN I 59 37.24 17.53 -5.61
C ASN I 59 36.10 18.20 -4.86
N LEU I 60 35.73 19.39 -5.32
CA LEU I 60 34.64 20.14 -4.68
C LEU I 60 33.27 19.54 -4.98
N GLN I 61 33.01 19.29 -6.26
CA GLN I 61 31.68 18.91 -6.70
C GLN I 61 31.65 18.24 -8.08
N TYR I 62 30.63 17.41 -8.30
CA TYR I 62 30.36 16.85 -9.62
C TYR I 62 29.23 17.62 -10.29
N TYR I 63 29.40 17.96 -11.57
CA TYR I 63 28.29 18.54 -12.34
C TYR I 63 27.87 17.60 -13.45
N LYS I 64 26.55 17.50 -13.65
CA LYS I 64 25.98 16.50 -14.54
C LYS I 64 24.85 17.07 -15.38
N GLY I 65 24.62 16.46 -16.54
CA GLY I 65 23.45 16.75 -17.36
C GLY I 65 23.46 18.21 -17.76
N ALA I 66 22.31 18.86 -17.58
CA ALA I 66 22.22 20.29 -17.83
C ALA I 66 22.43 21.07 -16.54
N PHE I 67 23.44 21.94 -16.54
CA PHE I 67 23.69 22.83 -15.40
C PHE I 67 24.55 24.00 -15.86
N VAL I 68 24.63 25.04 -15.04
CA VAL I 68 25.51 26.16 -15.36
C VAL I 68 26.60 26.31 -14.30
N ILE I 69 27.83 26.52 -14.77
CA ILE I 69 28.96 26.76 -13.87
C ILE I 69 29.58 28.09 -14.22
N MET I 70 29.59 29.01 -13.26
CA MET I 70 30.07 30.37 -13.50
C MET I 70 31.37 30.61 -12.73
N SER I 71 32.38 31.05 -13.46
CA SER I 71 33.69 31.29 -12.87
C SER I 71 33.90 32.79 -12.69
N GLY I 72 32.87 33.56 -13.01
CA GLY I 72 32.92 34.99 -12.88
C GLY I 72 31.56 35.57 -12.53
N PHE I 73 31.55 36.62 -11.72
CA PHE I 73 30.32 37.31 -11.35
C PHE I 73 29.71 37.99 -12.57
N ILE I 74 28.39 38.14 -12.59
CA ILE I 74 27.75 38.82 -13.71
C ILE I 74 28.00 40.31 -13.65
N ASP I 75 27.95 40.85 -12.44
CA ASP I 75 28.02 42.30 -12.21
C ASP I 75 29.27 42.96 -12.79
N THR I 76 30.42 42.48 -12.35
CA THR I 76 31.70 43.15 -12.53
C THR I 76 32.60 42.29 -13.38
N GLU I 77 32.13 41.08 -13.69
CA GLU I 77 32.80 40.17 -14.61
C GLU I 77 34.16 39.72 -14.06
N THR I 78 34.36 39.90 -12.76
CA THR I 78 35.61 39.52 -12.11
C THR I 78 35.54 38.07 -11.62
N SER I 79 36.69 37.50 -11.27
CA SER I 79 36.77 36.09 -10.88
C SER I 79 36.12 35.79 -9.54
N VAL I 80 35.43 34.66 -9.46
CA VAL I 80 34.76 34.24 -8.24
C VAL I 80 35.60 33.22 -7.47
N GLY I 81 36.65 32.73 -8.10
CA GLY I 81 37.50 31.72 -7.51
C GLY I 81 38.20 30.88 -8.54
N TYR I 82 39.49 30.65 -8.32
CA TYR I 82 40.32 29.93 -9.28
C TYR I 82 40.10 28.42 -9.19
N TYR I 83 39.28 27.89 -10.10
CA TYR I 83 38.97 26.48 -10.08
C TYR I 83 39.14 25.83 -11.46
N ASN I 84 39.06 24.50 -11.51
CA ASN I 84 39.16 23.74 -12.74
C ASN I 84 37.90 22.94 -13.00
N LEU I 85 37.36 23.02 -14.21
CA LEU I 85 36.26 22.14 -14.61
C LEU I 85 36.80 21.04 -15.49
N GLU I 86 36.80 19.81 -14.98
CA GLU I 86 37.39 18.68 -15.70
C GLU I 86 36.32 17.69 -16.16
N VAL I 87 36.39 17.30 -17.43
CA VAL I 87 35.45 16.34 -17.98
C VAL I 87 35.70 14.90 -17.49
N ILE I 88 34.64 14.24 -17.00
CA ILE I 88 34.76 12.84 -16.60
C ILE I 88 33.79 11.96 -17.39
N SER I 89 33.07 12.54 -18.34
CA SER I 89 32.26 11.72 -19.23
C SER I 89 33.00 11.65 -20.55
N GLU I 90 33.04 10.45 -21.15
CA GLU I 90 33.95 10.20 -22.26
C GLU I 90 33.79 11.23 -23.36
N GLN I 91 32.62 11.87 -23.40
CA GLN I 91 32.40 13.04 -24.23
C GLN I 91 31.50 14.02 -23.48
N ALA I 92 31.85 15.30 -23.53
CA ALA I 92 31.03 16.34 -22.91
C ALA I 92 30.75 17.46 -23.90
N THR I 93 29.48 17.85 -24.00
CA THR I 93 29.12 19.01 -24.81
C THR I 93 28.69 20.14 -23.89
N ALA I 94 29.21 21.34 -24.15
CA ALA I 94 28.95 22.46 -23.26
C ALA I 94 29.08 23.80 -23.98
N TYR I 95 28.23 24.75 -23.61
CA TYR I 95 28.19 26.06 -24.24
C TYR I 95 29.04 27.07 -23.49
N VAL I 96 30.17 27.43 -24.07
CA VAL I 96 31.06 28.40 -23.46
C VAL I 96 30.64 29.80 -23.86
N ILE I 97 30.37 30.62 -22.85
CA ILE I 97 29.88 31.96 -23.07
C ILE I 97 30.60 32.93 -22.14
N LYS I 98 31.13 34.00 -22.71
CA LYS I 98 31.82 35.02 -21.91
C LYS I 98 30.84 35.67 -20.95
N ILE I 99 31.33 36.05 -19.77
CA ILE I 99 30.46 36.67 -18.77
C ILE I 99 29.91 37.97 -19.29
N ASN I 100 30.77 38.76 -19.93
CA ASN I 100 30.43 40.12 -20.33
C ASN I 100 29.17 40.29 -21.17
N GLU I 101 28.86 39.35 -22.07
CA GLU I 101 27.65 39.58 -22.84
C GLU I 101 26.49 38.82 -22.20
N LEU I 102 26.78 37.68 -21.56
CA LEU I 102 25.77 36.87 -20.86
C LEU I 102 24.65 37.65 -20.20
N LYS I 103 25.06 38.62 -19.39
CA LYS I 103 24.16 39.50 -18.66
C LYS I 103 23.07 40.10 -19.55
N GLU I 104 23.41 40.37 -20.80
CA GLU I 104 22.46 40.96 -21.74
C GLU I 104 21.45 39.94 -22.28
N LEU I 105 21.94 38.74 -22.57
CA LEU I 105 21.10 37.68 -23.12
C LEU I 105 20.02 37.28 -22.14
N LEU I 106 20.36 37.31 -20.86
CA LEU I 106 19.43 36.94 -19.81
C LEU I 106 18.47 38.10 -19.51
N SER I 107 18.91 39.32 -19.81
CA SER I 107 18.10 40.49 -19.52
C SER I 107 16.89 40.58 -20.45
N LYS I 108 17.06 40.19 -21.71
CA LYS I 108 15.99 40.35 -22.69
C LYS I 108 15.02 39.16 -22.66
N ASN I 109 15.42 38.09 -21.99
CA ASN I 109 14.46 37.02 -21.70
C ASN I 109 14.44 36.66 -20.22
N LEU I 110 13.41 37.11 -19.53
CA LEU I 110 13.27 36.86 -18.11
C LEU I 110 12.95 35.39 -17.82
N THR I 111 12.51 34.64 -18.83
CA THR I 111 11.96 33.30 -18.61
C THR I 111 13.03 32.20 -18.33
N HIS I 112 14.12 32.14 -19.10
CA HIS I 112 15.32 31.44 -18.59
C HIS I 112 16.28 32.23 -17.76
N PHE I 113 16.06 33.52 -17.53
CA PHE I 113 17.06 34.17 -16.68
C PHE I 113 16.76 33.70 -15.27
N PHE I 114 15.49 33.42 -15.02
CA PHE I 114 15.09 32.78 -13.78
C PHE I 114 15.65 31.36 -13.73
N TYR I 115 15.72 30.71 -14.90
CA TYR I 115 16.27 29.37 -14.98
C TYR I 115 17.68 29.32 -14.40
N VAL I 116 18.53 30.25 -14.82
CA VAL I 116 19.90 30.29 -14.33
C VAL I 116 19.90 30.54 -12.83
N PHE I 117 18.97 31.38 -12.39
CA PHE I 117 18.88 31.71 -10.98
C PHE I 117 18.51 30.49 -10.14
N GLN I 118 17.64 29.63 -10.69
CA GLN I 118 17.24 28.43 -9.98
C GLN I 118 18.42 27.50 -9.77
N THR I 119 19.24 27.36 -10.80
CA THR I 119 20.44 26.54 -10.72
C THR I 119 21.35 27.10 -9.62
N LEU I 120 21.44 28.43 -9.55
CA LEU I 120 22.31 29.07 -8.59
C LEU I 120 21.81 28.87 -7.17
N GLN I 121 20.48 28.86 -7.01
CA GLN I 121 19.88 28.67 -5.70
C GLN I 121 19.88 27.20 -5.32
N LYS I 122 19.93 26.32 -6.32
CA LYS I 122 20.14 24.91 -6.07
C LYS I 122 21.56 24.67 -5.60
N GLN I 123 22.45 25.53 -6.08
CA GLN I 123 23.86 25.43 -5.75
C GLN I 123 24.13 25.85 -4.30
N VAL I 124 23.59 27.01 -3.91
CA VAL I 124 23.85 27.53 -2.57
C VAL I 124 23.32 26.59 -1.49
N SER I 125 22.27 25.85 -1.79
CA SER I 125 21.67 24.94 -0.82
C SER I 125 22.45 23.63 -0.76
N TYR I 126 22.86 23.14 -1.93
CA TYR I 126 23.62 21.90 -2.04
C TYR I 126 24.95 21.99 -1.28
N SER I 127 25.67 23.08 -1.47
CA SER I 127 26.96 23.26 -0.81
C SER I 127 26.81 23.26 0.70
N LEU I 128 25.81 24.00 1.19
CA LEU I 128 25.53 24.07 2.63
C LEU I 128 25.09 22.71 3.16
N ALA I 129 24.24 22.03 2.40
CA ALA I 129 23.77 20.71 2.76
C ALA I 129 24.94 19.77 2.97
N LYS I 130 25.85 19.78 2.00
CA LYS I 130 27.03 18.92 1.98
C LYS I 130 27.98 19.26 3.10
N PHE I 131 28.10 20.55 3.37
CA PHE I 131 28.98 21.05 4.42
C PHE I 131 28.51 20.62 5.81
N ASN I 132 27.22 20.82 6.08
CA ASN I 132 26.62 20.48 7.38
C ASN I 132 26.89 19.05 7.78
N ASP I 133 27.09 18.22 6.77
CA ASP I 133 27.18 16.78 6.96
C ASP I 133 28.63 16.33 7.03
N PHE I 134 29.41 16.72 6.03
CA PHE I 134 30.82 16.36 5.98
C PHE I 134 31.56 16.77 7.26
N SER I 135 31.00 17.75 7.98
CA SER I 135 31.64 18.30 9.17
C SER I 135 31.37 17.50 10.46
N ILE I 136 30.19 16.90 10.58
CA ILE I 136 29.96 15.99 11.71
C ILE I 136 30.20 14.55 11.27
N ASN I 137 30.38 13.67 12.25
CA ASN I 137 30.66 12.26 11.98
C ASN I 137 31.82 12.04 11.00
N GLY I 138 32.81 12.92 11.06
CA GLY I 138 34.13 12.68 10.49
C GLY I 138 34.27 12.34 9.01
N LYS I 139 35.39 11.69 8.69
CA LYS I 139 35.71 11.34 7.31
C LYS I 139 34.82 10.23 6.76
N LEU I 140 34.50 9.25 7.62
CA LEU I 140 33.58 8.18 7.24
C LEU I 140 32.24 8.75 6.81
N GLY I 141 31.81 9.81 7.50
CA GLY I 141 30.57 10.49 7.17
C GLY I 141 30.65 11.13 5.81
N SER I 142 31.85 11.61 5.46
CA SER I 142 32.09 12.23 4.16
C SER I 142 32.06 11.19 3.03
N ILE I 143 32.66 10.03 3.28
CA ILE I 143 32.62 8.93 2.33
C ILE I 143 31.17 8.50 2.06
N CYS I 144 30.49 8.01 3.10
CA CYS I 144 29.09 7.65 3.02
C CYS I 144 28.31 8.84 2.47
N GLY I 145 28.71 10.01 2.92
CA GLY I 145 28.24 11.26 2.34
C GLY I 145 28.32 11.18 0.83
N GLN I 146 29.53 11.20 0.28
CA GLN I 146 29.70 11.24 -1.17
C GLN I 146 29.02 10.06 -1.87
N LEU I 147 29.21 8.86 -1.31
CA LEU I 147 28.58 7.65 -1.86
C LEU I 147 27.10 7.86 -2.15
N LEU I 148 26.42 8.59 -1.27
CA LEU I 148 25.00 8.86 -1.42
C LEU I 148 24.71 9.80 -2.60
N ILE I 149 25.50 10.87 -2.74
CA ILE I 149 25.29 11.78 -3.87
C ILE I 149 25.62 11.09 -5.18
N LEU I 150 26.71 10.34 -5.20
CA LEU I 150 27.03 9.51 -6.35
C LEU I 150 25.85 8.58 -6.62
N THR I 151 25.39 7.90 -5.57
CA THR I 151 24.30 6.94 -5.69
C THR I 151 23.02 7.52 -6.32
N TYR I 152 22.54 8.67 -5.83
CA TYR I 152 21.30 9.24 -6.34
C TYR I 152 21.37 9.60 -7.81
N VAL I 153 22.36 10.42 -8.16
CA VAL I 153 22.43 11.01 -9.49
C VAL I 153 23.15 10.09 -10.48
N TYR I 154 23.71 8.98 -9.99
CA TYR I 154 24.37 8.02 -10.88
C TYR I 154 23.91 6.59 -10.64
N GLY I 155 22.76 6.42 -10.00
CA GLY I 155 22.28 5.10 -9.67
C GLY I 155 21.19 4.56 -10.58
N LYS I 156 21.43 3.36 -11.11
CA LYS I 156 20.40 2.58 -11.78
C LYS I 156 20.29 1.27 -11.01
N GLU I 157 19.09 0.72 -10.86
CA GLU I 157 18.91 -0.47 -10.03
C GLU I 157 19.25 -1.77 -10.76
N THR I 158 19.57 -2.78 -9.96
CA THR I 158 20.00 -4.11 -10.44
C THR I 158 19.65 -5.05 -9.26
N PRO I 159 19.48 -6.38 -9.49
CA PRO I 159 19.31 -7.38 -8.43
C PRO I 159 20.27 -7.28 -7.23
N ASP I 160 21.51 -6.85 -7.43
CA ASP I 160 22.49 -6.82 -6.35
C ASP I 160 22.56 -5.39 -5.71
N GLY I 161 21.45 -4.66 -5.68
CA GLY I 161 21.39 -3.35 -5.01
C GLY I 161 21.04 -2.11 -5.87
N ILE I 162 21.85 -1.04 -5.81
CA ILE I 162 21.98 0.00 -6.89
C ILE I 162 23.45 0.32 -7.24
N LYS I 163 23.75 0.47 -8.54
CA LYS I 163 25.12 0.68 -9.08
C LYS I 163 25.42 2.13 -9.46
N ILE I 164 26.54 2.67 -8.98
CA ILE I 164 26.96 4.01 -9.44
C ILE I 164 27.57 3.87 -10.83
N THR I 165 27.02 4.62 -11.78
CA THR I 165 27.38 4.45 -13.17
C THR I 165 28.52 5.36 -13.60
N LEU I 166 29.65 5.24 -12.93
CA LEU I 166 30.85 5.97 -13.32
C LEU I 166 31.92 5.03 -13.88
N ASP I 167 32.22 5.25 -15.15
CA ASP I 167 33.27 4.58 -15.93
C ASP I 167 34.58 4.11 -15.24
N ASN I 168 34.62 4.19 -13.91
CA ASN I 168 35.52 3.42 -13.02
C ASN I 168 35.58 4.09 -11.63
N LEU I 169 35.81 5.40 -11.60
CA LEU I 169 35.89 6.15 -10.34
C LEU I 169 36.85 5.49 -9.35
N THR I 170 38.12 5.84 -9.41
CA THR I 170 39.09 5.26 -8.49
C THR I 170 38.82 5.68 -7.05
N MET I 171 39.38 4.91 -6.11
CA MET I 171 39.24 5.20 -4.69
C MET I 171 40.02 6.46 -4.31
N GLN I 172 41.11 6.69 -5.02
CA GLN I 172 41.88 7.91 -4.83
C GLN I 172 41.00 9.12 -5.11
N GLU I 173 40.04 8.95 -6.01
CA GLU I 173 39.12 10.03 -6.34
C GLU I 173 37.86 9.96 -5.50
N LEU I 174 37.88 9.12 -4.47
CA LEU I 174 36.87 9.19 -3.43
C LEU I 174 37.41 10.10 -2.33
N GLY I 175 38.68 9.91 -1.99
CA GLY I 175 39.36 10.76 -1.03
C GLY I 175 39.46 12.18 -1.54
N TYR I 176 39.60 12.31 -2.85
CA TYR I 176 39.60 13.63 -3.48
C TYR I 176 38.27 14.33 -3.27
N SER I 177 37.18 13.55 -3.31
CA SER I 177 35.84 14.10 -3.08
C SER I 177 35.68 14.46 -1.61
N SER I 178 36.17 13.58 -0.74
CA SER I 178 36.22 13.86 0.69
C SER I 178 37.46 14.69 1.00
N GLY I 179 38.16 14.35 2.08
CA GLY I 179 39.34 15.10 2.45
C GLY I 179 40.58 14.22 2.56
N ILE I 180 40.44 12.97 2.13
CA ILE I 180 41.50 11.99 2.25
C ILE I 180 42.53 12.07 1.12
N ALA I 181 43.81 12.02 1.47
CA ALA I 181 44.88 12.14 0.49
C ALA I 181 45.51 10.78 0.18
N HIS I 182 45.27 9.82 1.07
CA HIS I 182 45.87 8.50 0.91
C HIS I 182 44.82 7.45 0.52
N SER I 183 45.09 6.76 -0.59
CA SER I 183 44.23 5.70 -1.07
C SER I 183 44.05 4.61 0.00
N SER I 184 45.08 4.45 0.83
CA SER I 184 45.07 3.48 1.93
C SER I 184 43.88 3.70 2.86
N ALA I 185 43.72 4.96 3.30
CA ALA I 185 42.66 5.30 4.23
C ALA I 185 41.29 5.07 3.61
N VAL I 186 41.11 5.55 2.37
CA VAL I 186 39.86 5.33 1.64
C VAL I 186 39.55 3.84 1.52
N SER I 187 40.59 3.03 1.34
CA SER I 187 40.41 1.58 1.22
C SER I 187 39.88 1.01 2.54
N ARG I 188 40.37 1.52 3.65
CA ARG I 188 39.96 1.03 4.96
C ARG I 188 38.47 1.28 5.21
N ILE I 189 38.07 2.54 5.07
CA ILE I 189 36.66 2.91 5.17
C ILE I 189 35.82 2.01 4.28
N ILE I 190 36.23 1.87 3.01
CA ILE I 190 35.53 1.00 2.07
C ILE I 190 35.59 -0.46 2.54
N SER I 191 36.69 -0.88 3.15
CA SER I 191 36.86 -2.28 3.51
C SER I 191 35.96 -2.73 4.69
N LYS I 192 36.06 -2.05 5.83
CA LYS I 192 35.30 -2.41 7.03
C LYS I 192 33.94 -1.72 6.94
N LEU I 193 33.71 -1.04 5.83
CA LEU I 193 32.35 -0.82 5.42
C LEU I 193 31.69 -2.19 5.26
N LYS I 194 32.17 -3.08 4.39
CA LYS I 194 31.39 -4.32 4.20
C LYS I 194 31.92 -5.61 4.75
N GLN I 195 32.48 -5.47 5.94
CA GLN I 195 32.20 -6.40 7.01
C GLN I 195 30.73 -6.08 7.38
N GLU I 196 30.33 -4.83 7.16
CA GLU I 196 29.04 -4.25 7.59
C GLU I 196 28.05 -3.88 6.48
N LYS I 197 27.71 -4.81 5.57
CA LYS I 197 26.43 -4.86 4.80
C LYS I 197 25.76 -3.59 4.12
N VAL I 198 26.30 -3.10 2.98
CA VAL I 198 25.64 -2.02 2.19
C VAL I 198 26.22 -1.72 0.77
N ILE I 199 27.51 -1.36 0.63
CA ILE I 199 28.10 -1.19 -0.70
C ILE I 199 28.56 -2.61 -1.00
N VAL I 200 28.87 -2.90 -2.25
CA VAL I 200 29.80 -3.98 -2.55
C VAL I 200 30.48 -3.61 -3.88
N TYR I 201 31.70 -4.10 -4.07
CA TYR I 201 32.50 -3.76 -5.23
C TYR I 201 32.58 -4.91 -6.25
N LYS I 202 31.79 -4.82 -7.31
CA LYS I 202 31.85 -5.79 -8.41
C LYS I 202 32.44 -5.13 -9.65
N ASN I 203 32.64 -5.93 -10.71
CA ASN I 203 32.99 -5.46 -12.05
C ASN I 203 33.61 -4.07 -12.18
N SER I 204 34.61 -3.78 -11.36
CA SER I 204 35.23 -2.46 -11.25
C SER I 204 34.19 -1.35 -11.09
N CYS I 205 33.07 -1.68 -10.46
CA CYS I 205 31.99 -0.72 -10.26
C CYS I 205 31.32 -0.87 -8.90
N PHE I 206 31.05 0.27 -8.26
CA PHE I 206 30.49 0.26 -6.91
C PHE I 206 29.02 -0.01 -6.88
N TYR I 207 28.69 -0.99 -6.06
CA TYR I 207 27.37 -1.46 -6.02
C TYR I 207 26.82 -1.35 -4.57
N VAL I 208 25.76 -0.56 -4.37
CA VAL I 208 25.25 -0.33 -3.00
C VAL I 208 23.86 -0.95 -2.75
N GLN I 209 23.72 -1.69 -1.65
CA GLN I 209 22.48 -2.42 -1.35
C GLN I 209 21.56 -1.70 -0.34
N ASN I 210 22.10 -1.41 0.84
CA ASN I 210 21.33 -0.83 1.92
C ASN I 210 21.37 0.70 1.92
N LEU I 211 20.65 1.33 0.99
CA LEU I 211 20.65 2.80 0.87
C LEU I 211 20.46 3.45 2.25
N ASP I 212 19.63 2.84 3.08
CA ASP I 212 19.57 3.26 4.46
C ASP I 212 20.85 2.83 5.26
N TYR I 213 22.04 2.58 4.64
CA TYR I 213 23.36 2.87 5.30
C TYR I 213 24.11 3.81 4.35
N LEU I 214 23.39 4.75 3.76
CA LEU I 214 24.06 5.96 3.28
C LEU I 214 23.35 7.10 4.06
N LYS I 215 22.09 6.83 4.39
CA LYS I 215 21.30 7.27 5.59
C LYS I 215 21.74 8.34 6.61
N ARG I 216 21.35 7.99 7.86
CA ARG I 216 21.73 8.52 9.16
C ARG I 216 23.04 9.32 9.15
N TYR I 217 23.96 8.99 8.24
CA TYR I 217 25.20 9.76 8.09
C TYR I 217 25.07 10.89 7.08
N ALA I 218 24.08 10.80 6.20
CA ALA I 218 23.82 11.84 5.20
C ALA I 218 22.37 12.35 5.24
N PRO I 219 21.94 12.88 6.39
CA PRO I 219 20.53 13.27 6.51
C PRO I 219 20.22 14.56 5.76
N LYS I 220 21.09 15.57 5.86
CA LYS I 220 20.88 16.83 5.18
C LYS I 220 20.96 16.68 3.66
N LEU I 221 21.71 15.67 3.21
CA LEU I 221 21.91 15.45 1.77
C LEU I 221 20.69 14.83 1.09
N ASP I 222 20.20 13.70 1.61
CA ASP I 222 19.02 13.06 1.03
C ASP I 222 17.78 13.91 1.33
N GLU I 223 17.93 14.86 2.26
CA GLU I 223 16.91 15.88 2.50
C GLU I 223 16.92 16.87 1.34
N TRP I 224 18.13 17.24 0.92
CA TRP I 224 18.31 18.13 -0.23
C TRP I 224 17.78 17.53 -1.53
N PHE I 225 17.81 16.20 -1.62
CA PHE I 225 17.40 15.51 -2.84
C PHE I 225 15.87 15.36 -2.93
N TYR I 226 15.20 15.29 -1.79
CA TYR I 226 13.75 15.24 -1.80
C TYR I 226 13.21 16.63 -2.10
N LEU I 227 13.74 17.60 -1.37
CA LEU I 227 13.32 18.97 -1.53
C LEU I 227 13.64 19.49 -2.92
N ALA I 228 14.93 19.56 -3.24
CA ALA I 228 15.35 19.97 -4.58
C ALA I 228 15.62 18.71 -5.39
N CYS I 229 15.44 18.79 -6.72
CA CYS I 229 15.60 17.63 -7.59
C CYS I 229 14.74 16.45 -7.13
N PRO I 230 13.41 16.67 -7.02
CA PRO I 230 12.52 15.68 -6.41
C PRO I 230 12.48 14.39 -7.21
N ALA I 231 12.49 14.51 -8.52
CA ALA I 231 12.42 13.35 -9.38
C ALA I 231 13.63 12.44 -9.15
N THR I 232 14.77 13.01 -8.80
CA THR I 232 15.94 12.15 -8.61
C THR I 232 15.82 11.35 -7.31
N TRP I 233 15.14 11.90 -6.32
CA TRP I 233 15.00 11.25 -5.00
C TRP I 233 13.97 10.12 -5.01
N GLY I 234 12.86 10.32 -5.70
CA GLY I 234 11.76 9.37 -5.69
C GLY I 234 12.02 8.09 -6.46
N LYS I 235 13.19 7.96 -7.08
CA LYS I 235 13.45 6.76 -7.88
C LYS I 235 14.06 5.65 -7.04
N LEU I 236 14.83 6.02 -6.03
CA LEU I 236 15.36 5.03 -5.10
C LEU I 236 14.39 4.92 -3.92
N ASN I 237 13.55 5.93 -3.77
CA ASN I 237 12.49 5.92 -2.78
C ASN I 237 11.14 5.61 -3.41
N ASN J 2 27.14 47.25 -0.39
CA ASN J 2 26.80 48.46 0.35
C ASN J 2 26.04 49.46 -0.51
N ALA J 3 26.71 49.96 -1.54
CA ALA J 3 26.13 50.97 -2.42
C ALA J 3 24.86 50.43 -3.07
N GLN J 4 24.96 49.22 -3.61
CA GLN J 4 23.81 48.57 -4.23
C GLN J 4 22.77 48.22 -3.18
N ALA J 5 23.25 47.87 -1.99
CA ALA J 5 22.39 47.44 -0.89
C ALA J 5 21.42 48.52 -0.42
N GLU J 6 21.92 49.75 -0.28
CA GLU J 6 21.09 50.80 0.26
C GLU J 6 20.09 51.30 -0.77
N GLU J 7 20.40 51.10 -2.05
CA GLU J 7 19.40 51.38 -3.07
C GLU J 7 18.58 50.15 -3.41
N PHE J 8 19.08 48.96 -3.11
CA PHE J 8 18.22 47.77 -3.20
C PHE J 8 17.07 47.98 -2.26
N LYS J 9 17.35 48.56 -1.09
CA LYS J 9 16.24 49.02 -0.30
C LYS J 9 16.29 50.56 -0.18
N LYS J 10 16.02 51.19 -1.33
CA LYS J 10 15.18 52.38 -1.41
C LYS J 10 14.19 51.97 -2.52
N TYR J 11 14.49 50.83 -3.14
CA TYR J 11 13.47 50.07 -3.87
C TYR J 11 12.60 49.55 -2.75
N LEU J 12 13.30 49.38 -1.62
CA LEU J 12 12.80 49.53 -0.24
C LEU J 12 11.58 48.76 0.04
N GLU J 13 10.56 49.50 0.33
CA GLU J 13 9.46 49.30 -0.50
C GLU J 13 8.66 50.61 -0.42
N THR J 14 9.21 51.57 -1.15
CA THR J 14 8.48 52.36 -2.10
C THR J 14 7.36 51.53 -2.71
N ASN J 15 7.77 50.31 -3.07
CA ASN J 15 6.92 49.22 -3.47
C ASN J 15 5.98 48.62 -2.35
N GLY J 16 6.23 48.84 -1.06
CA GLY J 16 5.48 48.16 0.02
C GLY J 16 6.19 47.81 1.36
N ILE J 17 6.68 46.55 1.49
CA ILE J 17 7.41 45.94 2.68
C ILE J 17 8.48 46.82 3.38
N LYS J 18 8.69 46.68 4.70
CA LYS J 18 9.84 47.35 5.35
C LYS J 18 10.12 46.81 6.79
N PRO J 19 11.20 47.30 7.47
CA PRO J 19 11.92 46.36 8.35
C PRO J 19 11.28 45.98 9.67
N LYS J 20 11.11 44.68 9.88
CA LYS J 20 10.92 44.11 11.20
C LYS J 20 12.28 44.08 11.88
N GLN J 21 12.36 44.18 13.20
CA GLN J 21 13.68 44.23 13.80
C GLN J 21 13.74 43.01 14.74
N PHE J 22 14.80 42.23 14.65
CA PHE J 22 14.92 41.07 15.52
C PHE J 22 15.93 41.32 16.63
N HIS J 23 15.77 40.62 17.74
CA HIS J 23 16.63 40.80 18.89
C HIS J 23 17.51 39.59 19.15
N LYS J 24 18.41 39.73 20.11
CA LYS J 24 19.27 38.65 20.59
C LYS J 24 18.50 37.35 20.78
N LYS J 25 19.12 36.24 20.39
CA LYS J 25 18.58 34.90 20.57
C LYS J 25 17.33 34.60 19.72
N GLU J 26 16.75 35.62 19.10
CA GLU J 26 15.53 35.40 18.29
C GLU J 26 15.86 34.66 17.01
N LEU J 27 14.83 34.06 16.41
CA LEU J 27 15.00 33.30 15.17
C LEU J 27 14.18 33.93 14.04
N ILE J 28 14.85 34.32 12.96
CA ILE J 28 14.14 34.94 11.85
C ILE J 28 13.35 33.87 11.09
N PHE J 29 13.86 32.65 11.09
CA PHE J 29 13.09 31.47 10.72
C PHE J 29 13.69 30.26 11.44
N ASN J 30 12.97 29.13 11.42
CA ASN J 30 13.41 27.97 12.18
C ASN J 30 13.25 26.65 11.43
N GLN J 31 13.84 25.60 11.99
CA GLN J 31 13.90 24.30 11.32
C GLN J 31 12.74 23.39 11.69
N TRP J 32 11.81 23.89 12.49
CA TRP J 32 10.72 23.04 12.98
C TRP J 32 9.38 23.50 12.41
N ASP J 33 9.18 24.81 12.34
CA ASP J 33 8.03 25.39 11.66
C ASP J 33 8.55 26.12 10.44
N PRO J 34 8.99 25.35 9.44
CA PRO J 34 9.72 25.93 8.31
C PRO J 34 8.81 26.78 7.45
N GLN J 35 9.23 28.01 7.18
CA GLN J 35 8.55 28.80 6.18
C GLN J 35 9.52 29.49 5.25
N GLU J 36 9.03 29.75 4.05
CA GLU J 36 9.88 30.06 2.93
C GLU J 36 9.92 31.56 2.72
N TYR J 37 11.11 32.13 2.85
CA TYR J 37 11.30 33.55 2.65
C TYR J 37 12.51 33.83 1.77
N CYS J 38 12.50 35.03 1.18
CA CYS J 38 13.75 35.72 0.94
C CYS J 38 13.98 36.49 2.22
N ILE J 39 15.22 36.63 2.66
CA ILE J 39 15.49 37.42 3.85
C ILE J 39 16.68 38.33 3.61
N PHE J 40 16.38 39.61 3.43
CA PHE J 40 17.44 40.59 3.26
C PHE J 40 17.82 41.20 4.60
N LEU J 41 18.90 40.68 5.19
CA LEU J 41 19.42 41.27 6.41
C LEU J 41 20.24 42.51 6.03
N TYR J 42 19.91 43.65 6.65
CA TYR J 42 20.55 44.92 6.33
C TYR J 42 21.51 45.38 7.42
N ASP J 43 21.15 45.07 8.66
CA ASP J 43 21.96 45.45 9.82
C ASP J 43 21.85 44.38 10.87
N GLY J 44 23.00 43.87 11.31
CA GLY J 44 23.03 42.90 12.39
C GLY J 44 23.86 41.66 12.11
N ILE J 45 24.25 40.97 13.17
CA ILE J 45 24.97 39.72 13.06
C ILE J 45 24.02 38.56 13.30
N THR J 46 24.03 37.58 12.40
CA THR J 46 23.21 36.39 12.60
C THR J 46 24.06 35.15 12.35
N LYS J 47 23.42 34.00 12.29
CA LYS J 47 24.13 32.74 12.18
C LYS J 47 23.20 31.65 11.68
N LEU J 48 23.70 30.81 10.77
CA LEU J 48 22.90 29.73 10.21
C LEU J 48 23.20 28.42 10.92
N THR J 49 22.20 27.84 11.58
CA THR J 49 22.42 26.62 12.33
C THR J 49 21.49 25.48 11.95
N SER J 50 21.93 24.28 12.32
CA SER J 50 21.16 23.07 12.13
C SER J 50 21.21 22.24 13.40
N ILE J 51 20.09 21.64 13.76
CA ILE J 51 20.05 20.75 14.90
C ILE J 51 19.60 19.37 14.45
N SER J 52 20.35 18.36 14.83
CA SER J 52 20.03 16.99 14.47
C SER J 52 19.38 16.21 15.62
N GLU J 53 19.26 14.90 15.43
CA GLU J 53 18.56 14.03 16.37
C GLU J 53 19.37 13.79 17.63
N ASN J 54 20.69 13.78 17.49
CA ASN J 54 21.58 13.63 18.63
C ASN J 54 21.63 14.89 19.48
N GLY J 55 20.92 15.92 19.04
CA GLY J 55 21.05 17.23 19.64
C GLY J 55 22.36 17.82 19.15
N THR J 56 22.93 17.17 18.14
CA THR J 56 24.15 17.65 17.49
C THR J 56 23.83 18.90 16.71
N ILE J 57 24.58 19.98 16.96
CA ILE J 57 24.29 21.25 16.32
C ILE J 57 25.40 21.67 15.38
N MET J 58 25.10 22.62 14.48
CA MET J 58 26.03 22.96 13.41
C MET J 58 25.95 24.42 12.97
N ASN J 59 26.90 25.23 13.46
CA ASN J 59 27.04 26.60 12.98
C ASN J 59 27.57 26.60 11.56
N LEU J 60 26.69 26.69 10.58
CA LEU J 60 27.10 26.69 9.18
C LEU J 60 27.97 27.90 8.86
N GLN J 61 27.32 29.06 8.80
CA GLN J 61 28.00 30.28 8.39
C GLN J 61 27.43 31.48 9.14
N TYR J 62 28.29 32.47 9.41
CA TYR J 62 27.84 33.73 9.99
C TYR J 62 27.44 34.72 8.89
N TYR J 63 26.36 35.47 9.13
CA TYR J 63 25.95 36.50 8.19
C TYR J 63 25.93 37.88 8.85
N LYS J 64 26.60 38.84 8.23
CA LYS J 64 26.69 40.20 8.74
C LYS J 64 26.41 41.23 7.64
N GLY J 65 25.79 42.35 8.03
CA GLY J 65 25.72 43.51 7.17
C GLY J 65 24.70 43.37 6.06
N ALA J 66 25.08 43.78 4.87
CA ALA J 66 24.19 43.68 3.72
C ALA J 66 24.40 42.36 2.96
N PHE J 67 23.47 41.43 3.13
CA PHE J 67 23.55 40.14 2.48
C PHE J 67 22.18 39.50 2.33
N VAL J 68 22.10 38.43 1.54
CA VAL J 68 20.82 37.77 1.26
C VAL J 68 20.83 36.31 1.69
N ILE J 69 19.81 35.91 2.43
CA ILE J 69 19.63 34.52 2.82
C ILE J 69 18.29 34.02 2.29
N MET J 70 18.33 33.10 1.33
CA MET J 70 17.10 32.53 0.79
C MET J 70 16.60 31.40 1.68
N SER J 71 15.29 31.29 1.85
CA SER J 71 14.73 30.15 2.58
C SER J 71 13.59 29.50 1.77
N GLY J 72 13.58 29.78 0.47
CA GLY J 72 12.72 29.09 -0.47
C GLY J 72 13.19 29.23 -1.92
N PHE J 73 12.73 28.33 -2.79
CA PHE J 73 13.05 28.42 -4.22
C PHE J 73 11.98 29.23 -4.96
N ILE J 74 12.41 30.27 -5.66
CA ILE J 74 11.50 31.20 -6.32
C ILE J 74 10.53 30.57 -7.33
N ASP J 75 10.74 29.32 -7.72
CA ASP J 75 9.84 28.71 -8.69
C ASP J 75 8.83 27.76 -8.05
N THR J 76 9.31 26.71 -7.40
CA THR J 76 8.42 25.74 -6.76
C THR J 76 7.80 26.32 -5.50
N GLU J 77 8.46 27.36 -4.98
CA GLU J 77 8.00 28.07 -3.79
C GLU J 77 8.02 27.18 -2.54
N THR J 78 8.71 26.04 -2.65
CA THR J 78 8.97 25.18 -1.51
C THR J 78 10.26 25.68 -0.82
N SER J 79 10.67 25.02 0.27
CA SER J 79 11.80 25.47 1.09
C SER J 79 13.17 25.34 0.39
N VAL J 80 14.27 25.64 1.08
CA VAL J 80 15.60 25.22 0.61
C VAL J 80 16.12 24.10 1.48
N GLY J 81 15.62 24.04 2.70
CA GLY J 81 16.13 23.15 3.71
C GLY J 81 15.73 23.70 5.05
N TYR J 82 15.92 22.88 6.06
CA TYR J 82 15.44 23.19 7.40
C TYR J 82 16.57 23.70 8.27
N TYR J 83 16.82 25.01 8.21
CA TYR J 83 17.88 25.62 8.98
C TYR J 83 17.33 26.64 9.97
N ASN J 84 18.22 27.20 10.78
CA ASN J 84 17.84 28.19 11.78
C ASN J 84 18.63 29.47 11.61
N LEU J 85 18.01 30.60 11.92
CA LEU J 85 18.66 31.89 11.75
C LEU J 85 18.64 32.70 13.05
N GLU J 86 19.39 32.23 14.04
CA GLU J 86 19.51 32.93 15.32
C GLU J 86 20.40 34.16 15.16
N VAL J 87 20.01 35.27 15.78
CA VAL J 87 20.81 36.49 15.68
C VAL J 87 21.87 36.54 16.79
N ILE J 88 23.02 37.10 16.46
CA ILE J 88 24.15 37.17 17.39
C ILE J 88 24.22 38.52 18.08
N SER J 89 24.17 39.59 17.29
CA SER J 89 24.22 40.96 17.80
C SER J 89 23.02 41.26 18.68
N GLU J 90 23.09 42.35 19.44
CA GLU J 90 21.97 42.75 20.27
C GLU J 90 20.76 43.05 19.38
N GLN J 91 20.94 43.91 18.38
CA GLN J 91 19.85 44.22 17.46
C GLN J 91 20.09 43.62 16.08
N ALA J 92 19.06 43.66 15.26
CA ALA J 92 19.13 43.15 13.90
C ALA J 92 17.93 43.65 13.10
N THR J 93 18.15 44.65 12.25
CA THR J 93 17.11 45.09 11.33
C THR J 93 17.26 44.33 10.03
N ALA J 94 16.30 43.45 9.76
CA ALA J 94 16.33 42.60 8.59
C ALA J 94 14.95 42.54 7.95
N TYR J 95 14.92 42.57 6.61
CA TYR J 95 13.66 42.52 5.88
C TYR J 95 13.22 41.08 5.67
N VAL J 96 11.95 40.82 5.93
CA VAL J 96 11.40 39.50 5.72
C VAL J 96 10.44 39.54 4.54
N ILE J 97 10.64 38.62 3.60
CA ILE J 97 9.98 38.64 2.31
C ILE J 97 9.46 37.18 2.02
N LYS J 98 8.14 37.06 1.76
CA LYS J 98 7.21 35.88 1.81
C LYS J 98 7.07 34.70 0.69
N ILE J 99 8.17 34.22 0.10
CA ILE J 99 8.27 33.45 -1.20
C ILE J 99 7.31 33.65 -2.42
N ASN J 100 5.99 33.74 -2.28
CA ASN J 100 5.18 34.14 -3.46
C ASN J 100 5.74 35.48 -3.98
N GLU J 101 6.67 36.00 -3.19
CA GLU J 101 7.60 37.13 -3.40
C GLU J 101 7.86 37.78 -4.68
N LEU J 102 8.80 37.15 -5.40
CA LEU J 102 10.10 37.74 -5.79
C LEU J 102 10.29 37.82 -7.27
N LYS J 103 9.70 36.85 -7.95
CA LYS J 103 9.57 36.89 -9.39
C LYS J 103 9.33 38.35 -9.88
N GLU J 104 8.20 38.93 -9.50
CA GLU J 104 7.82 40.34 -9.78
C GLU J 104 8.75 41.54 -9.27
N LEU J 105 9.29 41.49 -8.04
CA LEU J 105 10.05 42.63 -7.44
C LEU J 105 11.41 42.60 -8.10
N LEU J 106 11.81 41.39 -8.43
CA LEU J 106 13.05 41.14 -9.17
C LEU J 106 12.87 41.33 -10.68
N SER J 107 11.73 40.89 -11.24
CA SER J 107 11.52 41.04 -12.68
C SER J 107 11.33 42.50 -13.09
N LYS J 108 10.58 43.24 -12.29
CA LYS J 108 10.25 44.62 -12.61
C LYS J 108 11.51 45.49 -12.66
N ASN J 109 12.44 45.22 -11.75
CA ASN J 109 13.69 45.94 -11.73
C ASN J 109 14.87 44.99 -11.84
N LEU J 110 15.39 44.88 -13.07
CA LEU J 110 16.51 44.00 -13.36
C LEU J 110 17.76 44.44 -12.61
N THR J 111 17.93 45.74 -12.44
CA THR J 111 19.16 46.32 -11.89
C THR J 111 19.61 45.72 -10.54
N HIS J 112 18.70 45.55 -9.58
CA HIS J 112 19.10 44.95 -8.31
C HIS J 112 18.66 43.48 -8.14
N PHE J 113 18.03 42.86 -9.14
CA PHE J 113 17.98 41.40 -9.14
C PHE J 113 19.42 40.97 -9.19
N PHE J 114 20.13 41.54 -10.15
CA PHE J 114 21.53 41.24 -10.40
C PHE J 114 22.31 41.29 -9.11
N TYR J 115 21.95 42.22 -8.23
CA TYR J 115 22.58 42.33 -6.92
C TYR J 115 22.37 41.07 -6.07
N VAL J 116 21.19 40.47 -6.16
CA VAL J 116 20.90 39.31 -5.33
C VAL J 116 21.45 38.04 -5.98
N PHE J 117 21.46 38.00 -7.32
CA PHE J 117 22.11 36.92 -8.06
C PHE J 117 23.57 36.91 -7.64
N GLN J 118 24.18 38.08 -7.78
CA GLN J 118 25.51 38.38 -7.29
C GLN J 118 25.80 37.80 -5.91
N THR J 119 24.95 38.11 -4.95
CA THR J 119 25.15 37.72 -3.56
C THR J 119 25.19 36.19 -3.43
N LEU J 120 24.32 35.51 -4.18
CA LEU J 120 24.29 34.05 -4.16
C LEU J 120 25.53 33.46 -4.84
N GLN J 121 26.03 34.14 -5.86
CA GLN J 121 27.31 33.76 -6.46
C GLN J 121 28.42 33.90 -5.43
N LYS J 122 28.35 34.99 -4.66
CA LYS J 122 29.32 35.28 -3.62
C LYS J 122 29.17 34.28 -2.48
N GLN J 123 27.97 33.73 -2.35
CA GLN J 123 27.69 32.70 -1.36
C GLN J 123 28.34 31.37 -1.76
N VAL J 124 28.08 30.93 -2.99
CA VAL J 124 28.67 29.70 -3.52
C VAL J 124 30.19 29.76 -3.45
N SER J 125 30.73 30.89 -3.91
CA SER J 125 32.17 31.15 -3.87
C SER J 125 32.70 30.95 -2.46
N TYR J 126 31.93 31.41 -1.49
CA TYR J 126 32.28 31.28 -0.09
C TYR J 126 32.20 29.83 0.38
N SER J 127 31.08 29.16 0.06
CA SER J 127 30.86 27.80 0.54
C SER J 127 31.94 26.87 0.03
N LEU J 128 32.31 27.04 -1.24
CA LEU J 128 33.33 26.21 -1.87
C LEU J 128 34.69 26.45 -1.21
N ALA J 129 35.04 27.72 -1.00
CA ALA J 129 36.31 28.05 -0.40
C ALA J 129 36.39 27.52 1.03
N LYS J 130 35.24 27.37 1.68
CA LYS J 130 35.19 26.85 3.04
C LYS J 130 35.23 25.32 3.03
N PHE J 131 34.50 24.71 2.10
CA PHE J 131 34.52 23.26 1.97
C PHE J 131 35.93 22.77 1.62
N ASN J 132 36.68 23.59 0.87
CA ASN J 132 38.03 23.23 0.45
C ASN J 132 39.04 23.25 1.61
N ASP J 133 39.15 24.39 2.28
CA ASP J 133 40.16 24.57 3.31
C ASP J 133 39.91 23.69 4.53
N PHE J 134 38.64 23.48 4.87
CA PHE J 134 38.28 22.67 6.02
C PHE J 134 38.68 21.20 5.84
N SER J 135 38.34 20.64 4.69
CA SER J 135 38.46 19.20 4.45
C SER J 135 39.90 18.70 4.42
N ILE J 136 40.82 19.53 3.95
CA ILE J 136 42.19 19.11 3.67
C ILE J 136 43.10 19.02 4.89
N ASN J 137 42.68 19.59 6.02
CA ASN J 137 43.54 19.59 7.21
C ASN J 137 42.84 19.20 8.51
N GLY J 138 41.82 18.35 8.40
CA GLY J 138 41.11 17.87 9.56
C GLY J 138 40.42 18.98 10.33
N LYS J 139 40.29 18.81 11.65
CA LYS J 139 39.65 19.80 12.48
C LYS J 139 40.56 21.00 12.76
N LEU J 140 41.87 20.74 12.88
CA LEU J 140 42.84 21.80 13.10
C LEU J 140 42.77 22.85 11.99
N GLY J 141 42.59 22.38 10.76
CA GLY J 141 42.43 23.28 9.63
C GLY J 141 41.12 24.04 9.75
N SER J 142 40.09 23.34 10.23
CA SER J 142 38.75 23.91 10.34
C SER J 142 38.70 25.11 11.29
N ILE J 143 39.31 24.96 12.46
CA ILE J 143 39.40 26.03 13.44
C ILE J 143 40.13 27.25 12.85
N CYS J 144 41.36 27.02 12.40
CA CYS J 144 42.16 28.07 11.76
C CYS J 144 41.43 28.66 10.56
N GLY J 145 40.61 27.84 9.92
CA GLY J 145 39.78 28.28 8.82
C GLY J 145 38.75 29.27 9.34
N GLN J 146 37.97 28.85 10.34
CA GLN J 146 36.93 29.72 10.88
C GLN J 146 37.54 30.95 11.53
N LEU J 147 38.72 30.79 12.14
CA LEU J 147 39.39 31.90 12.78
C LEU J 147 39.71 32.99 11.77
N LEU J 148 40.30 32.58 10.65
CA LEU J 148 40.64 33.49 9.58
C LEU J 148 39.42 34.24 9.10
N ILE J 149 38.31 33.52 8.94
CA ILE J 149 37.05 34.14 8.55
C ILE J 149 36.69 35.25 9.53
N LEU J 150 36.62 34.89 10.82
CA LEU J 150 36.23 35.83 11.86
C LEU J 150 37.21 36.99 11.97
N THR J 151 38.50 36.72 11.80
CA THR J 151 39.53 37.74 11.89
C THR J 151 39.33 38.85 10.85
N TYR J 152 38.90 38.47 9.66
CA TYR J 152 38.70 39.45 8.58
C TYR J 152 37.47 40.31 8.80
N VAL J 153 36.30 39.68 8.83
CA VAL J 153 35.05 40.42 8.80
C VAL J 153 34.70 41.05 10.15
N TYR J 154 35.17 40.45 11.24
CA TYR J 154 34.84 40.97 12.57
C TYR J 154 36.04 41.57 13.30
N GLY J 155 37.24 41.22 12.86
CA GLY J 155 38.45 41.63 13.56
C GLY J 155 38.72 43.12 13.63
N LYS J 156 39.47 43.52 14.65
CA LYS J 156 39.97 44.88 14.83
C LYS J 156 41.37 44.80 15.41
N GLU J 157 42.26 45.72 15.04
CA GLU J 157 43.65 45.58 15.46
C GLU J 157 43.92 46.34 16.76
N THR J 158 44.69 45.72 17.63
CA THR J 158 44.97 46.23 18.97
C THR J 158 46.47 46.10 19.26
N PRO J 159 47.00 46.83 20.26
CA PRO J 159 48.44 46.75 20.51
C PRO J 159 48.95 45.41 21.03
N ASP J 160 48.10 44.39 21.04
CA ASP J 160 48.53 43.04 21.41
C ASP J 160 48.16 42.04 20.32
N GLY J 161 47.35 42.49 19.37
CA GLY J 161 46.94 41.64 18.26
C GLY J 161 45.70 42.15 17.53
N ILE J 162 44.96 41.21 16.96
CA ILE J 162 43.70 41.47 16.24
C ILE J 162 42.50 40.78 16.92
N LYS J 163 41.68 41.54 17.65
CA LYS J 163 40.46 41.03 18.29
C LYS J 163 39.29 40.79 17.35
N ILE J 164 38.79 39.56 17.40
CA ILE J 164 37.46 39.20 16.93
C ILE J 164 36.43 39.83 17.87
N THR J 165 36.04 41.07 17.57
CA THR J 165 35.00 41.76 18.30
C THR J 165 33.66 41.07 18.07
N LEU J 166 33.45 39.95 18.73
CA LEU J 166 32.26 39.16 18.48
C LEU J 166 31.57 38.68 19.76
N ASP J 167 30.53 39.41 20.15
CA ASP J 167 29.53 38.97 21.14
C ASP J 167 30.12 38.22 22.34
N ASN J 168 29.92 36.91 22.36
CA ASN J 168 30.44 36.05 23.42
C ASN J 168 31.55 35.18 22.86
N LEU J 169 31.22 34.42 21.81
CA LEU J 169 32.12 33.46 21.18
C LEU J 169 32.78 32.55 22.20
N THR J 170 32.03 31.55 22.64
CA THR J 170 32.60 30.52 23.49
C THR J 170 33.35 29.55 22.60
N MET J 171 34.35 28.87 23.15
CA MET J 171 35.09 27.86 22.40
C MET J 171 34.17 26.72 21.99
N GLN J 172 33.11 26.52 22.74
CA GLN J 172 32.15 25.49 22.42
C GLN J 172 31.39 25.84 21.15
N GLU J 173 31.12 27.13 20.93
CA GLU J 173 30.43 27.52 19.70
C GLU J 173 31.39 27.69 18.51
N LEU J 174 32.68 27.78 18.80
CA LEU J 174 33.68 27.79 17.75
C LEU J 174 33.78 26.39 17.14
N GLY J 175 33.62 25.38 17.97
CA GLY J 175 33.64 24.00 17.50
C GLY J 175 32.40 23.68 16.71
N TYR J 176 31.34 24.43 16.98
CA TYR J 176 30.09 24.24 16.26
C TYR J 176 30.22 24.69 14.81
N SER J 177 31.16 25.59 14.55
CA SER J 177 31.43 26.06 13.20
C SER J 177 32.29 25.08 12.42
N SER J 178 32.73 24.03 13.10
CA SER J 178 33.65 23.07 12.50
C SER J 178 33.35 21.63 12.92
N GLY J 179 32.08 21.33 13.18
CA GLY J 179 31.65 19.97 13.46
C GLY J 179 31.98 19.43 14.84
N ILE J 180 32.95 20.05 15.50
CA ILE J 180 33.36 19.63 16.84
C ILE J 180 32.23 19.83 17.86
N ALA J 181 31.98 18.80 18.67
CA ALA J 181 30.84 18.80 19.59
C ALA J 181 31.26 19.05 21.03
N HIS J 182 32.56 18.90 21.31
CA HIS J 182 33.05 18.97 22.68
C HIS J 182 34.06 20.09 22.87
N SER J 183 33.79 20.96 23.84
CA SER J 183 34.63 22.12 24.12
C SER J 183 36.09 21.73 24.33
N SER J 184 36.29 20.64 25.06
CA SER J 184 37.62 20.12 25.36
C SER J 184 38.48 19.91 24.10
N ALA J 185 37.84 19.51 23.01
CA ALA J 185 38.54 19.31 21.74
C ALA J 185 39.02 20.64 21.18
N VAL J 186 38.18 21.66 21.31
CA VAL J 186 38.53 23.00 20.85
C VAL J 186 39.62 23.61 21.74
N SER J 187 39.64 23.22 23.02
CA SER J 187 40.60 23.77 23.98
C SER J 187 42.05 23.45 23.61
N ARG J 188 42.33 22.19 23.26
CA ARG J 188 43.70 21.75 22.98
C ARG J 188 44.19 22.21 21.60
N ILE J 189 43.28 22.38 20.64
CA ILE J 189 43.67 22.92 19.34
C ILE J 189 44.06 24.38 19.52
N ILE J 190 43.25 25.12 20.28
CA ILE J 190 43.58 26.50 20.62
C ILE J 190 44.88 26.54 21.43
N SER J 191 45.04 25.57 22.34
CA SER J 191 46.27 25.44 23.12
C SER J 191 47.50 25.29 22.24
N LYS J 192 47.40 24.45 21.21
CA LYS J 192 48.49 24.29 20.27
C LYS J 192 48.70 25.60 19.51
N LEU J 193 47.61 26.31 19.26
CA LEU J 193 47.69 27.60 18.60
C LEU J 193 48.24 28.66 19.57
N LYS J 194 48.14 28.41 20.87
CA LYS J 194 48.74 29.30 21.85
C LYS J 194 50.25 29.12 21.83
N GLN J 195 50.68 27.87 21.94
CA GLN J 195 52.09 27.51 22.05
C GLN J 195 52.89 27.95 20.83
N GLU J 196 52.30 27.77 19.65
CA GLU J 196 52.97 28.11 18.40
C GLU J 196 52.93 29.61 18.12
N LYS J 197 52.35 30.37 19.04
CA LYS J 197 52.09 31.80 18.87
C LYS J 197 51.27 31.93 17.57
N VAL J 198 49.95 31.64 17.68
CA VAL J 198 48.97 31.78 16.58
C VAL J 198 47.66 32.46 17.02
N ILE J 199 47.18 32.21 18.25
CA ILE J 199 46.16 33.09 18.87
C ILE J 199 46.50 33.30 20.34
N VAL J 200 45.93 34.34 20.97
CA VAL J 200 46.00 34.44 22.44
C VAL J 200 44.62 34.65 23.02
N TYR J 201 44.27 33.89 24.05
CA TYR J 201 42.96 34.04 24.68
C TYR J 201 43.07 34.94 25.91
N LYS J 202 42.43 36.12 25.84
CA LYS J 202 42.47 37.08 26.94
C LYS J 202 41.18 37.91 27.00
N ASN J 203 40.85 38.41 28.20
CA ASN J 203 39.54 39.02 28.51
C ASN J 203 38.45 38.26 27.76
N SER J 204 38.50 36.95 27.88
CA SER J 204 37.57 36.04 27.25
C SER J 204 37.21 36.33 25.77
N CYS J 205 38.22 36.63 24.95
CA CYS J 205 38.05 36.84 23.48
C CYS J 205 39.33 36.30 22.77
N PHE J 206 39.45 36.44 21.44
CA PHE J 206 40.56 35.76 20.70
C PHE J 206 41.57 36.65 19.88
N TYR J 207 42.65 37.13 20.49
CA TYR J 207 43.50 38.07 19.78
C TYR J 207 44.41 37.36 18.72
N VAL J 208 44.37 37.74 17.43
CA VAL J 208 45.16 36.99 16.42
C VAL J 208 46.62 37.44 16.35
N GLN J 209 47.54 36.48 16.34
CA GLN J 209 48.97 36.82 16.39
C GLN J 209 49.64 36.80 15.03
N ASN J 210 49.21 35.87 14.19
CA ASN J 210 49.98 35.49 13.02
C ASN J 210 49.08 35.15 11.83
N LEU J 211 48.57 36.18 11.15
CA LEU J 211 47.49 35.98 10.18
C LEU J 211 47.89 35.04 9.05
N ASP J 212 49.14 35.13 8.60
CA ASP J 212 49.59 34.30 7.49
C ASP J 212 49.72 32.83 7.89
N TYR J 213 49.76 32.56 9.20
CA TYR J 213 49.68 31.19 9.68
C TYR J 213 48.27 30.67 9.45
N LEU J 214 47.28 31.52 9.73
CA LEU J 214 45.89 31.18 9.46
C LEU J 214 45.69 31.00 7.95
N LYS J 215 46.37 31.84 7.17
CA LYS J 215 46.34 31.75 5.71
C LYS J 215 46.87 30.41 5.23
N ARG J 216 48.06 30.06 5.71
CA ARG J 216 48.74 28.83 5.36
C ARG J 216 47.88 27.59 5.67
N TYR J 217 46.90 27.74 6.57
CA TYR J 217 45.99 26.63 6.89
C TYR J 217 44.60 26.81 6.29
N ALA J 218 44.36 27.96 5.66
CA ALA J 218 43.09 28.23 4.99
C ALA J 218 43.28 29.11 3.77
N PRO J 219 44.01 28.61 2.76
CA PRO J 219 44.38 29.46 1.62
C PRO J 219 43.20 29.83 0.73
N LYS J 220 42.29 28.90 0.49
CA LYS J 220 41.18 29.17 -0.42
C LYS J 220 40.26 30.24 0.16
N LEU J 221 40.12 30.26 1.48
CA LEU J 221 39.29 31.26 2.15
C LEU J 221 39.92 32.64 2.06
N ASP J 222 41.21 32.72 2.32
CA ASP J 222 41.96 33.97 2.15
C ASP J 222 41.84 34.48 0.71
N GLU J 223 42.03 33.59 -0.26
CA GLU J 223 41.88 33.95 -1.68
C GLU J 223 40.46 34.41 -1.98
N TRP J 224 39.49 33.81 -1.29
CA TRP J 224 38.09 34.19 -1.50
C TRP J 224 37.83 35.60 -1.01
N PHE J 225 38.51 35.97 0.07
CA PHE J 225 38.41 37.31 0.60
C PHE J 225 39.16 38.26 -0.32
N TYR J 226 40.14 37.73 -1.06
CA TYR J 226 40.86 38.54 -2.02
C TYR J 226 39.99 38.92 -3.21
N LEU J 227 39.18 38.00 -3.71
CA LEU J 227 38.42 38.26 -4.93
C LEU J 227 37.10 38.97 -4.63
N ALA J 228 36.34 38.39 -3.71
CA ALA J 228 35.14 39.01 -3.17
C ALA J 228 35.47 39.53 -1.78
N CYS J 229 34.70 40.52 -1.31
CA CYS J 229 35.07 41.28 -0.11
C CYS J 229 36.52 41.71 -0.10
N PRO J 230 37.01 42.30 -1.22
CA PRO J 230 38.46 42.41 -1.08
C PRO J 230 38.95 43.66 -0.38
N ALA J 231 38.02 44.50 0.07
CA ALA J 231 38.35 45.72 0.79
C ALA J 231 38.54 45.34 2.23
N THR J 232 37.64 44.46 2.65
CA THR J 232 37.75 43.68 3.87
C THR J 232 39.08 42.94 3.86
N TRP J 233 39.55 42.54 2.68
CA TRP J 233 40.81 41.78 2.58
C TRP J 233 42.01 42.70 2.79
N GLY J 234 41.86 43.98 2.45
CA GLY J 234 42.97 44.90 2.52
C GLY J 234 43.01 45.74 3.77
N LYS J 235 42.10 45.49 4.70
CA LYS J 235 42.18 46.23 5.95
C LYS J 235 43.26 45.58 6.78
N LEU J 236 43.45 44.28 6.60
CA LEU J 236 44.56 43.56 7.21
C LEU J 236 45.66 43.31 6.19
N ASN J 237 45.39 43.66 4.93
CA ASN J 237 46.26 43.31 3.80
C ASN J 237 46.63 41.82 3.80
#